data_4U0X
#
_entry.id   4U0X
#
_cell.length_a   89.272
_cell.length_b   81.198
_cell.length_c   106.327
_cell.angle_alpha   90.00
_cell.angle_beta   113.08
_cell.angle_gamma   90.00
#
_symmetry.space_group_name_H-M   'P 1 21 1'
#
loop_
_entity.id
_entity.type
_entity.pdbx_description
1 polymer 'ADC-7 beta-lactamase'
2 non-polymer '1-{(2R)-2-(dihydroxyboranyl)-2-[(thiophen-2-ylacetyl)amino]ethyl}-1H-1,2,3-triazole-4-carboxylic acid'
3 non-polymer 'PHOSPHATE ION'
4 water water
#
_entity_poly.entity_id   1
_entity_poly.type   'polypeptide(L)'
_entity_poly.pdbx_seq_one_letter_code
;DNTPKDQEIKKLVDQNFKPLLEKYDVPGMAVGVIQNNKKYEMYYGLQSVQDKKAVNSNTIFELGSVSKLFTATAGGYAKN
KGKISFDDTPGKYWKELKNTPIDQVNLLQLATYTSGNLALQFPDEVQTDQQVLTFFKDWKPKNPIGEYRQYSNPSIGLFG
KVVALSMNKPFDQVLEKTIFPALGLKHSYVNVPKTQMQNYAFGYNQENQPIRVNPGPLDAPAYGVKSTLPDMLSFIHANL
NPQKYPTDIQRAINETHQGRYQVNTMYQALGWEEFSYPATLQTLLDSNSEQIVMKPNKVTAISKEPSVKMYHKTGSTSGF
GTYVVFIPKENIGLVMLTNKRIPNEERIKAAYVVLNAIKK
;
_entity_poly.pdbx_strand_id   B,A,C,D
#
# COMPACT_ATOMS: atom_id res chain seq x y z
N ASN A 2 -23.45 -50.14 24.36
N ASN A 2 -25.45 -49.49 23.71
CA ASN A 2 -24.69 -49.34 24.08
CA ASN A 2 -24.03 -49.94 23.84
C ASN A 2 -24.57 -48.24 23.02
C ASN A 2 -23.08 -49.27 22.81
N THR A 3 -23.38 -48.03 22.45
CA THR A 3 -22.69 -47.13 21.48
C THR A 3 -21.82 -46.10 22.16
N PRO A 4 -20.52 -46.14 21.92
CA PRO A 4 -19.67 -45.21 22.66
C PRO A 4 -19.90 -43.74 22.30
N LYS A 5 -19.73 -42.90 23.32
CA LYS A 5 -20.02 -41.48 23.22
C LYS A 5 -19.41 -40.87 21.97
N ASP A 6 -18.15 -41.15 21.67
CA ASP A 6 -17.58 -40.54 20.49
C ASP A 6 -18.30 -40.86 19.16
N GLN A 7 -18.86 -42.07 19.04
CA GLN A 7 -19.57 -42.50 17.85
C GLN A 7 -20.90 -41.88 17.87
N GLU A 8 -21.47 -41.69 19.06
CA GLU A 8 -22.77 -41.04 19.15
C GLU A 8 -22.67 -39.56 18.64
N ILE A 9 -21.62 -38.86 19.03
CA ILE A 9 -21.41 -37.46 18.65
C ILE A 9 -21.09 -37.38 17.14
N LYS A 10 -20.31 -38.32 16.66
CA LYS A 10 -20.00 -38.40 15.24
C LYS A 10 -21.24 -38.59 14.41
N LYS A 11 -22.13 -39.47 14.85
CA LYS A 11 -23.40 -39.67 14.16
C LYS A 11 -24.21 -38.37 14.16
N LEU A 12 -24.29 -37.66 15.29
CA LEU A 12 -25.12 -36.43 15.35
C LEU A 12 -24.53 -35.36 14.41
N VAL A 13 -23.24 -35.27 14.36
CA VAL A 13 -22.58 -34.30 13.48
C VAL A 13 -22.75 -34.68 11.97
N ASP A 14 -22.69 -35.97 11.70
CA ASP A 14 -22.91 -36.50 10.38
C ASP A 14 -24.36 -36.22 9.96
N GLN A 15 -25.31 -36.36 10.88
CA GLN A 15 -26.72 -36.01 10.57
C GLN A 15 -26.97 -34.55 10.28
N ASN A 16 -26.24 -33.66 10.92
CA ASN A 16 -26.60 -32.27 10.94
C ASN A 16 -25.66 -31.32 10.27
N PHE A 17 -24.37 -31.57 10.34
CA PHE A 17 -23.44 -30.69 9.72
C PHE A 17 -23.01 -31.21 8.37
N LYS A 18 -22.73 -32.50 8.27
CA LYS A 18 -22.19 -33.11 7.02
C LYS A 18 -23.02 -32.80 5.74
N PRO A 19 -24.33 -32.83 5.82
CA PRO A 19 -25.14 -32.50 4.62
C PRO A 19 -25.01 -31.03 4.14
N LEU A 20 -24.58 -30.14 4.99
CA LEU A 20 -24.26 -28.74 4.58
C LEU A 20 -23.17 -28.65 3.49
N LEU A 21 -22.23 -29.61 3.47
CA LEU A 21 -21.10 -29.64 2.54
CA LEU A 21 -21.11 -29.63 2.53
C LEU A 21 -21.60 -29.76 1.09
N GLU A 22 -22.38 -30.82 0.83
CA GLU A 22 -23.09 -30.97 -0.47
C GLU A 22 -24.04 -29.83 -0.75
N LYS A 23 -24.85 -29.44 0.21
CA LYS A 23 -25.85 -28.41 -0.03
C LYS A 23 -25.28 -27.06 -0.47
N TYR A 24 -24.23 -26.57 0.22
CA TYR A 24 -23.59 -25.32 -0.10
C TYR A 24 -22.25 -25.42 -0.90
N ASP A 25 -21.82 -26.64 -1.30
CA ASP A 25 -20.64 -26.93 -2.08
C ASP A 25 -19.38 -26.38 -1.33
N VAL A 26 -19.28 -26.77 -0.07
CA VAL A 26 -18.19 -26.30 0.87
C VAL A 26 -17.08 -27.29 0.79
N PRO A 27 -15.84 -26.86 0.50
CA PRO A 27 -14.85 -27.95 0.29
C PRO A 27 -14.39 -28.66 1.55
N GLY A 28 -14.24 -27.92 2.62
CA GLY A 28 -13.79 -28.48 3.89
C GLY A 28 -14.47 -27.95 5.18
N MET A 29 -14.50 -28.78 6.21
CA MET A 29 -15.17 -28.44 7.44
CA MET A 29 -15.19 -28.45 7.44
C MET A 29 -14.52 -29.16 8.62
N ALA A 30 -14.40 -28.45 9.74
CA ALA A 30 -14.02 -29.03 11.03
C ALA A 30 -15.06 -28.69 12.07
N VAL A 31 -15.55 -29.73 12.74
CA VAL A 31 -16.55 -29.61 13.82
C VAL A 31 -16.01 -30.30 15.07
N GLY A 32 -15.95 -29.56 16.19
CA GLY A 32 -15.61 -30.12 17.47
C GLY A 32 -16.65 -29.85 18.48
N VAL A 33 -16.75 -30.79 19.40
CA VAL A 33 -17.55 -30.71 20.61
C VAL A 33 -16.65 -30.94 21.82
N ILE A 34 -16.92 -30.21 22.89
CA ILE A 34 -16.31 -30.50 24.15
C ILE A 34 -17.45 -30.73 25.12
N GLN A 35 -17.33 -31.80 25.87
CA GLN A 35 -18.30 -32.13 26.91
C GLN A 35 -17.57 -32.71 28.17
N ASN A 36 -17.87 -32.12 29.32
CA ASN A 36 -17.17 -32.43 30.54
C ASN A 36 -15.72 -32.67 30.33
N ASN A 37 -14.98 -31.68 29.85
CA ASN A 37 -13.55 -31.88 29.59
C ASN A 37 -13.09 -33.02 28.60
N LYS A 38 -14.02 -33.70 27.95
CA LYS A 38 -13.66 -34.55 26.81
C LYS A 38 -13.92 -33.85 25.48
N LYS A 39 -12.95 -33.96 24.62
CA LYS A 39 -12.94 -33.29 23.32
C LYS A 39 -13.16 -34.30 22.21
N TYR A 40 -14.04 -33.93 21.27
CA TYR A 40 -14.31 -34.70 20.09
C TYR A 40 -14.09 -33.84 18.84
N GLU A 41 -13.29 -34.36 17.92
CA GLU A 41 -12.92 -33.66 16.72
C GLU A 41 -13.33 -34.44 15.43
N MET A 42 -14.04 -33.75 14.52
CA MET A 42 -14.53 -34.34 13.26
C MET A 42 -14.16 -33.46 12.10
N TYR A 43 -13.51 -34.07 11.12
CA TYR A 43 -12.98 -33.37 9.99
C TYR A 43 -13.53 -33.93 8.67
N TYR A 44 -13.72 -33.01 7.72
CA TYR A 44 -14.42 -33.36 6.44
C TYR A 44 -13.81 -32.63 5.32
N GLY A 45 -13.61 -33.34 4.21
CA GLY A 45 -13.18 -32.68 2.99
C GLY A 45 -11.79 -32.12 2.93
N LEU A 46 -11.63 -31.03 2.21
CA LEU A 46 -10.33 -30.53 1.79
C LEU A 46 -10.03 -29.08 2.23
N GLN A 47 -8.84 -28.88 2.79
CA GLN A 47 -8.33 -27.53 3.07
C GLN A 47 -7.82 -26.79 1.86
N SER A 48 -7.31 -27.55 0.89
CA SER A 48 -7.01 -27.04 -0.43
C SER A 48 -7.52 -28.04 -1.47
N VAL A 49 -8.46 -27.57 -2.28
CA VAL A 49 -8.96 -28.38 -3.37
C VAL A 49 -7.85 -28.71 -4.37
N GLN A 50 -7.13 -27.71 -4.82
CA GLN A 50 -6.09 -27.90 -5.87
C GLN A 50 -4.91 -28.81 -5.41
N ASP A 51 -4.60 -28.84 -4.13
CA ASP A 51 -3.47 -29.58 -3.60
C ASP A 51 -3.93 -30.94 -3.06
N LYS A 52 -5.25 -31.17 -3.08
N LYS A 52 -5.25 -31.17 -3.09
CA LYS A 52 -5.83 -32.42 -2.60
CA LYS A 52 -5.88 -32.39 -2.58
C LYS A 52 -5.45 -32.66 -1.13
C LYS A 52 -5.46 -32.65 -1.13
N LYS A 53 -5.39 -31.59 -0.34
CA LYS A 53 -4.98 -31.69 1.06
C LYS A 53 -6.19 -31.75 1.98
N ALA A 54 -6.25 -32.81 2.80
CA ALA A 54 -7.44 -33.09 3.63
C ALA A 54 -7.46 -32.12 4.80
N VAL A 55 -8.67 -31.77 5.25
CA VAL A 55 -8.79 -31.07 6.51
C VAL A 55 -8.45 -32.01 7.69
N ASN A 56 -7.69 -31.47 8.63
CA ASN A 56 -7.15 -32.25 9.75
C ASN A 56 -6.86 -31.36 10.97
N SER A 57 -6.34 -31.96 12.03
CA SER A 57 -6.19 -31.25 13.29
C SER A 57 -5.20 -30.13 13.20
N ASN A 58 -4.30 -30.15 12.20
CA ASN A 58 -3.39 -29.03 11.90
C ASN A 58 -3.92 -27.91 11.00
N THR A 59 -5.08 -28.10 10.37
CA THR A 59 -5.59 -27.05 9.48
C THR A 59 -5.91 -25.76 10.16
N ILE A 60 -5.33 -24.67 9.65
CA ILE A 60 -5.54 -23.29 10.10
C ILE A 60 -6.65 -22.64 9.24
N PHE A 61 -7.68 -22.12 9.93
CA PHE A 61 -8.86 -21.49 9.34
C PHE A 61 -8.90 -20.01 9.78
N GLU A 62 -9.38 -19.12 8.92
CA GLU A 62 -9.65 -17.74 9.27
C GLU A 62 -10.94 -17.70 10.09
N LEU A 63 -10.92 -17.03 11.25
CA LEU A 63 -12.06 -16.98 12.14
C LEU A 63 -13.02 -15.85 11.89
N GLY A 64 -12.65 -14.87 11.04
CA GLY A 64 -13.40 -13.67 10.89
C GLY A 64 -13.77 -13.02 12.22
N SER A 65 -15.02 -12.61 12.37
CA SER A 65 -15.49 -11.90 13.55
C SER A 65 -15.41 -12.67 14.85
N VAL A 66 -15.23 -14.00 14.82
CA VAL A 66 -14.89 -14.73 16.06
C VAL A 66 -13.60 -14.17 16.68
N SER A 67 -12.78 -13.52 15.87
CA SER A 67 -11.55 -12.82 16.34
C SER A 67 -11.85 -11.78 17.45
N LYS A 68 -13.03 -11.14 17.37
CA LYS A 68 -13.53 -10.21 18.39
C LYS A 68 -13.52 -10.74 19.78
N LEU A 69 -13.66 -12.06 19.92
CA LEU A 69 -13.64 -12.75 21.22
C LEU A 69 -12.24 -12.71 21.85
N PHE A 70 -11.20 -12.82 21.03
CA PHE A 70 -9.82 -12.65 21.48
C PHE A 70 -9.56 -11.20 21.84
N THR A 71 -10.07 -10.25 21.04
CA THR A 71 -9.98 -8.83 21.40
C THR A 71 -10.63 -8.50 22.73
N ALA A 72 -11.85 -9.01 22.96
CA ALA A 72 -12.56 -8.81 24.20
C ALA A 72 -11.74 -9.41 25.38
N THR A 73 -11.20 -10.60 25.15
CA THR A 73 -10.35 -11.26 26.19
C THR A 73 -9.12 -10.46 26.56
N ALA A 74 -8.48 -9.86 25.57
CA ALA A 74 -7.33 -9.01 25.83
C ALA A 74 -7.71 -7.75 26.60
N GLY A 75 -8.90 -7.21 26.32
CA GLY A 75 -9.45 -6.08 27.06
C GLY A 75 -9.79 -6.42 28.49
N GLY A 76 -10.46 -7.54 28.70
CA GLY A 76 -10.58 -8.09 30.04
C GLY A 76 -9.30 -8.33 30.82
N TYR A 77 -8.25 -8.71 30.11
CA TYR A 77 -6.97 -9.01 30.74
C TYR A 77 -6.34 -7.65 31.20
N ALA A 78 -6.32 -6.69 30.30
CA ALA A 78 -5.79 -5.37 30.59
C ALA A 78 -6.51 -4.71 31.76
N LYS A 79 -7.81 -4.78 31.73
CA LYS A 79 -8.64 -4.10 32.70
C LYS A 79 -8.43 -4.66 34.08
N ASN A 80 -8.45 -5.98 34.17
CA ASN A 80 -8.20 -6.64 35.45
C ASN A 80 -6.75 -6.57 35.92
N LYS A 81 -5.82 -6.29 35.04
CA LYS A 81 -4.45 -5.90 35.46
C LYS A 81 -4.24 -4.39 35.81
N GLY A 82 -5.33 -3.62 35.77
CA GLY A 82 -5.30 -2.20 36.10
C GLY A 82 -4.73 -1.33 35.00
N LYS A 83 -4.59 -1.85 33.78
CA LYS A 83 -3.95 -1.08 32.71
C LYS A 83 -4.91 -0.13 32.03
N ILE A 84 -6.20 -0.46 32.10
CA ILE A 84 -7.28 0.41 31.59
C ILE A 84 -8.42 0.29 32.53
N SER A 85 -9.31 1.24 32.43
CA SER A 85 -10.63 1.16 32.96
C SER A 85 -11.59 1.25 31.76
N PHE A 86 -12.69 0.51 31.78
CA PHE A 86 -13.71 0.60 30.70
C PHE A 86 -14.42 1.97 30.65
N ASP A 87 -14.28 2.77 31.71
CA ASP A 87 -14.76 4.16 31.73
C ASP A 87 -13.82 5.18 31.13
N ASP A 88 -12.58 4.78 30.81
CA ASP A 88 -11.61 5.64 30.12
C ASP A 88 -12.07 5.93 28.71
N THR A 89 -11.54 6.97 28.12
CA THR A 89 -11.77 7.29 26.71
C THR A 89 -10.47 7.11 25.93
N PRO A 90 -10.55 6.99 24.59
CA PRO A 90 -9.39 6.58 23.82
C PRO A 90 -8.21 7.52 23.86
N GLY A 91 -8.49 8.79 24.14
CA GLY A 91 -7.49 9.83 24.12
C GLY A 91 -6.48 9.71 25.25
N LYS A 92 -6.82 8.94 26.26
CA LYS A 92 -5.92 8.68 27.35
C LYS A 92 -4.72 7.85 26.90
N TYR A 93 -4.85 7.07 25.86
CA TYR A 93 -3.81 6.14 25.45
C TYR A 93 -3.31 6.48 24.08
N TRP A 94 -4.20 6.86 23.16
CA TRP A 94 -3.78 7.33 21.83
C TRP A 94 -3.81 8.85 21.92
N LYS A 95 -2.68 9.44 22.29
N LYS A 95 -2.65 9.42 22.26
CA LYS A 95 -2.69 10.87 22.69
CA LYS A 95 -2.54 10.85 22.62
C LYS A 95 -3.17 11.81 21.58
C LYS A 95 -3.14 11.78 21.59
N GLU A 96 -2.99 11.41 20.34
CA GLU A 96 -3.47 12.22 19.21
C GLU A 96 -5.00 12.36 19.16
N LEU A 97 -5.76 11.53 19.92
CA LEU A 97 -7.21 11.71 19.98
C LEU A 97 -7.73 12.51 21.17
N LYS A 98 -6.86 12.86 22.10
CA LYS A 98 -7.20 13.66 23.26
C LYS A 98 -7.94 14.91 22.81
N ASN A 99 -9.08 15.18 23.44
CA ASN A 99 -9.93 16.35 23.20
C ASN A 99 -10.48 16.46 21.78
N THR A 100 -10.60 15.33 21.06
CA THR A 100 -11.31 15.28 19.81
C THR A 100 -12.70 14.67 20.13
N PRO A 101 -13.65 14.85 19.23
CA PRO A 101 -15.01 14.30 19.50
C PRO A 101 -15.08 12.81 19.91
N ILE A 102 -14.30 11.96 19.26
CA ILE A 102 -14.27 10.51 19.63
C ILE A 102 -13.83 10.27 21.09
N ASP A 103 -13.09 11.23 21.65
CA ASP A 103 -12.64 11.10 23.04
C ASP A 103 -13.79 11.28 23.99
N GLN A 104 -15.00 11.59 23.47
CA GLN A 104 -16.19 11.58 24.33
C GLN A 104 -16.84 10.17 24.47
N VAL A 105 -16.31 9.20 23.77
CA VAL A 105 -16.82 7.83 23.82
C VAL A 105 -15.91 6.95 24.75
N ASN A 106 -16.46 6.12 25.64
CA ASN A 106 -15.64 5.31 26.54
C ASN A 106 -15.27 3.95 25.95
N LEU A 107 -14.29 3.28 26.58
CA LEU A 107 -13.81 2.04 25.98
C LEU A 107 -14.91 1.01 25.85
N LEU A 108 -15.78 0.92 26.84
CA LEU A 108 -16.82 -0.10 26.82
C LEU A 108 -17.83 0.13 25.71
N GLN A 109 -18.04 1.41 25.39
CA GLN A 109 -19.01 1.80 24.34
C GLN A 109 -18.39 1.51 23.04
N LEU A 110 -17.07 1.67 22.95
CA LEU A 110 -16.41 1.29 21.69
C LEU A 110 -16.43 -0.26 21.52
N ALA A 111 -16.08 -1.04 22.56
CA ALA A 111 -16.09 -2.55 22.45
C ALA A 111 -17.46 -3.13 22.17
N THR A 112 -18.52 -2.42 22.55
CA THR A 112 -19.90 -2.91 22.42
C THR A 112 -20.77 -2.09 21.44
N TYR A 113 -20.10 -1.38 20.56
CA TYR A 113 -20.67 -0.81 19.36
C TYR A 113 -21.68 0.30 19.61
N THR A 114 -21.52 1.07 20.69
CA THR A 114 -22.48 2.14 20.91
C THR A 114 -22.01 3.60 20.77
N SER A 115 -20.92 3.89 20.01
CA SER A 115 -20.47 5.27 19.74
C SER A 115 -21.59 6.14 19.17
N GLY A 116 -22.50 5.51 18.44
CA GLY A 116 -23.61 6.22 17.81
C GLY A 116 -23.30 6.78 16.43
N ASN A 117 -22.09 6.53 15.92
CA ASN A 117 -21.76 6.89 14.55
C ASN A 117 -20.58 6.13 13.97
N LEU A 118 -20.58 4.81 14.05
CA LEU A 118 -19.56 4.01 13.41
C LEU A 118 -20.22 2.81 12.79
N ALA A 119 -19.90 2.62 11.52
CA ALA A 119 -20.60 1.77 10.61
C ALA A 119 -19.86 0.41 10.61
N LEU A 120 -20.35 -0.57 9.88
CA LEU A 120 -19.73 -1.88 9.84
C LEU A 120 -18.25 -1.87 9.42
N GLN A 121 -17.91 -1.16 8.35
CA GLN A 121 -16.52 -1.14 7.81
C GLN A 121 -15.97 0.30 7.81
N PHE A 122 -14.66 0.44 7.88
CA PHE A 122 -14.08 1.70 7.45
C PHE A 122 -14.40 2.00 5.98
N PRO A 123 -14.28 3.28 5.56
CA PRO A 123 -14.30 3.53 4.13
C PRO A 123 -13.14 2.79 3.46
N ASP A 124 -13.35 2.34 2.23
CA ASP A 124 -12.36 1.48 1.54
C ASP A 124 -11.01 2.13 1.44
N GLU A 125 -10.96 3.46 1.33
CA GLU A 125 -9.71 4.22 1.20
C GLU A 125 -8.84 4.26 2.46
N VAL A 126 -9.42 3.99 3.63
CA VAL A 126 -8.62 3.97 4.85
C VAL A 126 -7.79 2.67 4.88
N GLN A 127 -6.46 2.76 4.84
CA GLN A 127 -5.61 1.59 4.90
C GLN A 127 -4.45 1.75 5.89
N THR A 128 -3.70 2.84 5.81
CA THR A 128 -2.47 2.97 6.59
C THR A 128 -2.77 3.44 8.00
N ASP A 129 -1.74 3.35 8.84
CA ASP A 129 -1.92 3.70 10.23
C ASP A 129 -2.27 5.22 10.33
N GLN A 130 -1.68 6.04 9.47
CA GLN A 130 -2.01 7.51 9.39
C GLN A 130 -3.47 7.80 8.96
N GLN A 131 -3.93 7.14 7.93
CA GLN A 131 -5.35 7.25 7.53
C GLN A 131 -6.38 6.84 8.61
N VAL A 132 -6.04 5.84 9.39
CA VAL A 132 -6.87 5.39 10.50
C VAL A 132 -6.85 6.49 11.54
N LEU A 133 -5.69 7.06 11.81
CA LEU A 133 -5.65 8.12 12.80
C LEU A 133 -6.55 9.31 12.37
N THR A 134 -6.44 9.70 11.10
CA THR A 134 -7.16 10.84 10.59
C THR A 134 -8.66 10.62 10.60
N PHE A 135 -9.07 9.44 10.21
CA PHE A 135 -10.47 9.03 10.31
C PHE A 135 -11.01 9.32 11.73
N PHE A 136 -10.29 8.85 12.76
CA PHE A 136 -10.75 9.04 14.15
C PHE A 136 -10.69 10.50 14.66
N LYS A 137 -9.69 11.26 14.20
CA LYS A 137 -9.58 12.69 14.56
C LYS A 137 -10.70 13.53 13.96
N ASP A 138 -11.15 13.07 12.79
CA ASP A 138 -12.17 13.77 11.97
C ASP A 138 -13.57 13.34 12.35
N TRP A 139 -13.68 12.25 13.08
CA TRP A 139 -14.96 11.70 13.49
C TRP A 139 -15.78 12.69 14.26
N LYS A 140 -17.08 12.71 13.99
CA LYS A 140 -18.05 13.47 14.76
C LYS A 140 -19.28 12.62 15.17
N PRO A 141 -19.94 12.96 16.29
CA PRO A 141 -21.10 12.21 16.83
C PRO A 141 -22.32 12.30 15.94
N LYS A 142 -23.21 11.33 16.08
CA LYS A 142 -24.50 11.40 15.41
C LYS A 142 -25.61 11.06 16.40
N ASN A 143 -25.84 9.80 16.71
CA ASN A 143 -26.83 9.46 17.69
C ASN A 143 -26.25 9.69 19.11
N PRO A 144 -27.11 9.80 20.12
CA PRO A 144 -26.60 9.99 21.46
C PRO A 144 -25.66 8.81 21.91
N ILE A 145 -24.51 9.13 22.45
CA ILE A 145 -23.52 8.16 22.77
C ILE A 145 -24.02 7.18 23.82
N GLY A 146 -23.81 5.88 23.55
CA GLY A 146 -24.22 4.84 24.47
C GLY A 146 -25.61 4.25 24.31
N GLU A 147 -26.45 4.86 23.47
CA GLU A 147 -27.84 4.43 23.37
C GLU A 147 -28.20 3.52 22.18
N TYR A 148 -27.42 3.59 21.09
CA TYR A 148 -27.62 2.74 19.91
C TYR A 148 -26.47 1.84 19.47
N ARG A 149 -26.78 0.55 19.34
CA ARG A 149 -25.84 -0.43 18.91
C ARG A 149 -25.79 -0.50 17.42
N GLN A 150 -24.62 -0.32 16.85
CA GLN A 150 -24.47 -0.58 15.44
C GLN A 150 -23.23 -1.42 15.29
N TYR A 151 -23.37 -2.67 14.90
CA TYR A 151 -22.24 -3.62 14.86
C TYR A 151 -21.17 -3.07 13.94
N SER A 152 -19.91 -3.04 14.43
CA SER A 152 -18.85 -2.23 13.80
C SER A 152 -17.40 -2.71 14.00
N ASN A 153 -16.69 -2.94 12.90
CA ASN A 153 -15.24 -3.25 12.93
C ASN A 153 -14.43 -2.08 13.43
N PRO A 154 -14.72 -0.85 12.97
CA PRO A 154 -13.93 0.25 13.46
C PRO A 154 -14.06 0.49 14.98
N SER A 155 -15.26 0.25 15.55
CA SER A 155 -15.54 0.52 16.92
C SER A 155 -14.73 -0.43 17.79
N ILE A 156 -14.79 -1.71 17.49
CA ILE A 156 -14.06 -2.67 18.30
C ILE A 156 -12.59 -2.74 17.92
N GLY A 157 -12.22 -2.36 16.69
CA GLY A 157 -10.85 -2.17 16.26
C GLY A 157 -10.16 -1.12 17.08
N LEU A 158 -10.83 -0.01 17.33
CA LEU A 158 -10.25 1.06 18.12
C LEU A 158 -10.02 0.63 19.56
N PHE A 159 -11.00 -0.05 20.14
CA PHE A 159 -10.84 -0.69 21.42
C PHE A 159 -9.57 -1.55 21.49
N GLY A 160 -9.36 -2.31 20.43
CA GLY A 160 -8.26 -3.27 20.38
C GLY A 160 -6.95 -2.52 20.37
N LYS A 161 -6.87 -1.49 19.50
CA LYS A 161 -5.74 -0.61 19.46
C LYS A 161 -5.42 0.01 20.78
N VAL A 162 -6.44 0.52 21.48
CA VAL A 162 -6.24 1.12 22.78
C VAL A 162 -5.75 0.13 23.82
N VAL A 163 -6.33 -1.06 23.79
CA VAL A 163 -5.90 -2.11 24.70
C VAL A 163 -4.39 -2.39 24.51
N ALA A 164 -3.95 -2.41 23.26
CA ALA A 164 -2.56 -2.70 22.92
C ALA A 164 -1.63 -1.60 23.43
N LEU A 165 -2.05 -0.36 23.22
CA LEU A 165 -1.29 0.80 23.68
C LEU A 165 -1.11 0.75 25.22
N SER A 166 -2.15 0.33 25.93
CA SER A 166 -2.10 0.21 27.37
C SER A 166 -1.12 -0.84 27.86
N MET A 167 -0.85 -1.84 27.03
CA MET A 167 0.03 -2.95 27.37
C MET A 167 1.40 -2.75 26.73
N ASN A 168 1.62 -1.61 26.08
CA ASN A 168 2.89 -1.24 25.41
C ASN A 168 3.43 -2.21 24.42
N LYS A 169 2.56 -2.78 23.61
CA LYS A 169 2.93 -3.74 22.58
C LYS A 169 1.98 -3.59 21.43
N PRO A 170 2.42 -3.88 20.21
CA PRO A 170 1.36 -3.84 19.19
C PRO A 170 0.35 -5.01 19.41
N PHE A 171 -0.86 -4.83 18.90
CA PHE A 171 -1.93 -5.75 19.07
C PHE A 171 -1.60 -7.19 18.64
N ASP A 172 -0.90 -7.41 17.53
CA ASP A 172 -0.51 -8.77 17.13
C ASP A 172 0.38 -9.45 18.21
N GLN A 173 1.18 -8.67 18.89
CA GLN A 173 2.10 -9.18 19.95
C GLN A 173 1.33 -9.41 21.24
N VAL A 174 0.38 -8.53 21.56
CA VAL A 174 -0.55 -8.77 22.67
C VAL A 174 -1.16 -10.20 22.56
N LEU A 175 -1.80 -10.55 21.41
CA LEU A 175 -2.36 -11.89 21.22
C LEU A 175 -1.27 -12.92 21.18
N GLU A 176 -0.27 -12.75 20.32
CA GLU A 176 0.71 -13.87 20.08
C GLU A 176 1.69 -14.13 21.25
N LYS A 177 2.12 -13.06 21.93
CA LYS A 177 3.00 -13.20 23.11
C LYS A 177 2.32 -13.36 24.45
N THR A 178 1.15 -12.74 24.67
CA THR A 178 0.50 -12.74 26.00
C THR A 178 -0.79 -13.59 26.09
N ILE A 179 -1.80 -13.28 25.26
CA ILE A 179 -3.15 -13.90 25.42
C ILE A 179 -3.24 -15.36 24.93
N PHE A 180 -2.71 -15.69 23.75
CA PHE A 180 -2.74 -17.03 23.29
C PHE A 180 -1.98 -17.97 24.23
N PRO A 181 -0.78 -17.57 24.63
CA PRO A 181 -0.05 -18.44 25.57
C PRO A 181 -0.74 -18.56 26.89
N ALA A 182 -1.46 -17.55 27.35
CA ALA A 182 -2.20 -17.71 28.63
C ALA A 182 -3.36 -18.68 28.56
N LEU A 183 -3.94 -18.88 27.36
CA LEU A 183 -5.05 -19.76 27.19
C LEU A 183 -4.50 -21.12 26.81
N GLY A 184 -3.19 -21.25 26.76
CA GLY A 184 -2.58 -22.46 26.19
C GLY A 184 -2.78 -22.75 24.70
N LEU A 185 -2.89 -21.74 23.83
CA LEU A 185 -3.11 -22.04 22.43
C LEU A 185 -1.79 -22.05 21.73
N LYS A 186 -1.61 -23.03 20.86
CA LYS A 186 -0.31 -23.30 20.23
C LYS A 186 -0.32 -23.01 18.77
N HIS A 187 -1.49 -22.98 18.16
CA HIS A 187 -1.56 -22.77 16.74
C HIS A 187 -2.58 -21.74 16.31
N SER A 188 -2.57 -20.58 16.96
CA SER A 188 -3.41 -19.47 16.66
C SER A 188 -2.54 -18.28 16.40
N TYR A 189 -2.91 -17.47 15.41
CA TYR A 189 -2.04 -16.49 14.82
C TYR A 189 -2.83 -15.30 14.40
N VAL A 190 -2.21 -14.13 14.52
CA VAL A 190 -2.59 -12.94 13.77
C VAL A 190 -1.90 -12.99 12.40
N ASN A 191 -0.61 -13.30 12.41
CA ASN A 191 0.16 -13.48 11.17
C ASN A 191 0.64 -14.92 11.11
N VAL A 192 0.22 -15.66 10.08
CA VAL A 192 0.61 -17.02 10.02
C VAL A 192 2.04 -16.96 9.47
N PRO A 193 2.98 -17.58 10.18
CA PRO A 193 4.38 -17.60 9.78
C PRO A 193 4.65 -18.56 8.59
N LYS A 194 5.75 -18.28 7.90
CA LYS A 194 6.08 -18.94 6.63
C LYS A 194 6.14 -20.42 6.86
N THR A 195 6.63 -20.84 8.02
CA THR A 195 6.71 -22.24 8.36
C THR A 195 5.37 -22.98 8.67
N GLN A 196 4.25 -22.27 8.64
CA GLN A 196 2.94 -22.92 8.85
C GLN A 196 2.03 -22.73 7.64
N MET A 197 2.54 -22.09 6.60
CA MET A 197 1.67 -21.77 5.48
C MET A 197 1.14 -23.02 4.84
N GLN A 198 1.85 -24.13 4.92
CA GLN A 198 1.36 -25.39 4.38
C GLN A 198 0.11 -25.91 5.09
N ASN A 199 -0.17 -25.38 6.29
CA ASN A 199 -1.37 -25.74 7.05
C ASN A 199 -2.55 -24.73 6.93
N TYR A 200 -2.32 -23.60 6.29
CA TYR A 200 -3.30 -22.54 6.12
C TYR A 200 -4.23 -22.93 4.93
N ALA A 201 -5.46 -23.32 5.26
CA ALA A 201 -6.47 -23.61 4.23
C ALA A 201 -6.58 -22.42 3.23
N PHE A 202 -7.00 -22.69 1.99
CA PHE A 202 -7.59 -21.67 1.18
C PHE A 202 -9.02 -21.53 1.71
N GLY A 203 -9.51 -20.30 1.65
CA GLY A 203 -10.97 -20.05 1.69
C GLY A 203 -11.49 -20.12 0.25
N TYR A 204 -12.81 -20.17 0.11
CA TYR A 204 -13.43 -20.32 -1.19
C TYR A 204 -14.60 -19.38 -1.24
N ASN A 205 -14.69 -18.68 -2.34
CA ASN A 205 -15.71 -17.67 -2.47
C ASN A 205 -16.97 -18.29 -3.04
N GLN A 206 -17.95 -17.48 -3.37
CA GLN A 206 -19.21 -18.07 -3.85
C GLN A 206 -19.14 -18.73 -5.22
N GLU A 207 -18.08 -18.52 -5.99
CA GLU A 207 -17.84 -19.33 -7.21
C GLU A 207 -16.81 -20.45 -6.98
N ASN A 208 -16.57 -20.78 -5.71
CA ASN A 208 -15.56 -21.83 -5.30
C ASN A 208 -14.12 -21.58 -5.87
N GLN A 209 -13.82 -20.30 -5.98
CA GLN A 209 -12.49 -19.82 -6.33
CA GLN A 209 -12.50 -19.83 -6.34
C GLN A 209 -11.69 -19.65 -5.03
N PRO A 210 -10.42 -20.10 -5.01
CA PRO A 210 -9.64 -20.02 -3.79
C PRO A 210 -9.16 -18.60 -3.47
N ILE A 211 -9.35 -18.15 -2.22
CA ILE A 211 -9.06 -16.77 -1.79
C ILE A 211 -8.60 -16.80 -0.31
N ARG A 212 -7.89 -15.78 0.16
CA ARG A 212 -7.55 -15.57 1.59
C ARG A 212 -7.85 -14.11 1.98
N VAL A 213 -7.93 -13.81 3.26
CA VAL A 213 -8.39 -12.48 3.72
C VAL A 213 -7.42 -11.37 3.23
N ASN A 214 -7.95 -10.20 2.86
CA ASN A 214 -7.14 -9.08 2.52
C ASN A 214 -6.63 -8.27 3.71
N PRO A 215 -5.41 -7.75 3.59
CA PRO A 215 -5.03 -6.82 4.66
C PRO A 215 -6.03 -5.64 4.78
N GLY A 216 -6.25 -5.19 6.02
CA GLY A 216 -7.16 -4.05 6.22
C GLY A 216 -6.88 -3.29 7.51
N PRO A 217 -7.47 -2.08 7.62
CA PRO A 217 -7.29 -1.20 8.77
C PRO A 217 -7.89 -1.83 10.01
N LEU A 218 -7.03 -1.97 11.02
CA LEU A 218 -7.38 -2.57 12.29
C LEU A 218 -8.06 -3.88 12.04
N ASP A 219 -7.52 -4.62 11.07
CA ASP A 219 -8.00 -5.93 10.77
C ASP A 219 -7.82 -6.90 11.92
N ALA A 220 -6.66 -6.91 12.57
CA ALA A 220 -6.40 -7.99 13.54
C ALA A 220 -7.45 -8.06 14.68
N PRO A 221 -7.77 -6.93 15.34
CA PRO A 221 -8.74 -6.98 16.43
C PRO A 221 -10.19 -7.23 16.02
N ALA A 222 -10.53 -6.98 14.76
CA ALA A 222 -11.93 -7.12 14.27
C ALA A 222 -12.22 -8.40 13.56
N TYR A 223 -11.27 -8.90 12.76
CA TYR A 223 -11.53 -10.13 12.06
C TYR A 223 -10.30 -10.90 11.61
N GLY A 224 -9.14 -10.63 12.23
CA GLY A 224 -7.89 -11.13 11.66
C GLY A 224 -7.18 -12.31 12.31
N VAL A 225 -7.86 -13.05 13.19
CA VAL A 225 -7.24 -14.24 13.82
C VAL A 225 -7.48 -15.51 13.01
N LYS A 226 -6.47 -16.39 12.98
CA LYS A 226 -6.54 -17.74 12.38
C LYS A 226 -6.20 -18.78 13.43
N SER A 227 -6.89 -19.92 13.40
CA SER A 227 -6.68 -20.95 14.39
C SER A 227 -7.07 -22.34 13.84
N THR A 228 -6.95 -23.32 14.69
CA THR A 228 -7.22 -24.72 14.36
C THR A 228 -8.34 -25.22 15.20
N LEU A 229 -8.89 -26.37 14.86
CA LEU A 229 -9.95 -26.91 15.67
C LEU A 229 -9.50 -27.21 17.15
N PRO A 230 -8.40 -27.92 17.36
CA PRO A 230 -7.94 -28.20 18.73
C PRO A 230 -7.79 -26.91 19.55
N ASP A 231 -7.20 -25.89 18.97
CA ASP A 231 -7.10 -24.60 19.65
C ASP A 231 -8.44 -23.99 19.99
N MET A 232 -9.36 -24.02 19.05
CA MET A 232 -10.64 -23.43 19.33
C MET A 232 -11.39 -24.21 20.41
N LEU A 233 -11.20 -25.52 20.48
CA LEU A 233 -11.79 -26.33 21.57
C LEU A 233 -11.20 -25.98 22.94
N SER A 234 -9.90 -25.68 22.95
CA SER A 234 -9.20 -25.26 24.17
C SER A 234 -9.73 -23.91 24.61
N PHE A 235 -9.99 -22.99 23.66
CA PHE A 235 -10.59 -21.70 24.00
C PHE A 235 -11.97 -21.86 24.59
N ILE A 236 -12.79 -22.72 24.01
CA ILE A 236 -14.13 -23.02 24.60
C ILE A 236 -13.96 -23.66 25.98
N HIS A 237 -12.92 -24.51 26.13
CA HIS A 237 -12.67 -25.12 27.43
C HIS A 237 -12.37 -24.03 28.50
N ALA A 238 -11.59 -23.05 28.15
CA ALA A 238 -11.27 -21.95 29.02
C ALA A 238 -12.50 -21.12 29.40
N ASN A 239 -13.44 -20.93 28.47
CA ASN A 239 -14.66 -20.21 28.76
C ASN A 239 -15.64 -20.98 29.64
N LEU A 240 -15.72 -22.29 29.43
CA LEU A 240 -16.45 -23.23 30.29
C LEU A 240 -15.85 -23.40 31.66
N ASN A 241 -14.54 -23.32 31.78
CA ASN A 241 -13.81 -23.58 33.06
C ASN A 241 -12.77 -22.52 33.48
N PRO A 242 -13.16 -21.24 33.51
CA PRO A 242 -12.18 -20.19 33.77
C PRO A 242 -11.46 -20.35 35.12
N GLN A 243 -12.15 -20.90 36.13
CA GLN A 243 -11.49 -21.23 37.44
C GLN A 243 -10.22 -22.14 37.34
N LYS A 244 -10.10 -22.94 36.28
CA LYS A 244 -8.91 -23.78 36.09
C LYS A 244 -7.67 -23.00 35.60
N TYR A 245 -7.82 -21.71 35.35
CA TYR A 245 -6.72 -20.92 34.74
C TYR A 245 -6.16 -19.94 35.78
N PRO A 246 -4.92 -19.45 35.58
CA PRO A 246 -4.41 -18.49 36.54
C PRO A 246 -5.27 -17.24 36.57
N THR A 247 -5.16 -16.54 37.71
CA THR A 247 -5.95 -15.35 38.06
C THR A 247 -6.13 -14.35 36.93
N ASP A 248 -5.06 -13.94 36.26
CA ASP A 248 -5.13 -12.78 35.33
C ASP A 248 -6.08 -13.15 34.11
N ILE A 249 -5.88 -14.34 33.57
CA ILE A 249 -6.63 -14.73 32.36
C ILE A 249 -7.99 -15.23 32.75
N GLN A 250 -8.12 -15.80 33.97
CA GLN A 250 -9.41 -16.20 34.49
C GLN A 250 -10.41 -15.02 34.61
N ARG A 251 -9.91 -13.94 35.19
CA ARG A 251 -10.68 -12.76 35.36
C ARG A 251 -11.00 -12.17 34.00
N ALA A 252 -10.05 -12.21 33.07
CA ALA A 252 -10.28 -11.75 31.69
C ALA A 252 -11.46 -12.52 31.03
N ILE A 253 -11.45 -13.82 31.14
CA ILE A 253 -12.51 -14.64 30.55
C ILE A 253 -13.83 -14.25 31.16
N ASN A 254 -13.86 -14.17 32.49
CA ASN A 254 -15.12 -13.89 33.20
C ASN A 254 -15.67 -12.51 32.84
N GLU A 255 -14.75 -11.57 32.65
CA GLU A 255 -15.10 -10.23 32.16
C GLU A 255 -15.80 -10.32 30.80
N THR A 256 -15.31 -11.14 29.88
CA THR A 256 -16.07 -11.32 28.59
C THR A 256 -17.47 -11.88 28.72
N HIS A 257 -17.85 -12.41 29.87
CA HIS A 257 -19.15 -13.05 29.97
C HIS A 257 -20.17 -12.08 30.51
N GLN A 258 -19.73 -10.95 31.00
CA GLN A 258 -20.69 -10.05 31.66
C GLN A 258 -21.57 -9.30 30.65
N GLY A 259 -22.85 -9.54 30.66
CA GLY A 259 -23.83 -8.74 29.86
C GLY A 259 -23.80 -7.27 30.20
N ARG A 260 -23.90 -6.42 29.19
CA ARG A 260 -23.79 -4.96 29.40
C ARG A 260 -25.11 -4.22 29.11
N TYR A 261 -25.92 -4.77 28.20
CA TYR A 261 -27.20 -4.22 27.80
C TYR A 261 -27.93 -5.30 27.03
N GLN A 262 -29.19 -5.07 26.69
CA GLN A 262 -29.91 -5.92 25.79
C GLN A 262 -30.51 -5.25 24.60
N VAL A 263 -30.66 -6.07 23.56
CA VAL A 263 -31.48 -5.81 22.41
C VAL A 263 -32.43 -7.00 22.34
N ASN A 264 -33.62 -6.77 22.88
CA ASN A 264 -34.64 -7.77 23.11
C ASN A 264 -34.05 -8.94 23.88
N THR A 265 -34.04 -10.12 23.29
CA THR A 265 -33.55 -11.33 23.98
C THR A 265 -32.00 -11.50 23.95
N MET A 266 -31.27 -10.67 23.18
CA MET A 266 -29.78 -10.82 23.12
C MET A 266 -29.17 -9.85 24.08
N TYR A 267 -28.31 -10.37 24.95
CA TYR A 267 -27.50 -9.61 25.87
C TYR A 267 -26.16 -9.49 25.19
N GLN A 268 -25.68 -8.26 25.04
CA GLN A 268 -24.40 -7.96 24.52
C GLN A 268 -23.37 -8.00 25.64
N ALA A 269 -22.53 -9.02 25.62
CA ALA A 269 -21.38 -9.05 26.52
C ALA A 269 -20.19 -8.55 25.75
N LEU A 270 -19.01 -8.80 26.26
CA LEU A 270 -17.82 -8.31 25.58
C LEU A 270 -17.42 -9.29 24.57
N GLY A 271 -17.54 -8.97 23.28
CA GLY A 271 -17.39 -9.96 22.23
C GLY A 271 -18.55 -10.94 22.08
N TRP A 272 -18.75 -11.75 23.11
CA TRP A 272 -19.79 -12.76 23.13
C TRP A 272 -21.18 -12.15 23.13
N GLU A 273 -22.11 -12.78 22.43
CA GLU A 273 -23.53 -12.57 22.66
C GLU A 273 -24.03 -13.61 23.63
N GLU A 274 -24.95 -13.21 24.47
CA GLU A 274 -25.41 -14.00 25.65
C GLU A 274 -26.91 -14.07 25.64
N PHE A 275 -27.43 -15.19 26.09
CA PHE A 275 -28.85 -15.42 26.13
C PHE A 275 -29.20 -16.14 27.39
N SER A 276 -30.46 -15.95 27.79
CA SER A 276 -31.00 -16.75 28.83
C SER A 276 -31.07 -18.22 28.44
N TYR A 277 -30.62 -19.12 29.34
CA TYR A 277 -30.55 -20.56 29.03
C TYR A 277 -31.57 -21.27 29.91
N PRO A 278 -32.34 -22.21 29.35
CA PRO A 278 -32.39 -22.61 27.94
C PRO A 278 -32.86 -21.50 27.00
N ALA A 279 -32.28 -21.48 25.81
CA ALA A 279 -32.68 -20.54 24.74
C ALA A 279 -33.38 -21.30 23.60
N THR A 280 -34.47 -20.78 23.02
CA THR A 280 -35.08 -21.40 21.85
C THR A 280 -34.21 -21.11 20.64
N LEU A 281 -34.33 -21.99 19.62
CA LEU A 281 -33.65 -21.80 18.35
C LEU A 281 -33.88 -20.40 17.74
N GLN A 282 -35.15 -19.98 17.74
CA GLN A 282 -35.52 -18.70 17.18
C GLN A 282 -34.83 -17.53 17.88
N THR A 283 -34.67 -17.56 19.19
CA THR A 283 -33.93 -16.52 19.90
C THR A 283 -32.49 -16.44 19.38
N LEU A 284 -31.85 -17.61 19.18
CA LEU A 284 -30.50 -17.63 18.65
C LEU A 284 -30.44 -17.16 17.20
N LEU A 285 -31.42 -17.51 16.40
CA LEU A 285 -31.51 -17.00 15.02
C LEU A 285 -31.71 -15.48 14.92
N ASP A 286 -32.56 -14.95 15.76
CA ASP A 286 -32.86 -13.52 15.83
C ASP A 286 -31.60 -12.69 16.11
N SER A 287 -30.70 -13.16 16.96
CA SER A 287 -29.41 -12.51 17.18
C SER A 287 -28.68 -12.20 15.87
N ASN A 288 -28.90 -12.99 14.88
CA ASN A 288 -28.16 -12.80 13.61
C ASN A 288 -29.03 -12.29 12.42
N SER A 289 -30.18 -11.71 12.68
CA SER A 289 -31.05 -11.17 11.63
C SER A 289 -30.35 -9.98 10.96
N GLU A 290 -30.71 -9.67 9.72
CA GLU A 290 -30.26 -8.42 9.08
C GLU A 290 -30.47 -7.17 9.96
N GLN A 291 -31.57 -7.07 10.67
CA GLN A 291 -31.90 -5.87 11.46
C GLN A 291 -30.95 -5.69 12.65
N ILE A 292 -30.58 -6.80 13.30
CA ILE A 292 -29.60 -6.75 14.42
C ILE A 292 -28.16 -6.53 13.91
N VAL A 293 -27.78 -7.27 12.87
CA VAL A 293 -26.42 -7.23 12.40
C VAL A 293 -26.10 -5.91 11.61
N MET A 294 -27.03 -5.43 10.81
CA MET A 294 -26.69 -4.46 9.78
C MET A 294 -27.22 -3.06 10.03
N LYS A 295 -28.10 -2.90 10.97
CA LYS A 295 -28.72 -1.65 11.26
C LYS A 295 -28.54 -1.25 12.69
N PRO A 296 -28.72 0.04 12.99
CA PRO A 296 -28.69 0.49 14.39
C PRO A 296 -29.92 0.07 15.18
N ASN A 297 -29.74 -0.30 16.45
CA ASN A 297 -30.86 -0.64 17.29
C ASN A 297 -30.64 0.00 18.61
N LYS A 298 -31.64 0.73 19.08
CA LYS A 298 -31.63 1.33 20.42
C LYS A 298 -31.49 0.23 21.45
N VAL A 299 -30.63 0.40 22.46
CA VAL A 299 -30.38 -0.70 23.41
C VAL A 299 -31.29 -0.44 24.60
N THR A 300 -31.40 -1.42 25.49
N THR A 300 -31.51 -1.46 25.43
CA THR A 300 -32.22 -1.33 26.70
CA THR A 300 -32.17 -1.27 26.74
C THR A 300 -31.35 -1.78 27.88
C THR A 300 -31.29 -1.73 27.88
N ALA A 301 -31.50 -1.15 29.04
CA ALA A 301 -30.80 -1.60 30.21
C ALA A 301 -31.33 -2.99 30.55
N ILE A 302 -30.45 -3.85 31.01
CA ILE A 302 -30.81 -5.17 31.44
C ILE A 302 -31.78 -5.04 32.65
N SER A 303 -32.97 -5.57 32.49
CA SER A 303 -33.97 -5.50 33.55
C SER A 303 -34.38 -6.90 34.09
N LYS A 304 -33.95 -7.96 33.41
CA LYS A 304 -33.91 -9.29 33.94
C LYS A 304 -32.50 -9.88 33.64
N GLU A 305 -31.74 -10.14 34.69
CA GLU A 305 -30.49 -10.90 34.61
C GLU A 305 -30.80 -12.38 34.91
N PRO A 306 -30.75 -13.24 33.89
CA PRO A 306 -30.90 -14.68 34.21
C PRO A 306 -29.73 -15.31 35.00
N SER A 307 -30.11 -16.26 35.84
CA SER A 307 -29.21 -17.12 36.59
C SER A 307 -28.29 -17.92 35.67
N VAL A 308 -28.86 -18.48 34.62
CA VAL A 308 -28.14 -19.46 33.78
C VAL A 308 -28.22 -18.93 32.34
N LYS A 309 -27.07 -18.92 31.69
CA LYS A 309 -26.86 -18.36 30.37
C LYS A 309 -26.23 -19.30 29.38
N MET A 310 -26.39 -18.96 28.09
CA MET A 310 -25.54 -19.55 27.01
C MET A 310 -24.96 -18.43 26.14
N TYR A 311 -23.90 -18.74 25.38
CA TYR A 311 -23.11 -17.71 24.70
C TYR A 311 -22.79 -18.23 23.32
N HIS A 312 -22.81 -17.37 22.31
CA HIS A 312 -22.36 -17.72 21.01
C HIS A 312 -21.69 -16.55 20.27
N LYS A 313 -21.07 -16.88 19.13
CA LYS A 313 -20.64 -15.86 18.22
C LYS A 313 -20.41 -16.50 16.84
N THR A 314 -20.91 -15.83 15.81
CA THR A 314 -20.61 -16.16 14.41
C THR A 314 -19.51 -15.30 13.87
N GLY A 315 -18.84 -15.84 12.85
CA GLY A 315 -17.75 -15.07 12.18
C GLY A 315 -17.60 -15.52 10.74
N SER A 316 -17.30 -14.58 9.88
CA SER A 316 -17.00 -14.88 8.51
C SER A 316 -15.86 -13.98 7.97
N THR A 317 -15.09 -14.50 7.02
CA THR A 317 -14.29 -13.68 6.08
C THR A 317 -14.87 -13.99 4.72
N SER A 318 -14.32 -13.42 3.64
CA SER A 318 -14.95 -13.70 2.30
C SER A 318 -14.87 -15.15 2.03
N GLY A 319 -13.86 -15.86 2.55
CA GLY A 319 -13.70 -17.26 2.24
C GLY A 319 -13.94 -18.32 3.31
N PHE A 320 -14.43 -17.95 4.49
CA PHE A 320 -14.47 -18.82 5.64
C PHE A 320 -15.63 -18.49 6.51
N GLY A 321 -16.18 -19.53 7.14
CA GLY A 321 -17.23 -19.37 8.16
C GLY A 321 -16.82 -20.04 9.47
N THR A 322 -17.31 -19.43 10.53
CA THR A 322 -17.08 -19.88 11.90
C THR A 322 -18.34 -19.72 12.71
N TYR A 323 -18.50 -20.61 13.72
CA TYR A 323 -19.50 -20.50 14.76
C TYR A 323 -18.99 -21.23 16.03
N VAL A 324 -19.03 -20.51 17.15
CA VAL A 324 -18.69 -21.02 18.48
C VAL A 324 -19.86 -20.77 19.43
N VAL A 325 -20.19 -21.77 20.26
CA VAL A 325 -21.30 -21.69 21.22
C VAL A 325 -20.91 -22.55 22.43
N PHE A 326 -21.22 -22.03 23.63
CA PHE A 326 -21.05 -22.80 24.86
C PHE A 326 -22.14 -22.50 25.91
N ILE A 327 -22.33 -23.52 26.76
CA ILE A 327 -23.43 -23.58 27.74
C ILE A 327 -22.85 -24.11 29.05
N PRO A 328 -22.52 -23.20 29.94
CA PRO A 328 -21.83 -23.59 31.19
C PRO A 328 -22.61 -24.61 32.03
N LYS A 329 -23.93 -24.53 32.09
CA LYS A 329 -24.75 -25.43 32.91
C LYS A 329 -24.60 -26.90 32.51
N GLU A 330 -24.40 -27.15 31.21
CA GLU A 330 -24.27 -28.50 30.71
C GLU A 330 -22.80 -28.84 30.45
N ASN A 331 -21.89 -27.94 30.78
CA ASN A 331 -20.47 -28.08 30.54
C ASN A 331 -20.19 -28.60 29.13
N ILE A 332 -20.84 -27.97 28.14
CA ILE A 332 -20.74 -28.39 26.75
C ILE A 332 -20.53 -27.19 25.82
N GLY A 333 -19.85 -27.41 24.72
CA GLY A 333 -19.67 -26.35 23.69
C GLY A 333 -19.37 -26.94 22.34
N LEU A 334 -19.39 -26.11 21.31
CA LEU A 334 -19.17 -26.57 19.99
C LEU A 334 -18.51 -25.50 19.17
N VAL A 335 -17.64 -25.94 18.25
CA VAL A 335 -16.95 -25.13 17.26
C VAL A 335 -17.23 -25.69 15.88
N MET A 336 -17.59 -24.80 14.95
CA MET A 336 -17.60 -25.10 13.45
C MET A 336 -16.73 -24.16 12.69
N LEU A 337 -15.86 -24.72 11.83
CA LEU A 337 -14.99 -24.02 10.90
C LEU A 337 -15.20 -24.58 9.51
N THR A 338 -15.37 -23.67 8.53
CA THR A 338 -15.52 -23.98 7.15
C THR A 338 -14.72 -23.06 6.34
N ASN A 339 -14.24 -23.58 5.20
CA ASN A 339 -13.51 -22.76 4.31
C ASN A 339 -14.39 -22.37 3.11
N LYS A 340 -15.65 -22.10 3.42
CA LYS A 340 -16.59 -21.35 2.56
C LYS A 340 -17.73 -20.87 3.47
N ARG A 341 -18.14 -19.62 3.31
CA ARG A 341 -19.23 -19.09 4.10
C ARG A 341 -20.44 -19.87 3.78
N ILE A 342 -21.26 -20.19 4.79
CA ILE A 342 -22.63 -20.68 4.63
C ILE A 342 -23.57 -19.80 5.50
N PRO A 343 -24.88 -19.80 5.23
CA PRO A 343 -25.72 -18.88 6.00
C PRO A 343 -25.58 -19.10 7.50
N ASN A 344 -25.54 -18.01 8.24
CA ASN A 344 -25.46 -18.09 9.70
C ASN A 344 -26.60 -18.95 10.28
N GLU A 345 -27.80 -18.86 9.72
CA GLU A 345 -28.95 -19.65 10.17
C GLU A 345 -28.58 -21.17 10.22
N GLU A 346 -27.83 -21.64 9.22
CA GLU A 346 -27.54 -23.09 9.07
C GLU A 346 -26.55 -23.56 10.12
N ARG A 347 -25.61 -22.67 10.42
CA ARG A 347 -24.59 -22.90 11.45
C ARG A 347 -25.29 -23.04 12.81
N ILE A 348 -26.11 -22.04 13.13
CA ILE A 348 -26.77 -22.01 14.44
C ILE A 348 -27.72 -23.21 14.65
N LYS A 349 -28.54 -23.54 13.65
CA LYS A 349 -29.47 -24.62 13.78
C LYS A 349 -28.77 -25.98 13.89
N ALA A 350 -27.79 -26.26 13.04
CA ALA A 350 -27.09 -27.56 13.14
C ALA A 350 -26.49 -27.71 14.53
N ALA A 351 -25.89 -26.63 15.03
CA ALA A 351 -25.28 -26.68 16.35
C ALA A 351 -26.31 -26.89 17.48
N TYR A 352 -27.46 -26.21 17.34
CA TYR A 352 -28.59 -26.34 18.24
C TYR A 352 -29.03 -27.82 18.33
N VAL A 353 -29.25 -28.45 17.17
CA VAL A 353 -29.77 -29.81 17.19
C VAL A 353 -28.75 -30.77 17.88
N VAL A 354 -27.49 -30.66 17.51
CA VAL A 354 -26.43 -31.48 18.07
C VAL A 354 -26.31 -31.33 19.57
N LEU A 355 -26.22 -30.10 20.05
CA LEU A 355 -25.98 -29.89 21.47
C LEU A 355 -27.17 -30.35 22.27
N ASN A 356 -28.36 -30.21 21.72
CA ASN A 356 -29.52 -30.63 22.46
C ASN A 356 -29.80 -32.12 22.47
N ALA A 357 -29.19 -32.85 21.54
CA ALA A 357 -29.43 -34.26 21.39
C ALA A 357 -28.40 -35.06 22.14
N ILE A 358 -27.27 -34.47 22.49
CA ILE A 358 -26.19 -35.25 23.05
C ILE A 358 -26.58 -35.72 24.46
N LYS A 359 -26.37 -37.02 24.70
N LYS A 359 -26.31 -37.00 24.75
CA LYS A 359 -26.88 -37.78 25.85
CA LYS A 359 -26.34 -37.64 26.09
C LYS A 359 -28.34 -38.20 25.64
C LYS A 359 -27.15 -38.93 26.12
N LYS B 5 -34.80 -15.23 -7.16
CA LYS B 5 -33.54 -15.74 -7.77
C LYS B 5 -33.00 -14.85 -8.88
N ASP B 6 -31.70 -14.61 -8.81
CA ASP B 6 -31.00 -13.75 -9.77
C ASP B 6 -31.00 -14.34 -11.18
N GLN B 7 -31.23 -15.66 -11.29
CA GLN B 7 -31.37 -16.27 -12.62
C GLN B 7 -32.52 -15.64 -13.40
N GLU B 8 -33.39 -14.85 -12.75
CA GLU B 8 -34.50 -14.16 -13.44
C GLU B 8 -34.16 -12.75 -13.99
N ILE B 9 -33.04 -12.19 -13.55
CA ILE B 9 -32.72 -10.80 -13.93
C ILE B 9 -32.51 -10.68 -15.43
N LYS B 10 -31.69 -11.54 -16.02
CA LYS B 10 -31.54 -11.55 -17.50
C LYS B 10 -32.89 -11.69 -18.20
N LYS B 11 -33.68 -12.65 -17.72
CA LYS B 11 -34.95 -12.96 -18.34
C LYS B 11 -35.86 -11.74 -18.33
N LEU B 12 -35.96 -11.09 -17.18
CA LEU B 12 -36.83 -9.89 -17.10
C LEU B 12 -36.38 -8.74 -18.01
N VAL B 13 -35.05 -8.56 -18.11
CA VAL B 13 -34.53 -7.46 -18.90
C VAL B 13 -34.80 -7.76 -20.37
N ASP B 14 -34.59 -9.02 -20.74
CA ASP B 14 -34.86 -9.50 -22.08
C ASP B 14 -36.29 -9.28 -22.47
N GLN B 15 -37.22 -9.52 -21.56
CA GLN B 15 -38.60 -9.42 -21.94
C GLN B 15 -39.12 -7.99 -21.91
N ASN B 16 -38.47 -7.08 -21.15
CA ASN B 16 -38.90 -5.67 -21.06
C ASN B 16 -38.09 -4.62 -21.86
N PHE B 17 -36.79 -4.85 -22.03
CA PHE B 17 -35.91 -3.94 -22.79
C PHE B 17 -35.65 -4.39 -24.21
N LYS B 18 -35.40 -5.66 -24.40
CA LYS B 18 -35.07 -6.16 -25.72
C LYS B 18 -36.06 -5.78 -26.84
N PRO B 19 -37.36 -5.91 -26.59
CA PRO B 19 -38.34 -5.55 -27.64
C PRO B 19 -38.24 -4.11 -28.09
N LEU B 20 -37.58 -3.27 -27.33
CA LEU B 20 -37.62 -1.87 -27.70
C LEU B 20 -36.71 -1.61 -28.90
N LEU B 21 -35.73 -2.48 -29.09
CA LEU B 21 -34.80 -2.29 -30.20
C LEU B 21 -35.51 -2.41 -31.54
N GLU B 22 -36.34 -3.45 -31.72
CA GLU B 22 -37.13 -3.61 -32.96
C GLU B 22 -38.18 -2.57 -33.03
N LYS B 23 -38.87 -2.31 -31.92
CA LYS B 23 -39.94 -1.30 -31.95
C LYS B 23 -39.45 0.07 -32.38
N TYR B 24 -38.27 0.53 -31.95
CA TYR B 24 -37.75 1.86 -32.33
C TYR B 24 -36.53 1.83 -33.30
N ASP B 25 -36.23 0.66 -33.84
CA ASP B 25 -35.06 0.46 -34.72
C ASP B 25 -33.77 1.03 -34.10
N VAL B 26 -33.49 0.60 -32.87
CA VAL B 26 -32.33 1.07 -32.11
C VAL B 26 -31.16 0.13 -32.40
N PRO B 27 -29.97 0.67 -32.79
CA PRO B 27 -28.95 -0.29 -33.14
C PRO B 27 -28.34 -1.06 -31.99
N GLY B 28 -28.22 -0.42 -30.83
CA GLY B 28 -27.53 -0.99 -29.68
C GLY B 28 -28.00 -0.49 -28.30
N MET B 29 -27.90 -1.35 -27.31
CA MET B 29 -28.41 -1.07 -25.95
CA MET B 29 -28.37 -1.05 -25.95
C MET B 29 -27.55 -1.81 -24.94
N ALA B 30 -27.34 -1.19 -23.79
CA ALA B 30 -26.74 -1.79 -22.62
C ALA B 30 -27.64 -1.50 -21.42
N VAL B 31 -28.10 -2.56 -20.78
CA VAL B 31 -28.94 -2.43 -19.58
C VAL B 31 -28.21 -3.15 -18.42
N GLY B 32 -27.99 -2.41 -17.33
CA GLY B 32 -27.40 -2.88 -16.10
C GLY B 32 -28.34 -2.85 -14.91
N VAL B 33 -28.29 -3.90 -14.10
CA VAL B 33 -29.03 -3.97 -12.83
C VAL B 33 -27.97 -4.21 -11.74
N ILE B 34 -28.13 -3.53 -10.61
CA ILE B 34 -27.30 -3.80 -9.47
C ILE B 34 -28.24 -4.15 -8.36
N GLN B 35 -28.00 -5.28 -7.71
CA GLN B 35 -28.90 -5.69 -6.64
C GLN B 35 -28.06 -6.32 -5.53
N ASN B 36 -28.23 -5.86 -4.29
CA ASN B 36 -27.49 -6.42 -3.15
C ASN B 36 -26.01 -6.54 -3.44
N ASN B 37 -25.45 -5.44 -3.93
CA ASN B 37 -24.05 -5.34 -4.29
C ASN B 37 -23.53 -6.24 -5.44
N LYS B 38 -24.45 -6.84 -6.19
CA LYS B 38 -24.08 -7.68 -7.34
C LYS B 38 -24.53 -6.98 -8.63
N LYS B 39 -23.63 -6.91 -9.60
CA LYS B 39 -23.91 -6.33 -10.89
C LYS B 39 -24.32 -7.32 -11.98
N TYR B 40 -25.34 -6.96 -12.76
CA TYR B 40 -25.74 -7.69 -13.94
C TYR B 40 -25.67 -6.79 -15.15
N GLU B 41 -24.99 -7.25 -16.20
CA GLU B 41 -24.78 -6.45 -17.43
C GLU B 41 -25.38 -7.22 -18.58
N MET B 42 -26.31 -6.57 -19.28
N MET B 42 -26.37 -6.59 -19.23
CA MET B 42 -26.93 -7.13 -20.48
CA MET B 42 -26.98 -7.07 -20.46
C MET B 42 -26.79 -6.22 -21.70
C MET B 42 -26.59 -6.15 -21.61
N TYR B 43 -26.07 -6.73 -22.70
CA TYR B 43 -25.74 -6.00 -23.92
C TYR B 43 -26.52 -6.49 -25.14
N TYR B 44 -26.89 -5.57 -26.00
CA TYR B 44 -27.68 -5.91 -27.18
C TYR B 44 -27.20 -5.12 -28.37
N GLY B 45 -27.06 -5.81 -29.50
CA GLY B 45 -26.87 -5.11 -30.76
C GLY B 45 -25.49 -4.50 -30.91
N LEU B 46 -25.42 -3.37 -31.60
CA LEU B 46 -24.17 -2.84 -32.11
C LEU B 46 -23.88 -1.41 -31.65
N GLN B 47 -22.61 -1.15 -31.32
CA GLN B 47 -22.19 0.25 -31.09
C GLN B 47 -21.97 1.06 -32.37
N SER B 48 -21.59 0.37 -33.45
CA SER B 48 -21.45 0.97 -34.75
C SER B 48 -22.05 0.03 -35.77
N VAL B 49 -23.07 0.51 -36.47
CA VAL B 49 -23.75 -0.28 -37.53
C VAL B 49 -22.72 -0.58 -38.68
N GLN B 50 -22.04 0.47 -39.16
CA GLN B 50 -21.16 0.37 -40.30
C GLN B 50 -19.98 -0.52 -39.98
N ASP B 51 -19.49 -0.56 -38.73
CA ASP B 51 -18.37 -1.40 -38.39
C ASP B 51 -18.84 -2.75 -37.89
N LYS B 52 -20.14 -2.98 -37.81
CA LYS B 52 -20.61 -4.24 -37.26
C LYS B 52 -19.93 -4.53 -35.95
N LYS B 53 -19.70 -3.49 -35.13
CA LYS B 53 -19.13 -3.68 -33.82
C LYS B 53 -20.18 -3.83 -32.70
N ALA B 54 -20.02 -4.89 -31.91
CA ALA B 54 -20.99 -5.23 -30.87
C ALA B 54 -20.93 -4.27 -29.66
N VAL B 55 -22.07 -4.01 -29.04
CA VAL B 55 -22.01 -3.37 -27.72
C VAL B 55 -21.43 -4.33 -26.68
N ASN B 56 -20.58 -3.79 -25.82
CA ASN B 56 -19.94 -4.53 -24.83
C ASN B 56 -19.56 -3.65 -23.61
N SER B 57 -18.89 -4.23 -22.63
CA SER B 57 -18.55 -3.50 -21.43
C SER B 57 -17.55 -2.33 -21.67
N ASN B 58 -16.86 -2.30 -22.82
CA ASN B 58 -16.05 -1.16 -23.20
C ASN B 58 -16.82 -0.04 -23.97
N THR B 59 -18.05 -0.29 -24.40
CA THR B 59 -18.73 0.68 -25.20
C THR B 59 -19.07 1.97 -24.39
N ILE B 60 -18.62 3.10 -24.96
CA ILE B 60 -18.85 4.45 -24.47
C ILE B 60 -20.08 5.09 -25.16
N PHE B 61 -21.03 5.47 -24.33
CA PHE B 61 -22.29 6.11 -24.77
C PHE B 61 -22.33 7.55 -24.25
N GLU B 62 -23.05 8.43 -24.95
CA GLU B 62 -23.25 9.81 -24.47
C GLU B 62 -24.38 9.77 -23.45
N LEU B 63 -24.22 10.42 -22.29
CA LEU B 63 -25.25 10.38 -21.25
C LEU B 63 -26.27 11.49 -21.36
N GLY B 64 -26.02 12.51 -22.18
CA GLY B 64 -27.05 13.60 -22.25
C GLY B 64 -27.25 14.21 -20.87
N SER B 65 -28.52 14.46 -20.52
CA SER B 65 -28.84 15.17 -19.26
C SER B 65 -28.53 14.40 -17.98
N VAL B 66 -28.21 13.12 -18.08
CA VAL B 66 -27.66 12.41 -16.92
C VAL B 66 -26.30 12.97 -16.45
N SER B 67 -25.62 13.74 -17.33
CA SER B 67 -24.42 14.44 -16.99
C SER B 67 -24.67 15.38 -15.85
N LYS B 68 -25.90 15.88 -15.75
CA LYS B 68 -26.23 16.84 -14.70
C LYS B 68 -26.00 16.21 -13.32
N LEU B 69 -26.01 14.88 -13.22
CA LEU B 69 -25.90 14.25 -11.91
C LEU B 69 -24.46 14.39 -11.47
N PHE B 70 -23.55 14.37 -12.43
CA PHE B 70 -22.17 14.54 -12.15
C PHE B 70 -21.91 16.00 -11.75
N THR B 71 -22.49 16.92 -12.50
CA THR B 71 -22.40 18.35 -12.15
C THR B 71 -22.84 18.64 -10.69
N ALA B 72 -23.96 18.08 -10.31
CA ALA B 72 -24.50 18.19 -8.93
C ALA B 72 -23.58 17.59 -7.93
N THR B 73 -23.04 16.42 -8.26
CA THR B 73 -22.11 15.73 -7.33
C THR B 73 -20.88 16.56 -7.14
N ALA B 74 -20.35 17.11 -8.22
CA ALA B 74 -19.22 18.02 -8.15
C ALA B 74 -19.51 19.27 -7.28
N GLY B 75 -20.75 19.73 -7.33
CA GLY B 75 -21.17 20.93 -6.59
C GLY B 75 -21.32 20.56 -5.12
N GLY B 76 -21.83 19.36 -4.86
CA GLY B 76 -21.82 18.80 -3.51
C GLY B 76 -20.42 18.63 -2.94
N TYR B 77 -19.48 18.15 -3.74
CA TYR B 77 -18.09 18.02 -3.34
C TYR B 77 -17.52 19.38 -2.89
N ALA B 78 -17.79 20.40 -3.69
CA ALA B 78 -17.21 21.72 -3.45
C ALA B 78 -17.89 22.38 -2.23
N LYS B 79 -19.17 22.11 -2.04
CA LYS B 79 -19.82 22.64 -0.88
C LYS B 79 -19.21 22.04 0.36
N ASN B 80 -18.90 20.75 0.33
CA ASN B 80 -18.34 20.16 1.52
C ASN B 80 -16.83 20.33 1.64
N LYS B 81 -16.19 20.84 0.61
CA LYS B 81 -14.82 21.29 0.78
C LYS B 81 -14.77 22.77 1.32
N GLY B 82 -15.91 23.41 1.51
CA GLY B 82 -15.97 24.82 1.88
C GLY B 82 -15.66 25.83 0.77
N LYS B 83 -15.58 25.37 -0.48
CA LYS B 83 -15.14 26.23 -1.57
C LYS B 83 -16.34 27.01 -2.07
N ILE B 84 -17.56 26.58 -1.73
CA ILE B 84 -18.77 27.31 -2.09
C ILE B 84 -19.81 27.08 -1.05
N SER B 85 -20.83 27.94 -1.04
CA SER B 85 -22.02 27.78 -0.24
C SER B 85 -23.13 27.96 -1.25
N PHE B 86 -24.23 27.26 -1.06
CA PHE B 86 -25.34 27.31 -1.99
C PHE B 86 -26.12 28.59 -1.81
N ASP B 87 -25.88 29.28 -0.70
CA ASP B 87 -26.39 30.64 -0.52
C ASP B 87 -25.62 31.72 -1.31
N ASP B 88 -24.40 31.44 -1.77
CA ASP B 88 -23.66 32.40 -2.57
C ASP B 88 -24.39 32.77 -3.90
N THR B 89 -23.85 33.80 -4.56
CA THR B 89 -24.33 34.19 -5.87
C THR B 89 -23.19 34.06 -6.87
N PRO B 90 -23.53 33.93 -8.15
CA PRO B 90 -22.44 33.57 -9.08
C PRO B 90 -21.31 34.60 -9.23
N GLY B 91 -21.70 35.87 -9.14
CA GLY B 91 -20.75 37.00 -9.19
C GLY B 91 -19.62 36.93 -8.20
N LYS B 92 -19.81 36.22 -7.11
CA LYS B 92 -18.72 35.98 -6.17
C LYS B 92 -17.55 35.22 -6.78
N TYR B 93 -17.80 34.43 -7.83
CA TYR B 93 -16.74 33.62 -8.45
C TYR B 93 -16.44 34.08 -9.87
N TRP B 94 -17.49 34.34 -10.64
CA TRP B 94 -17.32 34.94 -11.97
C TRP B 94 -17.42 36.45 -11.72
N LYS B 95 -16.33 37.00 -11.19
CA LYS B 95 -16.22 38.43 -10.83
C LYS B 95 -17.04 39.28 -11.79
N GLU B 96 -16.79 39.05 -13.06
CA GLU B 96 -17.44 39.71 -14.19
C GLU B 96 -18.98 39.81 -14.19
N LEU B 97 -19.70 39.19 -13.25
CA LEU B 97 -21.21 39.20 -13.31
C LEU B 97 -21.98 39.92 -12.18
N LYS B 98 -21.25 40.37 -11.15
CA LYS B 98 -21.79 41.25 -10.06
C LYS B 98 -22.78 42.32 -10.48
N ASN B 99 -23.64 42.67 -9.53
CA ASN B 99 -24.64 43.70 -9.72
C ASN B 99 -25.44 43.65 -11.04
N THR B 100 -25.35 42.52 -11.76
CA THR B 100 -26.26 42.29 -12.87
C THR B 100 -27.43 41.63 -12.23
N PRO B 101 -28.60 41.72 -12.83
CA PRO B 101 -29.80 41.09 -12.26
C PRO B 101 -29.62 39.58 -11.91
N ILE B 102 -28.86 38.84 -12.74
CA ILE B 102 -28.53 37.42 -12.47
C ILE B 102 -27.81 37.22 -11.12
N ASP B 103 -27.01 38.20 -10.67
CA ASP B 103 -26.20 38.00 -9.47
C ASP B 103 -26.97 38.25 -8.19
N GLN B 104 -28.26 38.47 -8.34
CA GLN B 104 -29.22 38.22 -7.30
C GLN B 104 -29.70 36.74 -7.18
N VAL B 105 -29.49 35.85 -8.16
CA VAL B 105 -29.93 34.43 -8.02
C VAL B 105 -28.82 33.63 -7.27
N ASN B 106 -29.19 32.73 -6.35
CA ASN B 106 -28.11 31.97 -5.65
C ASN B 106 -27.80 30.61 -6.34
N LEU B 107 -26.76 29.91 -5.90
CA LEU B 107 -26.27 28.71 -6.59
C LEU B 107 -27.27 27.59 -6.57
N LEU B 108 -28.00 27.48 -5.46
CA LEU B 108 -28.98 26.46 -5.34
C LEU B 108 -30.12 26.65 -6.35
N GLN B 109 -30.53 27.90 -6.46
CA GLN B 109 -31.60 28.25 -7.39
C GLN B 109 -31.20 27.94 -8.82
N LEU B 110 -29.99 28.27 -9.17
CA LEU B 110 -29.48 27.90 -10.51
C LEU B 110 -29.49 26.35 -10.75
N ALA B 111 -29.04 25.61 -9.75
CA ALA B 111 -28.86 24.16 -9.87
C ALA B 111 -30.15 23.46 -9.95
N THR B 112 -31.17 24.11 -9.36
CA THR B 112 -32.49 23.59 -9.27
C THR B 112 -33.55 24.35 -10.12
N TYR B 113 -33.07 25.17 -11.07
CA TYR B 113 -33.86 25.63 -12.25
C TYR B 113 -34.90 26.76 -11.96
N THR B 114 -34.54 27.59 -10.98
CA THR B 114 -35.55 28.41 -10.29
C THR B 114 -35.26 29.95 -10.30
N SER B 115 -34.24 30.33 -11.05
CA SER B 115 -34.08 31.72 -11.46
C SER B 115 -35.30 32.42 -12.01
N GLY B 116 -36.30 31.69 -12.51
CA GLY B 116 -37.56 32.35 -12.91
C GLY B 116 -37.57 33.02 -14.30
N ASN B 117 -36.39 33.08 -14.93
CA ASN B 117 -36.37 33.32 -16.39
C ASN B 117 -35.26 32.62 -17.24
N LEU B 118 -35.21 31.29 -17.21
CA LEU B 118 -34.24 30.56 -18.05
C LEU B 118 -34.90 29.41 -18.69
N ALA B 119 -34.63 29.29 -19.98
CA ALA B 119 -35.27 28.31 -20.79
C ALA B 119 -34.32 27.07 -20.94
N LEU B 120 -34.86 26.00 -21.51
CA LEU B 120 -34.16 24.74 -21.78
C LEU B 120 -32.84 24.94 -22.45
N GLN B 121 -32.81 25.75 -23.50
CA GLN B 121 -31.54 26.00 -24.19
C GLN B 121 -31.27 27.45 -24.29
N PHE B 122 -30.00 27.79 -24.26
CA PHE B 122 -29.51 29.01 -24.84
C PHE B 122 -30.08 29.26 -26.27
N PRO B 123 -29.90 30.48 -26.77
CA PRO B 123 -30.19 30.77 -28.19
C PRO B 123 -29.04 30.27 -29.07
N ASP B 124 -29.41 29.82 -30.28
CA ASP B 124 -28.43 29.21 -31.20
C ASP B 124 -27.33 30.20 -31.41
N GLU B 125 -27.67 31.48 -31.52
CA GLU B 125 -26.63 32.50 -31.68
C GLU B 125 -25.52 32.41 -30.65
N VAL B 126 -25.86 32.08 -29.41
CA VAL B 126 -24.85 32.01 -28.36
C VAL B 126 -24.00 30.75 -28.49
N GLN B 127 -22.70 30.94 -28.74
CA GLN B 127 -21.73 29.85 -28.95
C GLN B 127 -20.41 30.08 -28.26
N THR B 128 -19.91 31.27 -28.47
CA THR B 128 -18.62 31.71 -27.91
C THR B 128 -18.76 31.87 -26.43
N ASP B 129 -17.62 31.87 -25.72
CA ASP B 129 -17.57 32.27 -24.31
C ASP B 129 -18.10 33.69 -24.15
N GLN B 130 -17.77 34.56 -25.10
CA GLN B 130 -18.15 35.94 -25.02
C GLN B 130 -19.65 36.04 -25.19
N GLN B 131 -20.26 35.25 -26.08
CA GLN B 131 -21.74 35.33 -26.24
C GLN B 131 -22.45 34.76 -24.98
N VAL B 132 -21.73 33.93 -24.23
CA VAL B 132 -22.23 33.30 -22.98
C VAL B 132 -22.23 34.35 -21.84
N LEU B 133 -21.05 34.90 -21.56
CA LEU B 133 -20.84 36.01 -20.62
C LEU B 133 -21.80 37.20 -20.77
N THR B 134 -22.08 37.52 -22.02
CA THR B 134 -22.90 38.65 -22.41
C THR B 134 -24.37 38.31 -22.23
N PHE B 135 -24.71 37.04 -22.45
CA PHE B 135 -26.09 36.58 -22.33
C PHE B 135 -26.55 36.75 -20.89
N PHE B 136 -25.60 36.60 -19.95
CA PHE B 136 -25.92 36.59 -18.52
C PHE B 136 -26.03 38.04 -17.98
N LYS B 137 -25.16 38.91 -18.45
CA LYS B 137 -25.23 40.34 -18.07
C LYS B 137 -26.55 41.00 -18.46
N ASP B 138 -27.03 40.63 -19.65
CA ASP B 138 -28.29 41.14 -20.19
C ASP B 138 -29.53 40.54 -19.53
N TRP B 139 -29.33 39.49 -18.72
CA TRP B 139 -30.44 38.73 -18.13
C TRP B 139 -31.30 39.59 -17.22
N LYS B 140 -32.62 39.45 -17.29
CA LYS B 140 -33.53 40.22 -16.47
C LYS B 140 -34.58 39.26 -15.94
N PRO B 141 -35.07 39.50 -14.72
CA PRO B 141 -36.03 38.55 -14.11
C PRO B 141 -37.33 38.47 -14.86
N LYS B 142 -38.20 37.55 -14.47
CA LYS B 142 -39.51 37.56 -15.09
C LYS B 142 -40.53 37.02 -14.13
N ASN B 143 -40.28 35.80 -13.64
CA ASN B 143 -41.07 35.32 -12.57
C ASN B 143 -40.27 35.67 -11.32
N PRO B 144 -40.96 35.72 -10.15
CA PRO B 144 -40.30 35.97 -8.89
C PRO B 144 -39.23 34.89 -8.66
N ILE B 145 -38.00 35.29 -8.41
CA ILE B 145 -36.94 34.35 -8.20
C ILE B 145 -37.25 33.38 -7.06
N GLY B 146 -37.20 32.09 -7.42
CA GLY B 146 -37.17 31.05 -6.45
C GLY B 146 -38.48 30.38 -6.52
N GLU B 147 -39.44 31.04 -7.18
CA GLU B 147 -40.78 30.58 -7.13
C GLU B 147 -41.17 29.60 -8.23
N TYR B 148 -40.46 29.62 -9.38
CA TYR B 148 -40.97 28.85 -10.54
C TYR B 148 -39.87 27.91 -11.05
N ARG B 149 -40.23 26.67 -11.28
CA ARG B 149 -39.24 25.75 -11.87
C ARG B 149 -39.50 25.71 -13.38
N GLN B 150 -38.44 26.01 -14.11
CA GLN B 150 -38.35 25.66 -15.52
C GLN B 150 -37.03 24.98 -15.85
N TYR B 151 -37.14 23.72 -16.21
CA TYR B 151 -35.94 22.94 -16.58
C TYR B 151 -35.02 23.58 -17.64
N SER B 152 -33.73 23.69 -17.31
CA SER B 152 -32.79 24.56 -18.00
C SER B 152 -31.28 24.25 -18.05
N ASN B 153 -30.77 24.06 -19.26
CA ASN B 153 -29.33 23.88 -19.47
C ASN B 153 -28.44 25.05 -19.07
N PRO B 154 -28.84 26.29 -19.46
CA PRO B 154 -28.08 27.41 -18.98
C PRO B 154 -28.04 27.52 -17.43
N SER B 155 -29.15 27.28 -16.75
CA SER B 155 -29.24 27.45 -15.28
C SER B 155 -28.18 26.57 -14.59
N ILE B 156 -28.28 25.26 -14.83
CA ILE B 156 -27.31 24.35 -14.21
C ILE B 156 -25.95 24.42 -14.86
N GLY B 157 -25.92 24.78 -16.14
CA GLY B 157 -24.63 25.03 -16.73
C GLY B 157 -23.87 26.13 -16.04
N LEU B 158 -24.59 27.21 -15.73
CA LEU B 158 -23.89 28.31 -15.01
C LEU B 158 -23.44 27.83 -13.61
N PHE B 159 -24.28 27.06 -12.93
CA PHE B 159 -23.87 26.45 -11.66
C PHE B 159 -22.58 25.70 -11.87
N GLY B 160 -22.55 24.85 -12.91
CA GLY B 160 -21.33 24.13 -13.20
C GLY B 160 -20.06 24.94 -13.37
N LYS B 161 -20.12 26.00 -14.16
CA LYS B 161 -18.90 26.79 -14.40
C LYS B 161 -18.44 27.43 -13.09
N VAL B 162 -19.40 27.87 -12.27
CA VAL B 162 -19.09 28.50 -10.97
C VAL B 162 -18.48 27.50 -10.03
N VAL B 163 -18.98 26.26 -10.07
CA VAL B 163 -18.37 25.24 -9.24
C VAL B 163 -16.94 25.05 -9.67
N ALA B 164 -16.68 25.11 -10.96
CA ALA B 164 -15.27 24.94 -11.41
C ALA B 164 -14.37 26.13 -10.97
N LEU B 165 -14.87 27.36 -11.13
N LEU B 165 -14.87 27.36 -11.13
CA LEU B 165 -14.12 28.55 -10.69
CA LEU B 165 -14.12 28.55 -10.69
C LEU B 165 -13.73 28.43 -9.24
C LEU B 165 -13.72 28.42 -9.25
N SER B 166 -14.67 27.99 -8.42
CA SER B 166 -14.45 27.81 -7.00
C SER B 166 -13.37 26.78 -6.71
N MET B 167 -13.15 25.85 -7.61
CA MET B 167 -12.07 24.88 -7.47
C MET B 167 -10.84 25.24 -8.30
N ASN B 168 -10.88 26.38 -8.99
CA ASN B 168 -9.76 26.85 -9.81
C ASN B 168 -9.25 25.82 -10.82
N LYS B 169 -10.20 25.16 -11.49
N LYS B 169 -10.17 25.16 -11.51
N LYS B 169 -10.19 25.18 -11.52
CA LYS B 169 -9.94 24.15 -12.49
CA LYS B 169 -9.80 24.27 -12.59
CA LYS B 169 -9.86 24.21 -12.54
C LYS B 169 -11.02 24.33 -13.55
C LYS B 169 -10.97 24.27 -13.54
C LYS B 169 -11.01 24.25 -13.54
N PRO B 170 -10.71 24.03 -14.81
CA PRO B 170 -11.81 24.06 -15.74
C PRO B 170 -12.68 22.83 -15.39
N PHE B 171 -13.96 22.98 -15.68
CA PHE B 171 -14.96 21.99 -15.34
C PHE B 171 -14.54 20.58 -15.74
N ASP B 172 -14.02 20.41 -16.96
CA ASP B 172 -13.70 19.06 -17.43
C ASP B 172 -12.58 18.39 -16.60
N GLN B 173 -11.65 19.20 -16.08
CA GLN B 173 -10.63 18.71 -15.15
C GLN B 173 -11.23 18.39 -13.76
N VAL B 174 -12.22 19.14 -13.30
CA VAL B 174 -12.90 18.80 -12.03
C VAL B 174 -13.49 17.37 -12.10
N LEU B 175 -14.26 17.08 -13.16
CA LEU B 175 -14.79 15.73 -13.33
C LEU B 175 -13.70 14.66 -13.55
N GLU B 176 -12.86 14.89 -14.54
CA GLU B 176 -11.93 13.86 -14.96
C GLU B 176 -10.78 13.63 -13.98
N LYS B 177 -10.36 14.65 -13.22
CA LYS B 177 -9.20 14.47 -12.30
C LYS B 177 -9.61 14.33 -10.86
N THR B 178 -10.80 14.84 -10.53
CA THR B 178 -11.23 14.86 -9.18
C THR B 178 -12.45 13.99 -8.97
N ILE B 179 -13.54 14.26 -9.68
CA ILE B 179 -14.81 13.56 -9.35
C ILE B 179 -14.83 12.10 -9.82
N PHE B 180 -14.54 11.86 -11.10
CA PHE B 180 -14.57 10.49 -11.58
C PHE B 180 -13.63 9.54 -10.80
N PRO B 181 -12.36 9.95 -10.57
CA PRO B 181 -11.49 9.08 -9.75
C PRO B 181 -12.02 8.73 -8.35
N ALA B 182 -12.50 9.75 -7.65
CA ALA B 182 -13.11 9.49 -6.33
C ALA B 182 -14.28 8.48 -6.36
N LEU B 183 -15.04 8.43 -7.47
CA LEU B 183 -16.13 7.42 -7.67
C LEU B 183 -15.66 6.03 -8.19
N GLY B 184 -14.37 5.89 -8.45
CA GLY B 184 -13.81 4.69 -9.01
C GLY B 184 -14.18 4.44 -10.47
N LEU B 185 -14.41 5.48 -11.26
CA LEU B 185 -14.90 5.26 -12.61
C LEU B 185 -13.69 5.20 -13.54
N LYS B 186 -13.60 4.22 -14.43
CA LYS B 186 -12.34 4.11 -15.21
C LYS B 186 -12.44 4.57 -16.65
N HIS B 187 -13.66 4.70 -17.18
CA HIS B 187 -13.86 5.09 -18.56
C HIS B 187 -15.03 6.11 -18.71
N SER B 188 -14.98 7.13 -17.89
CA SER B 188 -15.93 8.20 -17.92
C SER B 188 -15.18 9.47 -18.29
N TYR B 189 -15.72 10.21 -19.27
CA TYR B 189 -15.01 11.33 -19.88
C TYR B 189 -15.93 12.48 -20.18
N VAL B 190 -15.40 13.69 -20.09
CA VAL B 190 -16.00 14.84 -20.74
C VAL B 190 -15.47 14.88 -22.20
N ASN B 191 -14.18 14.64 -22.41
CA ASN B 191 -13.55 14.51 -23.78
C ASN B 191 -12.88 13.13 -23.88
N VAL B 192 -13.31 12.33 -24.84
CA VAL B 192 -12.87 10.95 -24.95
C VAL B 192 -11.48 10.92 -25.54
N PRO B 193 -10.48 10.37 -24.83
CA PRO B 193 -9.15 10.46 -25.49
C PRO B 193 -9.05 9.60 -26.75
N LYS B 194 -8.05 9.91 -27.60
CA LYS B 194 -7.72 9.17 -28.82
C LYS B 194 -7.70 7.67 -28.57
N THR B 195 -7.06 7.27 -27.49
CA THR B 195 -6.95 5.86 -27.20
C THR B 195 -8.29 5.15 -26.99
N GLN B 196 -9.40 5.90 -26.86
CA GLN B 196 -10.71 5.31 -26.61
C GLN B 196 -11.75 5.54 -27.74
N MET B 197 -11.39 6.29 -28.77
CA MET B 197 -12.31 6.59 -29.82
C MET B 197 -12.90 5.34 -30.48
N GLN B 198 -12.11 4.28 -30.55
CA GLN B 198 -12.61 3.03 -31.08
C GLN B 198 -13.66 2.36 -30.16
N ASN B 199 -13.73 2.78 -28.89
CA ASN B 199 -14.76 2.35 -27.96
C ASN B 199 -15.98 3.28 -27.92
N TYR B 200 -15.93 4.44 -28.58
CA TYR B 200 -17.01 5.43 -28.58
C TYR B 200 -18.06 5.08 -29.65
N ALA B 201 -19.23 4.69 -29.20
CA ALA B 201 -20.36 4.40 -30.08
C ALA B 201 -20.71 5.57 -30.99
N PHE B 202 -21.21 5.25 -32.19
CA PHE B 202 -22.00 6.21 -32.90
C PHE B 202 -23.38 6.26 -32.27
N GLY B 203 -23.92 7.47 -32.18
CA GLY B 203 -25.33 7.69 -31.98
C GLY B 203 -25.95 7.65 -33.37
N TYR B 204 -27.26 7.50 -33.39
CA TYR B 204 -28.05 7.40 -34.63
C TYR B 204 -29.28 8.27 -34.50
N ASN B 205 -29.49 9.13 -35.48
CA ASN B 205 -30.58 10.09 -35.42
C ASN B 205 -31.84 9.44 -35.86
N GLN B 206 -32.91 10.22 -36.03
CA GLN B 206 -34.20 9.63 -36.38
C GLN B 206 -34.25 9.24 -37.82
N GLU B 207 -33.26 9.69 -38.62
CA GLU B 207 -33.10 9.16 -39.97
C GLU B 207 -32.08 7.97 -40.04
N ASN B 208 -31.75 7.38 -38.88
CA ASN B 208 -30.69 6.35 -38.67
C ASN B 208 -29.29 6.71 -39.27
N GLN B 209 -28.96 7.98 -39.33
CA GLN B 209 -27.58 8.40 -39.67
C GLN B 209 -26.76 8.51 -38.39
N PRO B 210 -25.50 8.01 -38.41
CA PRO B 210 -24.49 7.99 -37.37
C PRO B 210 -24.07 9.41 -37.03
N ILE B 211 -24.15 9.76 -35.75
CA ILE B 211 -23.92 11.13 -35.30
C ILE B 211 -23.35 11.07 -33.89
N ARG B 212 -22.68 12.15 -33.50
CA ARG B 212 -22.16 12.33 -32.15
C ARG B 212 -22.43 13.78 -31.74
N VAL B 213 -22.22 14.05 -30.45
CA VAL B 213 -22.68 15.28 -29.88
C VAL B 213 -21.82 16.42 -30.43
N ASN B 214 -22.43 17.56 -30.74
CA ASN B 214 -21.66 18.72 -31.17
C ASN B 214 -21.30 19.67 -30.03
N PRO B 215 -20.08 20.27 -30.06
CA PRO B 215 -19.80 21.39 -29.15
C PRO B 215 -20.96 22.40 -29.03
N GLY B 216 -21.11 23.01 -27.87
CA GLY B 216 -22.16 24.00 -27.60
C GLY B 216 -21.87 24.72 -26.28
N PRO B 217 -22.50 25.88 -26.03
CA PRO B 217 -22.18 26.66 -24.84
C PRO B 217 -22.49 25.91 -23.50
N LEU B 218 -21.50 25.86 -22.62
CA LEU B 218 -21.59 25.20 -21.31
C LEU B 218 -22.14 23.76 -21.46
N ASP B 219 -21.62 23.06 -22.46
CA ASP B 219 -22.13 21.76 -22.73
C ASP B 219 -21.65 20.74 -21.67
N ALA B 220 -20.39 20.76 -21.23
CA ALA B 220 -19.92 19.72 -20.30
C ALA B 220 -20.83 19.56 -19.04
N PRO B 221 -21.09 20.66 -18.33
CA PRO B 221 -21.92 20.56 -17.15
C PRO B 221 -23.39 20.22 -17.41
N ALA B 222 -23.94 20.48 -18.60
CA ALA B 222 -25.37 20.28 -18.85
C ALA B 222 -25.74 18.96 -19.55
N TYR B 223 -24.90 18.51 -20.49
CA TYR B 223 -25.19 17.28 -21.20
C TYR B 223 -23.93 16.60 -21.77
N GLY B 224 -22.77 16.82 -21.18
CA GLY B 224 -21.50 16.52 -21.88
C GLY B 224 -20.59 15.35 -21.47
N VAL B 225 -21.09 14.44 -20.65
CA VAL B 225 -20.32 13.30 -20.18
C VAL B 225 -20.68 12.03 -20.97
N LYS B 226 -19.70 11.18 -21.12
CA LYS B 226 -19.78 9.93 -21.85
C LYS B 226 -19.23 8.90 -20.87
N SER B 227 -19.84 7.71 -20.83
CA SER B 227 -19.49 6.64 -19.92
C SER B 227 -19.93 5.26 -20.46
N THR B 228 -19.47 4.22 -19.77
CA THR B 228 -19.74 2.83 -20.10
C THR B 228 -20.73 2.26 -19.07
N LEU B 229 -21.37 1.12 -19.36
CA LEU B 229 -22.33 0.50 -18.45
C LEU B 229 -21.59 0.13 -17.11
N PRO B 230 -20.39 -0.49 -17.19
CA PRO B 230 -19.77 -0.78 -15.88
C PRO B 230 -19.61 0.47 -15.00
N ASP B 231 -19.13 1.55 -15.58
CA ASP B 231 -18.97 2.80 -14.83
C ASP B 231 -20.30 3.35 -14.28
N MET B 232 -21.36 3.30 -15.07
CA MET B 232 -22.65 3.82 -14.57
C MET B 232 -23.20 2.94 -13.45
N LEU B 233 -22.93 1.64 -13.50
CA LEU B 233 -23.30 0.75 -12.39
C LEU B 233 -22.48 1.11 -11.14
N SER B 234 -21.21 1.43 -11.30
CA SER B 234 -20.40 1.90 -10.13
C SER B 234 -20.96 3.20 -9.57
N PHE B 235 -21.36 4.13 -10.44
CA PHE B 235 -22.03 5.37 -9.98
C PHE B 235 -23.29 5.08 -9.19
N ILE B 236 -24.12 4.15 -9.69
CA ILE B 236 -25.33 3.73 -8.96
C ILE B 236 -24.97 3.10 -7.61
N HIS B 237 -23.97 2.22 -7.63
CA HIS B 237 -23.48 1.62 -6.39
C HIS B 237 -23.09 2.65 -5.32
N ALA B 238 -22.34 3.67 -5.72
CA ALA B 238 -21.95 4.76 -4.85
C ALA B 238 -23.18 5.52 -4.30
N ASN B 239 -24.18 5.66 -5.14
CA ASN B 239 -25.40 6.34 -4.73
C ASN B 239 -26.17 5.47 -3.80
N LEU B 240 -26.14 4.17 -4.02
CA LEU B 240 -26.85 3.26 -3.16
C LEU B 240 -26.13 3.06 -1.81
N ASN B 241 -24.79 3.21 -1.81
CA ASN B 241 -23.87 3.02 -0.62
C ASN B 241 -22.79 4.07 -0.40
N PRO B 242 -23.15 5.31 -0.18
CA PRO B 242 -22.07 6.29 -0.10
C PRO B 242 -21.05 6.04 1.06
N GLN B 243 -21.37 5.15 1.98
CA GLN B 243 -20.55 4.98 3.20
C GLN B 243 -19.21 4.28 2.91
N LYS B 244 -19.15 3.45 1.90
CA LYS B 244 -17.92 2.77 1.51
C LYS B 244 -16.85 3.71 0.86
N TYR B 245 -17.26 4.94 0.55
CA TYR B 245 -16.47 5.84 -0.29
C TYR B 245 -15.77 6.90 0.54
N PRO B 246 -14.75 7.55 -0.05
CA PRO B 246 -14.10 8.58 0.68
C PRO B 246 -15.12 9.59 1.19
N THR B 247 -14.90 10.02 2.44
CA THR B 247 -15.74 10.97 3.13
C THR B 247 -16.18 12.16 2.25
N ASP B 248 -15.21 12.76 1.57
CA ASP B 248 -15.44 13.81 0.62
C ASP B 248 -16.63 13.53 -0.31
N ILE B 249 -16.52 12.41 -0.99
CA ILE B 249 -17.41 12.11 -2.10
C ILE B 249 -18.69 11.57 -1.46
N GLN B 250 -18.58 10.95 -0.30
CA GLN B 250 -19.77 10.54 0.40
C GLN B 250 -20.68 11.71 0.82
N ARG B 251 -20.07 12.77 1.34
CA ARG B 251 -20.76 14.01 1.67
C ARG B 251 -21.38 14.56 0.36
N ALA B 252 -20.62 14.56 -0.72
CA ALA B 252 -21.16 15.09 -2.01
C ALA B 252 -22.40 14.38 -2.49
N ILE B 253 -22.36 13.05 -2.44
CA ILE B 253 -23.45 12.20 -2.82
C ILE B 253 -24.62 12.44 -1.94
N ASN B 254 -24.42 12.49 -0.62
CA ASN B 254 -25.59 12.78 0.23
C ASN B 254 -26.27 14.11 -0.06
N GLU B 255 -25.48 15.08 -0.39
CA GLU B 255 -25.98 16.37 -0.78
C GLU B 255 -26.93 16.27 -1.99
N THR B 256 -26.63 15.40 -2.96
CA THR B 256 -27.43 15.27 -4.14
C THR B 256 -28.69 14.57 -3.92
N HIS B 257 -28.78 13.90 -2.80
CA HIS B 257 -30.03 13.20 -2.44
C HIS B 257 -31.09 14.07 -1.69
N GLN B 258 -30.70 15.26 -1.26
CA GLN B 258 -31.56 16.04 -0.39
C GLN B 258 -32.64 16.73 -1.23
N GLY B 259 -33.89 16.46 -1.00
CA GLY B 259 -34.94 17.18 -1.75
C GLY B 259 -35.01 18.62 -1.32
N ARG B 260 -35.33 19.50 -2.24
CA ARG B 260 -35.28 20.93 -1.96
C ARG B 260 -36.67 21.59 -2.04
N TYR B 261 -37.50 21.12 -2.98
CA TYR B 261 -38.88 21.60 -3.14
C TYR B 261 -39.65 20.55 -3.88
N GLN B 262 -40.97 20.69 -3.95
CA GLN B 262 -41.83 19.81 -4.66
C GLN B 262 -42.38 20.58 -5.89
N VAL B 263 -42.77 19.78 -6.89
CA VAL B 263 -43.72 20.14 -7.92
C VAL B 263 -44.58 18.93 -8.01
N ASN B 264 -45.75 19.01 -7.36
CA ASN B 264 -46.65 17.88 -7.24
C ASN B 264 -45.91 16.73 -6.55
N THR B 265 -46.08 15.50 -7.04
CA THR B 265 -45.39 14.30 -6.56
C THR B 265 -43.89 14.20 -6.88
N MET B 266 -43.31 15.19 -7.52
CA MET B 266 -41.90 15.18 -7.78
C MET B 266 -41.19 16.07 -6.80
N TYR B 267 -40.15 15.53 -6.18
CA TYR B 267 -39.29 16.33 -5.35
C TYR B 267 -38.04 16.59 -6.11
N GLN B 268 -37.59 17.85 -6.17
CA GLN B 268 -36.41 18.17 -6.90
C GLN B 268 -35.24 18.11 -5.95
N ALA B 269 -34.28 17.22 -6.22
CA ALA B 269 -33.07 17.20 -5.42
C ALA B 269 -32.03 17.83 -6.27
N LEU B 270 -30.76 17.65 -5.95
CA LEU B 270 -29.70 18.26 -6.75
C LEU B 270 -29.27 17.30 -7.84
N GLY B 271 -29.66 17.66 -9.06
CA GLY B 271 -29.56 16.77 -10.22
C GLY B 271 -30.64 15.71 -10.24
N TRP B 272 -30.65 14.85 -9.23
CA TRP B 272 -31.65 13.80 -9.19
C TRP B 272 -33.10 14.32 -8.99
N GLU B 273 -34.01 13.58 -9.56
CA GLU B 273 -35.43 13.67 -9.19
C GLU B 273 -35.73 12.63 -8.13
N GLU B 274 -36.56 13.00 -7.14
CA GLU B 274 -36.88 12.14 -5.95
C GLU B 274 -38.34 11.92 -5.84
N PHE B 275 -38.74 10.69 -5.45
CA PHE B 275 -40.13 10.31 -5.30
C PHE B 275 -40.25 9.55 -4.03
N SER B 276 -41.44 9.56 -3.47
CA SER B 276 -41.80 8.61 -2.41
C SER B 276 -41.84 7.21 -3.01
N TYR B 277 -41.29 6.22 -2.30
CA TYR B 277 -41.33 4.85 -2.74
C TYR B 277 -42.24 4.03 -1.85
N PRO B 278 -43.08 3.12 -2.43
CA PRO B 278 -43.15 2.77 -3.85
C PRO B 278 -43.84 3.86 -4.59
N ALA B 279 -43.42 4.13 -5.83
CA ALA B 279 -44.08 5.17 -6.63
C ALA B 279 -44.98 4.50 -7.65
N THR B 280 -46.11 5.13 -7.97
CA THR B 280 -46.91 4.63 -9.10
C THR B 280 -46.16 4.93 -10.41
N LEU B 281 -46.38 4.11 -11.41
CA LEU B 281 -45.81 4.35 -12.74
C LEU B 281 -46.10 5.75 -13.26
N GLN B 282 -47.37 6.14 -13.19
CA GLN B 282 -47.72 7.48 -13.65
C GLN B 282 -47.02 8.60 -12.90
N THR B 283 -46.72 8.40 -11.63
CA THR B 283 -45.93 9.44 -10.94
C THR B 283 -44.57 9.63 -11.61
N LEU B 284 -43.93 8.50 -11.95
CA LEU B 284 -42.59 8.54 -12.60
C LEU B 284 -42.72 9.14 -14.01
N LEU B 285 -43.76 8.74 -14.74
CA LEU B 285 -44.01 9.28 -16.12
C LEU B 285 -44.28 10.75 -16.11
N ASP B 286 -45.00 11.25 -15.11
CA ASP B 286 -45.23 12.70 -14.91
C ASP B 286 -44.01 13.59 -14.83
N SER B 287 -42.95 13.08 -14.21
CA SER B 287 -41.74 13.89 -14.12
C SER B 287 -41.16 14.16 -15.51
N ASN B 288 -41.48 13.35 -16.49
CA ASN B 288 -41.00 13.64 -17.85
C ASN B 288 -42.14 14.10 -18.81
N SER B 289 -43.28 14.54 -18.26
CA SER B 289 -44.42 15.08 -19.03
C SER B 289 -44.05 16.41 -19.71
N GLU B 290 -44.78 16.82 -20.75
CA GLU B 290 -44.48 18.13 -21.33
C GLU B 290 -44.67 19.19 -20.24
N GLN B 291 -45.66 19.01 -19.39
CA GLN B 291 -45.94 20.06 -18.37
C GLN B 291 -44.72 20.31 -17.50
N ILE B 292 -44.13 19.22 -17.00
CA ILE B 292 -42.98 19.38 -16.08
C ILE B 292 -41.72 19.81 -16.81
N VAL B 293 -41.41 19.17 -17.94
CA VAL B 293 -40.12 19.39 -18.64
C VAL B 293 -40.10 20.66 -19.46
N MET B 294 -41.25 21.03 -20.09
CA MET B 294 -41.17 22.11 -21.12
C MET B 294 -41.64 23.52 -20.63
N LYS B 295 -42.57 23.56 -19.67
CA LYS B 295 -43.21 24.78 -19.14
C LYS B 295 -42.81 25.15 -17.68
N PRO B 296 -42.91 26.44 -17.31
CA PRO B 296 -42.68 26.78 -15.89
C PRO B 296 -43.78 26.23 -15.01
N ASN B 297 -43.39 25.76 -13.83
CA ASN B 297 -44.33 25.38 -12.83
C ASN B 297 -43.90 26.05 -11.48
N LYS B 298 -44.92 26.46 -10.72
CA LYS B 298 -44.74 27.08 -9.45
C LYS B 298 -44.35 25.98 -8.44
N VAL B 299 -43.21 26.14 -7.79
CA VAL B 299 -42.83 25.14 -6.74
C VAL B 299 -43.58 25.33 -5.41
N THR B 300 -43.50 24.31 -4.56
CA THR B 300 -44.02 24.34 -3.22
C THR B 300 -43.01 23.71 -2.30
N ALA B 301 -43.12 24.03 -1.00
CA ALA B 301 -42.17 23.52 -0.03
C ALA B 301 -42.46 22.07 0.15
N ILE B 302 -41.45 21.30 0.53
CA ILE B 302 -41.70 19.91 0.87
C ILE B 302 -42.63 19.91 2.06
N SER B 303 -43.76 19.22 1.94
CA SER B 303 -44.69 19.00 3.03
C SER B 303 -44.48 17.59 3.55
N LYS B 304 -44.78 16.58 2.71
CA LYS B 304 -44.58 15.16 3.10
C LYS B 304 -43.15 14.81 2.81
N GLU B 305 -42.39 14.54 3.85
CA GLU B 305 -40.99 14.14 3.70
C GLU B 305 -41.03 12.60 3.62
N PRO B 306 -40.81 12.02 2.42
CA PRO B 306 -40.99 10.55 2.27
C PRO B 306 -40.04 9.79 3.18
N SER B 307 -40.50 8.70 3.80
CA SER B 307 -39.63 7.94 4.66
C SER B 307 -38.75 7.03 3.82
N VAL B 308 -39.29 6.48 2.73
CA VAL B 308 -38.52 5.66 1.80
C VAL B 308 -38.59 6.35 0.44
N LYS B 309 -37.44 6.65 -0.14
CA LYS B 309 -37.35 7.45 -1.35
C LYS B 309 -36.75 6.63 -2.48
N MET B 310 -37.04 7.05 -3.71
CA MET B 310 -36.37 6.52 -4.90
C MET B 310 -35.99 7.70 -5.74
N TYR B 311 -35.00 7.52 -6.64
CA TYR B 311 -34.48 8.64 -7.36
C TYR B 311 -34.29 8.22 -8.84
N HIS B 312 -34.47 9.15 -9.75
CA HIS B 312 -34.19 8.90 -11.17
C HIS B 312 -33.82 10.13 -11.95
N LYS B 313 -33.38 9.87 -13.20
CA LYS B 313 -33.07 10.88 -14.17
C LYS B 313 -33.02 10.24 -15.57
N THR B 314 -33.75 10.82 -16.53
CA THR B 314 -33.48 10.55 -17.94
C THR B 314 -32.52 11.54 -18.54
N GLY B 315 -31.93 11.15 -19.67
CA GLY B 315 -31.06 12.02 -20.41
C GLY B 315 -30.96 11.64 -21.89
N SER B 316 -30.72 12.65 -22.74
CA SER B 316 -30.69 12.46 -24.19
C SER B 316 -29.68 13.40 -24.79
N THR B 317 -29.04 12.91 -25.84
CA THR B 317 -28.42 13.76 -26.89
C THR B 317 -29.19 13.45 -28.19
N SER B 318 -28.79 14.07 -29.29
N SER B 318 -28.83 14.05 -29.31
CA SER B 318 -29.47 13.83 -30.58
CA SER B 318 -29.59 13.76 -30.53
C SER B 318 -29.41 12.36 -30.95
C SER B 318 -29.47 12.29 -30.88
N GLY B 319 -28.30 11.71 -30.64
CA GLY B 319 -28.12 10.30 -31.01
C GLY B 319 -28.22 9.26 -29.93
N PHE B 320 -28.38 9.65 -28.64
CA PHE B 320 -28.31 8.72 -27.48
C PHE B 320 -29.44 8.93 -26.47
N GLY B 321 -29.90 7.82 -25.87
CA GLY B 321 -30.80 7.84 -24.70
C GLY B 321 -30.22 7.15 -23.44
N THR B 322 -30.54 7.70 -22.28
CA THR B 322 -30.08 7.20 -20.99
C THR B 322 -31.20 7.32 -19.99
N TYR B 323 -31.24 6.36 -19.07
CA TYR B 323 -32.09 6.42 -17.90
C TYR B 323 -31.37 5.73 -16.74
N VAL B 324 -31.32 6.37 -15.56
CA VAL B 324 -30.82 5.76 -14.35
C VAL B 324 -31.84 5.90 -13.23
N VAL B 325 -31.96 4.88 -12.37
CA VAL B 325 -32.96 4.89 -11.26
C VAL B 325 -32.40 4.04 -10.12
N PHE B 326 -32.68 4.41 -8.87
CA PHE B 326 -32.16 3.64 -7.72
C PHE B 326 -33.09 3.85 -6.50
N ILE B 327 -33.09 2.84 -5.62
CA ILE B 327 -33.95 2.73 -4.43
C ILE B 327 -33.11 2.14 -3.29
N PRO B 328 -32.54 3.02 -2.49
CA PRO B 328 -31.64 2.70 -1.40
C PRO B 328 -32.11 1.53 -0.57
N LYS B 329 -33.38 1.50 -0.24
CA LYS B 329 -33.79 0.53 0.70
C LYS B 329 -34.29 -0.74 0.12
N GLU B 330 -34.42 -0.83 -1.20
CA GLU B 330 -34.41 -2.15 -1.80
C GLU B 330 -33.00 -2.55 -2.24
N ASN B 331 -32.02 -1.71 -1.95
CA ASN B 331 -30.63 -1.85 -2.43
C ASN B 331 -30.54 -2.33 -3.92
N ILE B 332 -31.29 -1.64 -4.79
N ILE B 332 -31.38 -1.71 -4.77
CA ILE B 332 -31.38 -2.01 -6.22
CA ILE B 332 -31.37 -1.99 -6.23
C ILE B 332 -31.44 -0.76 -7.12
C ILE B 332 -31.33 -0.69 -7.07
N GLY B 333 -30.77 -0.82 -8.28
CA GLY B 333 -30.87 0.20 -9.27
C GLY B 333 -30.76 -0.33 -10.66
N LEU B 334 -31.01 0.53 -11.64
CA LEU B 334 -30.94 0.14 -13.04
C LEU B 334 -30.38 1.31 -13.88
N VAL B 335 -29.61 0.92 -14.89
CA VAL B 335 -29.04 1.80 -15.85
C VAL B 335 -29.40 1.28 -17.24
N MET B 336 -29.87 2.19 -18.12
CA MET B 336 -30.14 1.86 -19.50
C MET B 336 -29.40 2.86 -20.34
N LEU B 337 -28.72 2.39 -21.37
CA LEU B 337 -28.03 3.22 -22.35
C LEU B 337 -28.35 2.74 -23.76
N THR B 338 -28.75 3.64 -24.64
CA THR B 338 -29.03 3.32 -26.02
C THR B 338 -28.33 4.31 -26.91
N ASN B 339 -27.98 3.86 -28.12
CA ASN B 339 -27.39 4.72 -29.11
C ASN B 339 -28.42 5.09 -30.20
N LYS B 340 -29.63 5.30 -29.71
CA LYS B 340 -30.70 5.97 -30.42
C LYS B 340 -31.74 6.37 -29.36
N ARG B 341 -32.25 7.59 -29.46
CA ARG B 341 -33.29 8.02 -28.50
C ARG B 341 -34.51 7.16 -28.64
N ILE B 342 -35.12 6.76 -27.52
CA ILE B 342 -36.45 6.22 -27.48
C ILE B 342 -37.28 7.05 -26.50
N PRO B 343 -38.62 6.99 -26.59
CA PRO B 343 -39.38 7.92 -25.74
C PRO B 343 -39.06 7.71 -24.26
N ASN B 344 -38.97 8.79 -23.54
CA ASN B 344 -38.75 8.74 -22.12
C ASN B 344 -39.66 7.77 -21.42
N GLU B 345 -40.93 7.72 -21.82
N GLU B 345 -40.93 7.77 -21.85
CA GLU B 345 -41.92 6.95 -21.09
CA GLU B 345 -42.01 6.94 -21.31
C GLU B 345 -41.65 5.43 -21.22
C GLU B 345 -41.62 5.47 -21.23
N GLU B 346 -41.03 5.02 -22.33
CA GLU B 346 -40.70 3.65 -22.55
C GLU B 346 -39.54 3.19 -21.67
N ARG B 347 -38.63 4.11 -21.44
CA ARG B 347 -37.44 3.86 -20.59
C ARG B 347 -37.92 3.64 -19.16
N ILE B 348 -38.75 4.58 -18.71
CA ILE B 348 -39.25 4.58 -17.37
C ILE B 348 -40.06 3.37 -17.08
N LYS B 349 -41.02 3.05 -17.94
CA LYS B 349 -41.83 1.85 -17.80
C LYS B 349 -41.08 0.51 -17.79
N ALA B 350 -40.18 0.28 -18.72
CA ALA B 350 -39.50 -1.01 -18.70
C ALA B 350 -38.80 -1.23 -17.36
N ALA B 351 -38.19 -0.16 -16.86
CA ALA B 351 -37.40 -0.21 -15.63
C ALA B 351 -38.30 -0.46 -14.46
N TYR B 352 -39.47 0.16 -14.48
CA TYR B 352 -40.50 -0.10 -13.48
C TYR B 352 -40.88 -1.56 -13.32
N VAL B 353 -41.21 -2.23 -14.43
CA VAL B 353 -41.61 -3.58 -14.44
C VAL B 353 -40.45 -4.44 -13.99
N VAL B 354 -39.24 -4.16 -14.47
CA VAL B 354 -38.12 -5.01 -14.06
C VAL B 354 -37.85 -4.93 -12.55
N LEU B 355 -37.57 -3.72 -12.07
CA LEU B 355 -37.32 -3.49 -10.65
C LEU B 355 -38.44 -4.00 -9.72
N ASN B 356 -39.71 -3.81 -10.09
CA ASN B 356 -40.81 -4.43 -9.28
C ASN B 356 -40.76 -5.94 -9.27
N ALA B 357 -40.50 -6.55 -10.42
CA ALA B 357 -40.41 -8.02 -10.46
C ALA B 357 -39.29 -8.60 -9.60
N ILE B 358 -38.27 -7.83 -9.26
CA ILE B 358 -37.25 -8.38 -8.37
C ILE B 358 -37.65 -8.09 -6.90
N LYS B 359 -37.66 -9.13 -6.07
CA LYS B 359 -38.22 -9.09 -4.68
C LYS B 359 -39.47 -8.20 -4.60
N PRO C 4 10.05 -8.81 9.39
CA PRO C 4 9.61 -7.41 9.22
C PRO C 4 9.97 -6.83 7.83
N LYS C 5 11.06 -7.31 7.24
CA LYS C 5 11.34 -6.98 5.84
C LYS C 5 10.33 -7.75 4.94
N ASP C 6 10.04 -8.99 5.33
CA ASP C 6 8.91 -9.76 4.80
C ASP C 6 7.65 -8.93 4.68
N GLN C 7 7.29 -8.27 5.79
CA GLN C 7 6.05 -7.53 5.87
C GLN C 7 6.15 -6.29 5.04
N GLU C 8 7.25 -5.58 5.16
CA GLU C 8 7.37 -4.31 4.50
C GLU C 8 7.23 -4.43 2.95
N ILE C 9 7.83 -5.47 2.38
CA ILE C 9 7.91 -5.67 0.93
C ILE C 9 6.53 -6.12 0.42
N LYS C 10 5.97 -7.08 1.16
CA LYS C 10 4.58 -7.46 0.93
C LYS C 10 3.70 -6.24 0.89
N LYS C 11 3.88 -5.26 1.82
CA LYS C 11 2.96 -4.09 1.83
C LYS C 11 3.18 -3.23 0.59
N LEU C 12 4.42 -2.96 0.22
CA LEU C 12 4.71 -2.19 -1.02
C LEU C 12 4.10 -2.87 -2.27
N VAL C 13 4.18 -4.19 -2.30
CA VAL C 13 3.68 -4.96 -3.47
C VAL C 13 2.18 -4.91 -3.51
N ASP C 14 1.51 -5.14 -2.36
CA ASP C 14 0.07 -5.00 -2.27
C ASP C 14 -0.34 -3.62 -2.69
N GLN C 15 0.46 -2.62 -2.34
CA GLN C 15 0.14 -1.22 -2.62
C GLN C 15 0.29 -0.84 -4.07
N ASN C 16 1.35 -1.29 -4.73
CA ASN C 16 1.60 -0.87 -6.07
C ASN C 16 1.25 -1.90 -7.16
N PHE C 17 1.24 -3.19 -6.84
CA PHE C 17 0.94 -4.16 -7.91
C PHE C 17 -0.56 -4.62 -7.85
N LYS C 18 -1.03 -4.90 -6.63
CA LYS C 18 -2.35 -5.47 -6.41
C LYS C 18 -3.45 -4.71 -7.12
N PRO C 19 -3.48 -3.37 -7.04
CA PRO C 19 -4.58 -2.63 -7.68
C PRO C 19 -4.65 -2.82 -9.17
N LEU C 20 -3.55 -3.23 -9.77
CA LEU C 20 -3.56 -3.48 -11.21
C LEU C 20 -4.48 -4.65 -11.60
N LEU C 21 -4.68 -5.59 -10.69
CA LEU C 21 -5.59 -6.71 -10.98
C LEU C 21 -7.04 -6.23 -11.23
N GLU C 22 -7.53 -5.34 -10.37
CA GLU C 22 -8.89 -4.81 -10.56
C GLU C 22 -8.93 -3.91 -11.72
N LYS C 23 -7.89 -3.10 -11.90
N LYS C 23 -7.89 -3.10 -11.91
CA LYS C 23 -7.88 -2.09 -12.94
CA LYS C 23 -7.88 -2.09 -12.94
C LYS C 23 -7.99 -2.67 -14.35
C LYS C 23 -7.98 -2.66 -14.36
N TYR C 24 -7.29 -3.77 -14.59
CA TYR C 24 -7.26 -4.43 -15.89
C TYR C 24 -7.90 -5.82 -15.91
N ASP C 25 -8.55 -6.19 -14.81
CA ASP C 25 -9.25 -7.49 -14.70
C ASP C 25 -8.30 -8.61 -15.08
N VAL C 26 -7.21 -8.70 -14.34
CA VAL C 26 -6.18 -9.70 -14.50
C VAL C 26 -6.51 -10.82 -13.55
N PRO C 27 -6.59 -12.04 -14.07
CA PRO C 27 -6.93 -13.08 -13.15
C PRO C 27 -5.85 -13.40 -12.14
N GLY C 28 -4.61 -13.47 -12.58
CA GLY C 28 -3.57 -13.93 -11.64
C GLY C 28 -2.26 -13.21 -11.84
N MET C 29 -1.46 -13.18 -10.78
N MET C 29 -1.48 -13.10 -10.76
CA MET C 29 -0.23 -12.41 -10.80
CA MET C 29 -0.23 -12.33 -10.79
C MET C 29 0.72 -12.98 -9.77
C MET C 29 0.72 -12.91 -9.76
N ALA C 30 1.99 -13.02 -10.15
CA ALA C 30 3.04 -13.37 -9.18
C ALA C 30 4.15 -12.29 -9.24
N VAL C 31 4.60 -11.80 -8.07
CA VAL C 31 5.56 -10.68 -7.99
C VAL C 31 6.60 -11.11 -6.95
N GLY C 32 7.84 -11.10 -7.40
CA GLY C 32 8.95 -11.49 -6.59
C GLY C 32 9.95 -10.31 -6.49
N VAL C 33 10.59 -10.20 -5.33
CA VAL C 33 11.73 -9.32 -5.09
C VAL C 33 12.87 -10.17 -4.51
N ILE C 34 14.09 -9.91 -4.96
CA ILE C 34 15.28 -10.46 -4.34
C ILE C 34 16.08 -9.24 -3.92
N GLN C 35 16.49 -9.21 -2.66
CA GLN C 35 17.29 -8.12 -2.14
C GLN C 35 18.30 -8.73 -1.18
N ASN C 36 19.58 -8.51 -1.48
CA ASN C 36 20.65 -9.07 -0.66
C ASN C 36 20.55 -10.53 -0.45
N ASN C 37 20.29 -11.24 -1.54
CA ASN C 37 20.22 -12.68 -1.50
C ASN C 37 19.07 -13.31 -0.71
N LYS C 38 18.13 -12.49 -0.26
CA LYS C 38 16.91 -12.96 0.38
C LYS C 38 15.77 -12.77 -0.64
N LYS C 39 14.94 -13.80 -0.78
CA LYS C 39 13.84 -13.78 -1.76
C LYS C 39 12.46 -13.62 -1.14
N TYR C 40 11.56 -12.89 -1.80
CA TYR C 40 10.24 -12.51 -1.28
C TYR C 40 9.17 -12.72 -2.42
N GLU C 41 8.21 -13.61 -2.17
CA GLU C 41 7.27 -14.08 -3.21
C GLU C 41 5.89 -13.73 -2.77
N MET C 42 5.19 -13.00 -3.64
CA MET C 42 3.79 -12.66 -3.48
C MET C 42 2.96 -13.23 -4.69
N TYR C 43 1.82 -13.86 -4.38
CA TYR C 43 0.93 -14.50 -5.37
C TYR C 43 -0.45 -13.98 -5.19
N TYR C 44 -1.11 -13.61 -6.30
CA TYR C 44 -2.46 -13.07 -6.26
C TYR C 44 -3.36 -13.79 -7.26
N GLY C 45 -4.63 -13.98 -6.87
CA GLY C 45 -5.66 -14.52 -7.72
C GLY C 45 -5.40 -15.91 -8.36
N LEU C 46 -5.80 -16.05 -9.62
CA LEU C 46 -6.01 -17.38 -10.26
C LEU C 46 -5.15 -17.68 -11.50
N GLN C 47 -4.50 -18.84 -11.44
CA GLN C 47 -3.75 -19.51 -12.49
C GLN C 47 -4.69 -19.98 -13.62
N SER C 48 -5.87 -20.48 -13.20
CA SER C 48 -6.90 -20.94 -14.13
C SER C 48 -8.28 -20.66 -13.54
N VAL C 49 -9.05 -19.88 -14.29
CA VAL C 49 -10.37 -19.52 -13.87
C VAL C 49 -11.26 -20.74 -14.04
N GLN C 50 -11.14 -21.44 -15.18
CA GLN C 50 -12.00 -22.63 -15.40
C GLN C 50 -11.74 -23.69 -14.34
N ASP C 51 -10.48 -23.92 -13.98
CA ASP C 51 -10.15 -25.00 -13.03
C ASP C 51 -10.09 -24.56 -11.56
N LYS C 52 -10.31 -23.27 -11.31
CA LYS C 52 -10.38 -22.63 -10.00
C LYS C 52 -9.08 -22.86 -9.21
N LYS C 53 -7.95 -22.74 -9.91
CA LYS C 53 -6.63 -22.91 -9.30
C LYS C 53 -5.98 -21.59 -8.95
N ALA C 54 -5.50 -21.49 -7.73
CA ALA C 54 -4.83 -20.26 -7.30
C ALA C 54 -3.41 -20.25 -7.81
N VAL C 55 -2.94 -19.08 -8.22
CA VAL C 55 -1.51 -18.83 -8.52
C VAL C 55 -0.72 -19.20 -7.26
N ASN C 56 0.35 -19.97 -7.42
CA ASN C 56 1.23 -20.35 -6.31
C ASN C 56 2.70 -20.49 -6.84
N SER C 57 3.58 -20.90 -5.95
CA SER C 57 4.96 -21.00 -6.27
C SER C 57 5.22 -21.99 -7.37
N ASN C 58 4.28 -22.92 -7.66
CA ASN C 58 4.48 -23.86 -8.77
C ASN C 58 3.90 -23.40 -10.08
N THR C 59 3.22 -22.25 -10.10
CA THR C 59 2.51 -21.85 -11.30
C THR C 59 3.52 -21.48 -12.39
N ILE C 60 3.33 -22.05 -13.57
CA ILE C 60 4.10 -21.72 -14.78
C ILE C 60 3.46 -20.65 -15.65
N PHE C 61 4.21 -19.58 -15.91
CA PHE C 61 3.75 -18.47 -16.78
C PHE C 61 4.53 -18.43 -18.07
N GLU C 62 3.90 -17.94 -19.16
CA GLU C 62 4.60 -17.59 -20.43
C GLU C 62 5.40 -16.28 -20.26
N LEU C 63 6.73 -16.31 -20.48
CA LEU C 63 7.60 -15.09 -20.39
C LEU C 63 7.55 -14.15 -21.60
N GLY C 64 6.99 -14.60 -22.72
CA GLY C 64 7.05 -13.85 -24.00
C GLY C 64 8.48 -13.42 -24.33
N SER C 65 8.66 -12.15 -24.72
CA SER C 65 10.01 -11.67 -25.11
C SER C 65 11.11 -11.69 -24.06
N VAL C 66 10.75 -11.80 -22.77
CA VAL C 66 11.75 -12.10 -21.74
C VAL C 66 12.48 -13.41 -22.03
N SER C 67 11.89 -14.23 -22.91
CA SER C 67 12.54 -15.43 -23.42
C SER C 67 13.92 -15.09 -24.11
N LYS C 68 13.95 -13.94 -24.79
CA LYS C 68 15.16 -13.44 -25.51
C LYS C 68 16.33 -13.32 -24.58
N LEU C 69 16.06 -13.15 -23.28
CA LEU C 69 17.17 -13.12 -22.34
C LEU C 69 17.86 -14.45 -22.21
N PHE C 70 17.11 -15.54 -22.41
CA PHE C 70 17.66 -16.89 -22.24
C PHE C 70 18.43 -17.27 -23.53
N THR C 71 17.90 -16.83 -24.66
CA THR C 71 18.52 -16.96 -25.98
C THR C 71 19.90 -16.26 -25.94
N ALA C 72 19.94 -15.07 -25.35
CA ALA C 72 21.18 -14.32 -25.14
C ALA C 72 22.20 -15.03 -24.29
N THR C 73 21.80 -15.53 -23.12
CA THR C 73 22.66 -16.33 -22.25
C THR C 73 23.14 -17.62 -22.94
N ALA C 74 22.31 -18.19 -23.83
CA ALA C 74 22.75 -19.35 -24.58
C ALA C 74 23.86 -18.89 -25.55
N GLY C 75 23.60 -17.80 -26.28
CA GLY C 75 24.56 -17.24 -27.22
C GLY C 75 25.91 -16.96 -26.55
N GLY C 76 25.87 -16.30 -25.40
CA GLY C 76 27.05 -16.05 -24.57
C GLY C 76 27.75 -17.28 -23.99
N TYR C 77 26.98 -18.31 -23.68
CA TYR C 77 27.55 -19.58 -23.22
C TYR C 77 28.33 -20.30 -24.34
N ALA C 78 27.76 -20.29 -25.53
CA ALA C 78 28.35 -20.93 -26.69
C ALA C 78 29.64 -20.23 -27.15
N LYS C 79 29.62 -18.90 -27.17
CA LYS C 79 30.79 -18.09 -27.55
C LYS C 79 31.91 -18.19 -26.54
N ASN C 80 31.59 -18.35 -25.27
CA ASN C 80 32.66 -18.53 -24.29
C ASN C 80 33.24 -19.93 -24.26
N LYS C 81 32.68 -20.82 -25.08
CA LYS C 81 33.24 -22.16 -25.24
C LYS C 81 33.89 -22.33 -26.60
N GLY C 82 33.60 -21.43 -27.53
CA GLY C 82 34.16 -21.48 -28.86
C GLY C 82 33.20 -22.01 -29.91
N LYS C 83 32.07 -22.56 -29.47
CA LYS C 83 31.08 -23.10 -30.42
C LYS C 83 30.67 -22.07 -31.44
N ILE C 84 30.65 -20.81 -31.03
CA ILE C 84 30.39 -19.69 -31.92
C ILE C 84 31.43 -18.59 -31.66
N SER C 85 31.59 -17.69 -32.63
CA SER C 85 32.19 -16.38 -32.39
C SER C 85 31.26 -15.34 -32.98
N PHE C 86 31.20 -14.16 -32.38
CA PHE C 86 30.18 -13.17 -32.72
C PHE C 86 30.33 -12.58 -34.09
N ASP C 87 31.55 -12.71 -34.62
CA ASP C 87 31.86 -12.26 -35.96
C ASP C 87 31.29 -13.16 -37.04
N ASP C 88 31.11 -14.46 -36.76
CA ASP C 88 30.61 -15.42 -37.77
C ASP C 88 29.34 -14.98 -38.44
N THR C 89 28.99 -15.73 -39.46
CA THR C 89 27.78 -15.51 -40.22
C THR C 89 26.93 -16.78 -40.18
N PRO C 90 25.62 -16.63 -40.46
CA PRO C 90 24.67 -17.74 -40.31
C PRO C 90 24.99 -18.97 -41.19
N GLY C 91 25.44 -18.71 -42.42
CA GLY C 91 25.86 -19.74 -43.35
C GLY C 91 27.01 -20.55 -42.81
N LYS C 92 27.83 -19.94 -41.94
CA LYS C 92 28.92 -20.67 -41.31
C LYS C 92 28.39 -21.83 -40.46
N TYR C 93 27.07 -21.85 -40.21
CA TYR C 93 26.42 -22.97 -39.50
C TYR C 93 25.18 -23.54 -40.20
N TRP C 94 24.31 -22.72 -40.78
CA TRP C 94 23.20 -23.24 -41.56
C TRP C 94 23.67 -23.28 -43.05
N LYS C 95 24.17 -24.44 -43.48
CA LYS C 95 24.81 -24.64 -44.82
C LYS C 95 24.03 -24.04 -45.95
N GLU C 96 22.72 -24.18 -45.87
CA GLU C 96 21.82 -23.87 -46.97
C GLU C 96 21.60 -22.38 -47.02
N LEU C 97 22.18 -21.70 -46.04
CA LEU C 97 22.25 -20.26 -46.03
C LEU C 97 23.60 -19.78 -46.51
N LYS C 98 24.55 -20.70 -46.64
CA LYS C 98 25.86 -20.35 -47.13
C LYS C 98 25.72 -19.81 -48.54
N ASN C 99 26.60 -18.85 -48.86
CA ASN C 99 26.63 -18.13 -50.14
C ASN C 99 25.34 -17.32 -50.42
N THR C 100 24.62 -16.91 -49.37
CA THR C 100 23.33 -16.19 -49.43
C THR C 100 23.49 -14.76 -48.99
N PRO C 101 22.60 -13.83 -49.42
CA PRO C 101 22.59 -12.41 -48.99
C PRO C 101 22.44 -12.15 -47.49
N ILE C 102 21.86 -13.12 -46.77
CA ILE C 102 21.67 -13.07 -45.33
C ILE C 102 22.93 -13.53 -44.65
N ASP C 103 23.82 -14.16 -45.43
CA ASP C 103 25.13 -14.61 -44.92
C ASP C 103 26.19 -13.48 -44.78
N GLN C 104 25.82 -12.26 -45.11
CA GLN C 104 26.72 -11.14 -44.85
C GLN C 104 26.41 -10.52 -43.47
N VAL C 105 25.52 -11.12 -42.69
CA VAL C 105 25.13 -10.53 -41.41
C VAL C 105 25.79 -11.27 -40.28
N ASN C 106 26.39 -10.48 -39.40
N ASN C 106 26.48 -10.57 -39.40
CA ASN C 106 27.11 -10.98 -38.25
CA ASN C 106 27.18 -11.29 -38.37
C ASN C 106 26.17 -11.65 -37.20
C ASN C 106 26.20 -11.72 -37.26
N LEU C 107 26.68 -12.61 -36.41
CA LEU C 107 25.87 -13.18 -35.32
C LEU C 107 25.50 -12.14 -34.26
N LEU C 108 26.44 -11.26 -33.90
CA LEU C 108 26.13 -10.14 -33.03
C LEU C 108 25.05 -9.24 -33.59
N GLN C 109 24.99 -9.06 -34.91
CA GLN C 109 24.06 -8.12 -35.56
C GLN C 109 22.58 -8.57 -35.57
N LEU C 110 22.43 -9.89 -35.67
CA LEU C 110 21.09 -10.50 -35.63
C LEU C 110 20.56 -10.42 -34.20
N ALA C 111 21.34 -10.96 -33.28
CA ALA C 111 21.09 -10.88 -31.83
C ALA C 111 20.61 -9.51 -31.37
N THR C 112 21.07 -8.47 -32.06
CA THR C 112 20.78 -7.08 -31.65
C THR C 112 19.89 -6.30 -32.63
N TYR C 113 19.24 -6.99 -33.58
CA TYR C 113 18.16 -6.35 -34.35
C TYR C 113 18.59 -5.28 -35.40
N THR C 114 19.84 -5.44 -35.85
CA THR C 114 20.52 -4.55 -36.81
C THR C 114 20.97 -5.34 -38.04
N SER C 115 20.03 -5.99 -38.72
CA SER C 115 20.30 -6.62 -40.02
C SER C 115 20.09 -5.56 -41.10
N GLY C 116 19.39 -4.50 -40.73
CA GLY C 116 18.95 -3.50 -41.66
C GLY C 116 17.63 -3.83 -42.31
N ASN C 117 17.25 -5.11 -42.40
CA ASN C 117 15.95 -5.48 -43.01
C ASN C 117 15.14 -6.67 -42.36
N LEU C 118 14.52 -6.42 -41.19
CA LEU C 118 13.67 -7.43 -40.48
C LEU C 118 12.61 -6.81 -39.56
N ALA C 119 11.35 -7.15 -39.81
CA ALA C 119 10.26 -6.59 -39.02
C ALA C 119 10.11 -7.35 -37.66
N LEU C 120 9.16 -6.88 -36.83
CA LEU C 120 8.88 -7.46 -35.51
C LEU C 120 8.51 -8.98 -35.64
N GLN C 121 7.66 -9.32 -36.58
CA GLN C 121 7.29 -10.73 -36.84
C GLN C 121 7.64 -11.13 -38.27
N PHE C 122 7.91 -12.42 -38.47
CA PHE C 122 7.85 -13.05 -39.82
C PHE C 122 6.49 -12.67 -40.45
N PRO C 123 6.40 -12.59 -41.80
CA PRO C 123 5.07 -12.35 -42.39
C PRO C 123 4.14 -13.55 -42.15
N ASP C 124 2.86 -13.34 -42.27
CA ASP C 124 1.86 -14.37 -41.95
C ASP C 124 2.09 -15.74 -42.58
N GLU C 125 2.24 -15.79 -43.91
CA GLU C 125 2.33 -17.06 -44.65
C GLU C 125 3.58 -17.88 -44.36
N VAL C 126 4.43 -17.40 -43.47
CA VAL C 126 5.64 -18.12 -43.06
C VAL C 126 5.46 -18.94 -41.75
N GLN C 127 5.58 -20.27 -41.82
CA GLN C 127 5.07 -21.19 -40.78
C GLN C 127 5.98 -22.40 -40.59
N THR C 128 6.04 -23.25 -41.62
CA THR C 128 6.85 -24.46 -41.59
C THR C 128 8.31 -24.14 -41.60
N ASP C 129 9.12 -25.13 -41.27
CA ASP C 129 10.59 -25.00 -41.27
C ASP C 129 11.15 -24.69 -42.65
N GLN C 130 10.51 -25.26 -43.69
CA GLN C 130 10.88 -25.03 -45.09
C GLN C 130 10.64 -23.59 -45.40
N GLN C 131 9.47 -23.11 -44.97
CA GLN C 131 9.08 -21.77 -45.25
C GLN C 131 9.97 -20.78 -44.52
N VAL C 132 10.52 -21.18 -43.39
CA VAL C 132 11.46 -20.34 -42.68
C VAL C 132 12.79 -20.30 -43.47
N LEU C 133 13.36 -21.46 -43.79
CA LEU C 133 14.60 -21.56 -44.59
C LEU C 133 14.49 -20.71 -45.85
N THR C 134 13.45 -20.94 -46.60
CA THR C 134 13.13 -20.24 -47.82
C THR C 134 13.04 -18.75 -47.62
N PHE C 135 12.59 -18.35 -46.45
CA PHE C 135 12.53 -16.94 -46.10
C PHE C 135 13.93 -16.28 -46.02
N PHE C 136 14.88 -17.01 -45.48
CA PHE C 136 16.19 -16.46 -45.20
C PHE C 136 17.10 -16.56 -46.44
N LYS C 137 16.79 -17.52 -47.31
CA LYS C 137 17.40 -17.59 -48.64
C LYS C 137 17.01 -16.35 -49.41
N ASP C 138 15.71 -16.14 -49.55
CA ASP C 138 15.18 -15.03 -50.37
C ASP C 138 15.38 -13.65 -49.73
N TRP C 139 16.05 -13.66 -48.57
CA TRP C 139 16.37 -12.45 -47.88
C TRP C 139 17.52 -11.78 -48.61
N LYS C 140 17.21 -10.61 -49.11
CA LYS C 140 18.14 -9.58 -49.56
C LYS C 140 18.30 -8.54 -48.40
N PRO C 141 19.51 -7.94 -48.22
CA PRO C 141 19.63 -6.79 -47.30
C PRO C 141 19.04 -5.60 -47.97
N LYS C 142 18.62 -4.60 -47.21
CA LYS C 142 17.76 -3.56 -47.78
C LYS C 142 17.75 -2.24 -46.96
N ASN C 143 18.91 -1.98 -46.33
CA ASN C 143 19.16 -0.78 -45.51
C ASN C 143 20.50 -1.02 -44.87
N PRO C 144 21.32 0.05 -44.72
CA PRO C 144 22.73 -0.13 -44.32
C PRO C 144 22.87 -1.11 -43.18
N ILE C 145 23.62 -2.18 -43.43
CA ILE C 145 23.80 -3.24 -42.44
C ILE C 145 24.54 -2.73 -41.22
N GLY C 146 24.27 -3.38 -40.09
CA GLY C 146 24.98 -3.11 -38.85
C GLY C 146 24.64 -1.77 -38.24
N GLU C 147 23.83 -0.96 -38.92
CA GLU C 147 23.66 0.45 -38.58
C GLU C 147 22.35 0.75 -37.91
N TYR C 148 21.29 0.06 -38.35
CA TYR C 148 19.95 0.36 -37.87
C TYR C 148 19.42 -0.72 -36.89
N ARG C 149 18.76 -0.29 -35.82
CA ARG C 149 18.15 -1.20 -34.86
C ARG C 149 16.65 -1.27 -35.09
N GLN C 150 16.15 -2.42 -35.52
CA GLN C 150 14.70 -2.63 -35.53
C GLN C 150 14.35 -3.91 -34.75
N TYR C 151 13.57 -3.75 -33.70
CA TYR C 151 13.25 -4.89 -32.80
C TYR C 151 12.60 -6.03 -33.63
N SER C 152 13.21 -7.20 -33.64
CA SER C 152 12.78 -8.28 -34.53
C SER C 152 12.86 -9.68 -33.89
N ASN C 153 11.75 -10.40 -33.94
CA ASN C 153 11.76 -11.83 -33.55
C ASN C 153 12.50 -12.69 -34.55
N PRO C 154 12.14 -12.57 -35.84
CA PRO C 154 12.97 -13.33 -36.80
C PRO C 154 14.52 -13.12 -36.64
N SER C 155 14.93 -11.89 -36.27
CA SER C 155 16.35 -11.57 -36.19
C SER C 155 16.95 -12.41 -35.13
N ILE C 156 16.50 -12.23 -33.90
CA ILE C 156 17.09 -12.98 -32.80
C ILE C 156 16.73 -14.48 -32.82
N GLY C 157 15.65 -14.88 -33.47
CA GLY C 157 15.43 -16.33 -33.61
C GLY C 157 16.49 -17.02 -34.45
N LEU C 158 16.88 -16.40 -35.56
CA LEU C 158 17.96 -16.95 -36.40
C LEU C 158 19.21 -17.09 -35.57
N PHE C 159 19.50 -16.09 -34.72
CA PHE C 159 20.67 -16.15 -33.82
C PHE C 159 20.50 -17.35 -32.94
N GLY C 160 19.29 -17.52 -32.40
CA GLY C 160 19.00 -18.74 -31.63
C GLY C 160 19.26 -20.06 -32.39
N LYS C 161 18.67 -20.20 -33.57
CA LYS C 161 18.80 -21.47 -34.35
C LYS C 161 20.27 -21.80 -34.54
N VAL C 162 21.00 -20.78 -34.95
CA VAL C 162 22.44 -20.92 -35.17
C VAL C 162 23.13 -21.44 -33.92
N VAL C 163 22.84 -20.77 -32.81
CA VAL C 163 23.42 -21.21 -31.58
C VAL C 163 23.16 -22.70 -31.34
N ALA C 164 21.92 -23.17 -31.58
CA ALA C 164 21.59 -24.59 -31.29
C ALA C 164 22.40 -25.58 -32.19
N LEU C 165 22.60 -25.20 -33.45
CA LEU C 165 23.44 -26.01 -34.39
C LEU C 165 24.87 -26.15 -33.87
N SER C 166 25.50 -25.01 -33.55
CA SER C 166 26.86 -24.99 -33.01
C SER C 166 26.99 -25.90 -31.82
N MET C 167 25.88 -26.13 -31.13
CA MET C 167 25.88 -27.06 -30.03
C MET C 167 25.40 -28.44 -30.50
N ASN C 168 25.08 -28.55 -31.79
CA ASN C 168 24.49 -29.72 -32.44
C ASN C 168 23.35 -30.31 -31.59
N LYS C 169 22.34 -29.47 -31.37
CA LYS C 169 21.25 -29.76 -30.43
C LYS C 169 20.12 -28.88 -30.83
N PRO C 170 18.89 -29.41 -30.81
CA PRO C 170 17.79 -28.48 -31.02
C PRO C 170 17.74 -27.38 -29.94
N PHE C 171 17.19 -26.23 -30.30
CA PHE C 171 17.19 -25.07 -29.40
C PHE C 171 16.55 -25.39 -28.07
N ASP C 172 15.41 -26.06 -28.11
CA ASP C 172 14.72 -26.51 -26.91
C ASP C 172 15.59 -27.31 -25.95
N GLN C 173 16.44 -28.19 -26.48
CA GLN C 173 17.43 -28.91 -25.66
C GLN C 173 18.61 -28.04 -25.16
N VAL C 174 19.05 -27.08 -25.96
CA VAL C 174 20.13 -26.18 -25.45
C VAL C 174 19.68 -25.49 -24.14
N LEU C 175 18.41 -25.09 -24.06
CA LEU C 175 17.97 -24.53 -22.79
C LEU C 175 17.68 -25.62 -21.74
N GLU C 176 16.83 -26.57 -22.14
CA GLU C 176 16.32 -27.56 -21.16
C GLU C 176 17.42 -28.50 -20.63
N LYS C 177 18.43 -28.75 -21.45
CA LYS C 177 19.54 -29.62 -21.04
C LYS C 177 20.83 -28.89 -20.60
N THR C 178 21.15 -27.72 -21.14
CA THR C 178 22.41 -27.10 -20.75
C THR C 178 22.27 -25.86 -19.88
N ILE C 179 21.49 -24.90 -20.36
CA ILE C 179 21.37 -23.57 -19.71
C ILE C 179 20.54 -23.52 -18.44
N PHE C 180 19.29 -23.98 -18.47
CA PHE C 180 18.50 -24.03 -17.24
C PHE C 180 19.19 -24.84 -16.16
N PRO C 181 19.75 -26.03 -16.51
CA PRO C 181 20.40 -26.75 -15.42
C PRO C 181 21.62 -26.01 -14.89
N ALA C 182 22.39 -25.38 -15.79
CA ALA C 182 23.51 -24.52 -15.37
C ALA C 182 23.09 -23.41 -14.44
N LEU C 183 21.90 -22.85 -14.68
CA LEU C 183 21.40 -21.75 -13.86
C LEU C 183 20.74 -22.29 -12.61
N GLY C 184 20.51 -23.61 -12.58
CA GLY C 184 19.90 -24.26 -11.44
C GLY C 184 18.39 -24.04 -11.38
N LEU C 185 17.75 -24.03 -12.54
CA LEU C 185 16.33 -23.74 -12.68
C LEU C 185 15.58 -25.07 -12.89
N LYS C 186 14.71 -25.45 -11.97
CA LYS C 186 13.98 -26.74 -12.04
C LYS C 186 12.71 -26.74 -12.88
N HIS C 187 12.10 -25.58 -13.08
CA HIS C 187 10.76 -25.55 -13.65
C HIS C 187 10.65 -24.50 -14.72
N SER C 188 11.63 -24.50 -15.61
CA SER C 188 11.67 -23.66 -16.76
C SER C 188 11.72 -24.53 -17.99
N TYR C 189 10.92 -24.18 -18.99
CA TYR C 189 10.59 -25.06 -20.13
C TYR C 189 10.42 -24.22 -21.39
N VAL C 190 10.83 -24.80 -22.51
CA VAL C 190 10.34 -24.45 -23.87
C VAL C 190 9.03 -25.21 -24.20
N ASN C 191 9.00 -26.49 -23.87
CA ASN C 191 7.84 -27.35 -23.99
C ASN C 191 7.45 -27.89 -22.62
N VAL C 192 6.27 -27.49 -22.16
CA VAL C 192 5.83 -27.87 -20.87
C VAL C 192 5.46 -29.35 -20.93
N PRO C 193 6.02 -30.15 -20.05
CA PRO C 193 5.69 -31.58 -20.12
C PRO C 193 4.30 -31.92 -19.54
N LYS C 194 3.87 -33.17 -19.78
CA LYS C 194 2.60 -33.72 -19.22
C LYS C 194 2.51 -33.60 -17.68
N THR C 195 3.60 -33.93 -17.01
CA THR C 195 3.61 -33.87 -15.55
C THR C 195 3.57 -32.45 -14.98
N GLN C 196 3.63 -31.44 -15.85
CA GLN C 196 3.50 -30.05 -15.38
C GLN C 196 2.34 -29.29 -15.98
N MET C 197 1.54 -29.92 -16.85
CA MET C 197 0.44 -29.19 -17.41
C MET C 197 -0.54 -28.70 -16.31
N GLN C 198 -0.67 -29.43 -15.20
N GLN C 198 -0.67 -29.43 -15.20
CA GLN C 198 -1.55 -29.00 -14.12
CA GLN C 198 -1.55 -29.01 -14.09
C GLN C 198 -1.06 -27.70 -13.45
C GLN C 198 -1.04 -27.73 -13.39
N ASN C 199 0.23 -27.37 -13.61
CA ASN C 199 0.78 -26.12 -13.03
C ASN C 199 0.86 -24.95 -14.06
N TYR C 200 0.57 -25.23 -15.30
CA TYR C 200 0.75 -24.28 -16.40
C TYR C 200 -0.48 -23.41 -16.48
N ALA C 201 -0.33 -22.16 -16.09
CA ALA C 201 -1.36 -21.17 -16.20
C ALA C 201 -1.93 -21.02 -17.59
N PHE C 202 -3.22 -20.73 -17.69
CA PHE C 202 -3.77 -20.18 -18.92
C PHE C 202 -3.50 -18.68 -18.93
N GLY C 203 -3.34 -18.15 -20.17
CA GLY C 203 -3.36 -16.72 -20.45
C GLY C 203 -4.78 -16.32 -20.72
N TYR C 204 -5.04 -15.03 -20.61
CA TYR C 204 -6.40 -14.45 -20.79
C TYR C 204 -6.28 -13.27 -21.78
N ASN C 205 -7.12 -13.28 -22.80
CA ASN C 205 -7.11 -12.23 -23.82
C ASN C 205 -7.97 -11.04 -23.33
N GLN C 206 -8.27 -10.10 -24.21
CA GLN C 206 -8.94 -8.89 -23.77
C GLN C 206 -10.38 -9.16 -23.39
N GLU C 207 -10.94 -10.26 -23.85
CA GLU C 207 -12.26 -10.72 -23.45
C GLU C 207 -12.29 -11.57 -22.16
N ASN C 208 -11.14 -11.69 -21.42
CA ASN C 208 -10.94 -12.61 -20.31
C ASN C 208 -11.34 -14.03 -20.67
N GLN C 209 -10.83 -14.50 -21.81
CA GLN C 209 -11.04 -15.87 -22.27
C GLN C 209 -9.72 -16.50 -22.42
N PRO C 210 -9.60 -17.82 -22.12
CA PRO C 210 -8.33 -18.48 -21.98
C PRO C 210 -7.60 -18.71 -23.33
N ILE C 211 -6.29 -18.55 -23.30
CA ILE C 211 -5.50 -18.65 -24.54
C ILE C 211 -4.10 -19.04 -24.12
N ARG C 212 -3.48 -19.95 -24.86
CA ARG C 212 -2.08 -20.26 -24.68
C ARG C 212 -1.34 -19.89 -26.01
N VAL C 213 -0.02 -19.75 -25.91
CA VAL C 213 0.83 -19.28 -27.04
C VAL C 213 0.80 -20.36 -28.13
N ASN C 214 0.53 -19.94 -29.34
CA ASN C 214 0.59 -20.76 -30.51
C ASN C 214 1.98 -21.13 -31.00
N PRO C 215 2.12 -22.37 -31.52
CA PRO C 215 3.37 -22.67 -32.22
C PRO C 215 3.56 -21.63 -33.33
N GLY C 216 4.80 -21.18 -33.52
CA GLY C 216 5.12 -20.37 -34.68
C GLY C 216 6.57 -20.48 -35.12
N PRO C 217 6.95 -19.78 -36.19
CA PRO C 217 8.31 -19.90 -36.74
C PRO C 217 9.42 -19.33 -35.85
N LEU C 218 10.39 -20.17 -35.50
CA LEU C 218 11.46 -19.81 -34.55
C LEU C 218 10.91 -19.18 -33.26
N ASP C 219 9.72 -19.68 -32.85
CA ASP C 219 8.98 -19.17 -31.69
C ASP C 219 9.86 -19.23 -30.48
N ALA C 220 10.50 -20.36 -30.26
CA ALA C 220 11.17 -20.56 -29.03
C ALA C 220 12.24 -19.53 -28.64
N PRO C 221 13.21 -19.23 -29.54
CA PRO C 221 14.25 -18.29 -29.03
C PRO C 221 13.75 -16.86 -28.90
N ALA C 222 12.66 -16.56 -29.62
CA ALA C 222 12.03 -15.25 -29.64
C ALA C 222 11.06 -14.98 -28.45
N TYR C 223 10.13 -15.89 -28.19
CA TYR C 223 9.10 -15.67 -27.14
C TYR C 223 8.53 -16.92 -26.48
N GLY C 224 9.31 -18.02 -26.47
CA GLY C 224 8.81 -19.39 -26.25
C GLY C 224 9.07 -20.08 -24.90
N VAL C 225 9.71 -19.36 -23.97
CA VAL C 225 10.00 -19.90 -22.67
C VAL C 225 8.86 -19.68 -21.65
N LYS C 226 8.75 -20.66 -20.77
CA LYS C 226 7.79 -20.67 -19.66
C LYS C 226 8.52 -20.96 -18.35
N SER C 227 8.20 -20.20 -17.31
CA SER C 227 8.92 -20.37 -16.04
C SER C 227 8.00 -20.05 -14.83
N THR C 228 8.47 -20.33 -13.61
CA THR C 228 7.76 -20.04 -12.39
C THR C 228 8.43 -18.80 -11.78
N LEU C 229 7.80 -18.20 -10.79
CA LEU C 229 8.36 -17.09 -10.06
C LEU C 229 9.65 -17.48 -9.28
N PRO C 230 9.66 -18.64 -8.59
CA PRO C 230 10.93 -19.01 -7.94
C PRO C 230 12.06 -19.17 -8.93
N ASP C 231 11.82 -19.78 -10.08
CA ASP C 231 12.87 -19.85 -11.09
C ASP C 231 13.35 -18.48 -11.60
N MET C 232 12.44 -17.56 -11.84
CA MET C 232 12.80 -16.30 -12.39
C MET C 232 13.54 -15.47 -11.33
N LEU C 233 13.26 -15.65 -10.04
CA LEU C 233 14.08 -15.03 -8.98
C LEU C 233 15.49 -15.63 -8.92
N SER C 234 15.61 -16.91 -9.19
CA SER C 234 16.95 -17.49 -9.28
C SER C 234 17.72 -16.96 -10.47
N PHE C 235 17.05 -16.82 -11.60
CA PHE C 235 17.62 -16.20 -12.74
C PHE C 235 18.08 -14.74 -12.47
N ILE C 236 17.28 -13.96 -11.75
CA ILE C 236 17.70 -12.63 -11.35
C ILE C 236 18.88 -12.70 -10.35
N HIS C 237 18.83 -13.63 -9.40
CA HIS C 237 19.95 -13.83 -8.51
C HIS C 237 21.27 -14.12 -9.24
N ALA C 238 21.24 -14.95 -10.26
CA ALA C 238 22.41 -15.24 -11.05
C ALA C 238 22.96 -14.03 -11.83
N ASN C 239 22.09 -13.26 -12.48
CA ASN C 239 22.48 -12.02 -13.14
C ASN C 239 23.09 -11.03 -12.13
N LEU C 240 22.60 -11.01 -10.88
CA LEU C 240 23.14 -10.18 -9.82
C LEU C 240 24.46 -10.70 -9.20
N ASN C 241 24.69 -12.01 -9.18
CA ASN C 241 25.85 -12.60 -8.49
C ASN C 241 26.48 -13.68 -9.33
N PRO C 242 26.85 -13.34 -10.56
CA PRO C 242 27.36 -14.36 -11.43
C PRO C 242 28.65 -15.04 -10.91
N GLN C 243 29.46 -14.34 -10.11
CA GLN C 243 30.71 -14.93 -9.58
C GLN C 243 30.44 -16.07 -8.61
N LYS C 244 29.21 -16.24 -8.17
CA LYS C 244 28.87 -17.36 -7.29
C LYS C 244 28.52 -18.64 -8.07
N TYR C 245 28.70 -18.60 -9.40
CA TYR C 245 28.41 -19.70 -10.33
C TYR C 245 29.66 -20.22 -11.02
N PRO C 246 29.58 -21.45 -11.54
CA PRO C 246 30.70 -21.96 -12.30
C PRO C 246 30.97 -21.14 -13.54
N THR C 247 32.23 -21.20 -13.91
CA THR C 247 32.83 -20.41 -14.94
C THR C 247 32.08 -20.35 -16.28
N ASP C 248 31.72 -21.50 -16.88
CA ASP C 248 31.04 -21.47 -18.20
C ASP C 248 29.76 -20.61 -18.18
N ILE C 249 28.99 -20.73 -17.11
CA ILE C 249 27.71 -20.00 -17.10
C ILE C 249 27.93 -18.59 -16.56
N GLN C 250 28.79 -18.46 -15.54
CA GLN C 250 29.33 -17.17 -15.09
C GLN C 250 29.69 -16.24 -16.29
N ARG C 251 30.52 -16.70 -17.20
CA ARG C 251 30.87 -15.91 -18.36
C ARG C 251 29.72 -15.66 -19.32
N ALA C 252 28.83 -16.64 -19.46
CA ALA C 252 27.66 -16.45 -20.34
C ALA C 252 26.83 -15.25 -19.90
N ILE C 253 26.53 -15.22 -18.61
CA ILE C 253 25.79 -14.11 -17.96
C ILE C 253 26.49 -12.75 -18.17
N ASN C 254 27.77 -12.65 -17.75
CA ASN C 254 28.58 -11.41 -18.01
C ASN C 254 28.51 -10.97 -19.42
N GLU C 255 28.65 -11.90 -20.35
CA GLU C 255 28.46 -11.61 -21.74
C GLU C 255 27.12 -10.89 -22.08
N THR C 256 26.03 -11.22 -21.37
CA THR C 256 24.79 -10.48 -21.60
C THR C 256 24.74 -9.13 -20.89
N HIS C 257 25.74 -8.75 -20.08
CA HIS C 257 25.71 -7.40 -19.46
C HIS C 257 26.49 -6.31 -20.22
N GLN C 258 27.20 -6.71 -21.26
CA GLN C 258 27.98 -5.78 -22.11
C GLN C 258 27.10 -4.96 -23.05
N GLY C 259 27.17 -3.64 -22.95
CA GLY C 259 26.58 -2.74 -23.93
C GLY C 259 27.19 -2.95 -25.30
N ARG C 260 26.39 -3.00 -26.35
CA ARG C 260 26.92 -3.19 -27.68
C ARG C 260 26.79 -1.92 -28.48
N TYR C 261 25.76 -1.12 -28.20
CA TYR C 261 25.55 0.16 -28.88
C TYR C 261 24.54 0.94 -28.12
N GLN C 262 24.27 2.16 -28.57
CA GLN C 262 23.39 3.08 -27.89
C GLN C 262 22.32 3.58 -28.84
N VAL C 263 21.14 3.84 -28.25
CA VAL C 263 20.03 4.51 -28.90
C VAL C 263 19.45 5.36 -27.77
N ASN C 264 19.76 6.68 -27.82
CA ASN C 264 19.32 7.65 -26.86
C ASN C 264 19.83 7.32 -25.49
N THR C 265 18.96 7.34 -24.47
CA THR C 265 19.35 7.02 -23.12
C THR C 265 19.41 5.49 -22.84
N MET C 266 19.18 4.67 -23.88
CA MET C 266 19.27 3.20 -23.75
C MET C 266 20.46 2.60 -24.49
N TYR C 267 21.09 1.66 -23.79
CA TYR C 267 22.19 0.83 -24.29
C TYR C 267 21.71 -0.62 -24.57
N GLN C 268 22.00 -1.16 -25.75
CA GLN C 268 21.42 -2.47 -26.09
C GLN C 268 22.41 -3.51 -25.71
N ALA C 269 22.16 -4.31 -24.69
CA ALA C 269 23.05 -5.43 -24.40
C ALA C 269 22.55 -6.64 -25.17
N LEU C 270 23.09 -7.80 -24.89
CA LEU C 270 22.65 -9.06 -25.49
C LEU C 270 21.33 -9.42 -24.76
N GLY C 271 20.18 -9.25 -25.43
CA GLY C 271 18.89 -9.46 -24.78
C GLY C 271 18.37 -8.33 -23.89
N TRP C 272 19.10 -8.07 -22.80
CA TRP C 272 18.80 -7.03 -21.82
C TRP C 272 18.87 -5.66 -22.46
N GLU C 273 18.09 -4.74 -21.94
CA GLU C 273 18.20 -3.32 -22.18
C GLU C 273 18.91 -2.78 -20.96
N GLU C 274 19.84 -1.85 -21.22
CA GLU C 274 20.75 -1.32 -20.19
C GLU C 274 20.66 0.23 -20.11
N PHE C 275 20.72 0.77 -18.89
CA PHE C 275 20.63 2.20 -18.59
C PHE C 275 21.66 2.51 -17.53
N SER C 276 22.13 3.75 -17.52
CA SER C 276 23.00 4.26 -16.45
C SER C 276 22.13 4.45 -15.22
N TYR C 277 22.63 4.06 -14.06
CA TYR C 277 21.87 4.11 -12.84
C TYR C 277 22.46 5.18 -11.97
N PRO C 278 21.63 5.98 -11.30
CA PRO C 278 20.16 5.92 -11.26
C PRO C 278 19.57 6.22 -12.61
N ALA C 279 18.48 5.55 -12.97
CA ALA C 279 17.72 5.90 -14.17
C ALA C 279 16.40 6.48 -13.75
N THR C 280 15.92 7.47 -14.47
CA THR C 280 14.65 8.09 -14.11
C THR C 280 13.51 7.21 -14.62
N LEU C 281 12.37 7.26 -13.91
CA LEU C 281 11.16 6.59 -14.41
C LEU C 281 10.98 6.90 -15.89
N GLN C 282 11.11 8.18 -16.22
CA GLN C 282 10.96 8.58 -17.59
C GLN C 282 11.93 7.91 -18.58
N THR C 283 13.16 7.67 -18.15
CA THR C 283 14.11 6.98 -18.97
C THR C 283 13.69 5.51 -19.26
N LEU C 284 13.23 4.83 -18.23
CA LEU C 284 12.80 3.45 -18.39
C LEU C 284 11.51 3.44 -19.24
N LEU C 285 10.62 4.39 -19.04
CA LEU C 285 9.41 4.47 -19.88
C LEU C 285 9.75 4.64 -21.35
N ASP C 286 10.78 5.45 -21.62
CA ASP C 286 11.11 5.76 -23.01
C ASP C 286 11.63 4.55 -23.79
N SER C 287 12.32 3.63 -23.10
CA SER C 287 12.85 2.42 -23.74
C SER C 287 11.77 1.53 -24.34
N ASN C 288 10.48 1.79 -24.09
CA ASN C 288 9.34 1.00 -24.58
C ASN C 288 8.28 1.89 -25.30
N SER C 289 8.71 2.97 -25.96
CA SER C 289 7.80 3.84 -26.72
C SER C 289 7.54 3.25 -28.09
N GLU C 290 6.42 3.62 -28.73
CA GLU C 290 6.13 3.14 -30.08
C GLU C 290 7.34 3.22 -31.03
N GLN C 291 8.13 4.29 -30.88
CA GLN C 291 9.27 4.61 -31.77
C GLN C 291 10.51 3.71 -31.58
N ILE C 292 10.83 3.41 -30.32
CA ILE C 292 11.91 2.44 -30.05
C ILE C 292 11.49 1.01 -30.41
N VAL C 293 10.19 0.69 -30.21
CA VAL C 293 9.71 -0.68 -30.37
C VAL C 293 9.29 -1.04 -31.80
N MET C 294 8.53 -0.17 -32.47
CA MET C 294 7.99 -0.51 -33.79
C MET C 294 8.85 -0.03 -34.95
N LYS C 295 9.32 1.22 -34.89
CA LYS C 295 10.08 1.84 -35.99
C LYS C 295 11.59 1.51 -35.84
N PRO C 296 12.40 1.70 -36.89
CA PRO C 296 13.88 1.47 -36.86
C PRO C 296 14.67 2.70 -36.37
N ASN C 297 15.92 2.52 -35.96
CA ASN C 297 16.61 3.57 -35.23
C ASN C 297 18.12 3.54 -35.43
N LYS C 298 18.64 4.65 -35.96
CA LYS C 298 20.07 4.78 -36.22
C LYS C 298 20.80 4.53 -34.90
N VAL C 299 21.73 3.58 -34.93
CA VAL C 299 22.50 3.20 -33.75
C VAL C 299 23.57 4.30 -33.46
N THR C 300 24.21 4.20 -32.29
CA THR C 300 25.36 5.05 -31.90
C THR C 300 26.40 4.16 -31.19
N ALA C 301 27.67 4.27 -31.52
CA ALA C 301 28.66 3.52 -30.77
C ALA C 301 28.84 4.14 -29.39
N ILE C 302 29.31 3.34 -28.46
CA ILE C 302 29.45 3.75 -27.08
C ILE C 302 30.81 4.42 -26.88
N SER C 303 30.79 5.67 -26.43
CA SER C 303 32.06 6.37 -26.17
C SER C 303 32.61 6.02 -24.78
N LYS C 304 31.75 6.05 -23.78
CA LYS C 304 32.04 5.48 -22.47
C LYS C 304 30.84 4.58 -22.14
N GLU C 305 31.09 3.36 -21.68
CA GLU C 305 30.03 2.55 -21.02
C GLU C 305 29.77 3.11 -19.59
N PRO C 306 28.49 3.30 -19.19
CA PRO C 306 28.18 3.80 -17.85
C PRO C 306 29.01 3.17 -16.76
N SER C 307 29.43 3.99 -15.81
CA SER C 307 30.18 3.53 -14.65
C SER C 307 29.31 2.55 -13.84
N VAL C 308 28.06 2.94 -13.57
CA VAL C 308 27.09 2.11 -12.81
C VAL C 308 25.84 1.87 -13.67
N LYS C 309 25.32 0.64 -13.67
CA LYS C 309 24.32 0.19 -14.63
C LYS C 309 23.04 -0.41 -13.98
N MET C 310 21.95 -0.44 -14.74
CA MET C 310 20.77 -1.27 -14.39
C MET C 310 20.21 -1.79 -15.70
N TYR C 311 19.36 -2.80 -15.60
CA TYR C 311 18.92 -3.48 -16.79
C TYR C 311 17.46 -3.90 -16.61
N HIS C 312 16.71 -4.00 -17.70
CA HIS C 312 15.36 -4.47 -17.63
C HIS C 312 14.93 -5.13 -18.99
N LYS C 313 13.77 -5.75 -18.98
CA LYS C 313 13.21 -6.37 -20.16
C LYS C 313 11.74 -6.63 -19.88
N THR C 314 10.91 -6.25 -20.85
CA THR C 314 9.48 -6.48 -20.82
C THR C 314 9.18 -7.59 -21.82
N GLY C 315 8.10 -8.31 -21.58
CA GLY C 315 7.79 -9.50 -22.35
C GLY C 315 6.30 -9.73 -22.34
N SER C 316 5.80 -10.18 -23.47
CA SER C 316 4.38 -10.42 -23.62
C SER C 316 4.16 -11.53 -24.59
N THR C 317 3.13 -12.33 -24.32
CA THR C 317 2.49 -13.13 -25.36
C THR C 317 1.08 -12.63 -25.38
N SER C 318 0.23 -13.24 -26.19
N SER C 318 0.24 -13.24 -26.20
CA SER C 318 -1.15 -12.78 -26.28
CA SER C 318 -1.14 -12.81 -26.27
C SER C 318 -1.93 -12.79 -24.97
C SER C 318 -1.81 -12.70 -24.90
N GLY C 319 -1.60 -13.68 -24.05
CA GLY C 319 -2.32 -13.73 -22.80
C GLY C 319 -1.54 -13.48 -21.53
N PHE C 320 -0.26 -13.13 -21.67
CA PHE C 320 0.68 -13.03 -20.52
C PHE C 320 1.57 -11.77 -20.62
N GLY C 321 1.81 -11.16 -19.47
CA GLY C 321 2.74 -10.01 -19.29
C GLY C 321 3.85 -10.35 -18.31
N THR C 322 5.07 -9.91 -18.65
CA THR C 322 6.23 -10.16 -17.84
C THR C 322 7.10 -8.85 -17.78
N TYR C 323 7.75 -8.63 -16.66
CA TYR C 323 8.74 -7.55 -16.55
C TYR C 323 9.74 -8.03 -15.57
N VAL C 324 11.02 -7.91 -15.94
CA VAL C 324 12.10 -8.22 -15.04
C VAL C 324 13.09 -7.03 -14.99
N VAL C 325 13.68 -6.77 -13.83
CA VAL C 325 14.58 -5.62 -13.68
C VAL C 325 15.58 -5.91 -12.56
N PHE C 326 16.88 -5.58 -12.74
CA PHE C 326 17.87 -5.66 -11.61
C PHE C 326 18.89 -4.48 -11.60
N ILE C 327 19.37 -4.18 -10.40
CA ILE C 327 20.27 -3.06 -10.16
C ILE C 327 21.45 -3.61 -9.35
N PRO C 328 22.54 -3.97 -10.02
CA PRO C 328 23.62 -4.70 -9.35
C PRO C 328 24.17 -3.98 -8.13
N LYS C 329 24.40 -2.68 -8.30
CA LYS C 329 24.84 -1.79 -7.22
C LYS C 329 24.05 -2.00 -5.93
N GLU C 330 22.73 -2.05 -6.04
CA GLU C 330 21.89 -2.17 -4.87
C GLU C 330 21.56 -3.60 -4.43
N ASN C 331 22.17 -4.60 -5.08
CA ASN C 331 21.82 -6.02 -4.96
C ASN C 331 20.30 -6.32 -4.83
N ILE C 332 19.55 -5.80 -5.80
CA ILE C 332 18.10 -5.93 -5.77
C ILE C 332 17.55 -6.20 -7.18
N GLY C 333 16.47 -6.95 -7.28
CA GLY C 333 15.83 -7.15 -8.58
C GLY C 333 14.35 -7.46 -8.37
N LEU C 334 13.58 -7.38 -9.45
CA LEU C 334 12.16 -7.66 -9.38
C LEU C 334 11.67 -8.39 -10.59
N VAL C 335 10.74 -9.32 -10.31
CA VAL C 335 10.04 -10.07 -11.36
C VAL C 335 8.52 -9.91 -11.18
N MET C 336 7.84 -9.50 -12.25
CA MET C 336 6.37 -9.52 -12.32
C MET C 336 5.92 -10.47 -13.46
N LEU C 337 4.98 -11.36 -13.11
CA LEU C 337 4.32 -12.31 -14.03
C LEU C 337 2.79 -12.16 -13.93
N THR C 338 2.11 -11.91 -15.03
CA THR C 338 0.64 -11.86 -15.06
C THR C 338 0.18 -12.79 -16.20
N ASN C 339 -1.00 -13.34 -16.00
CA ASN C 339 -1.67 -14.14 -17.01
C ASN C 339 -2.73 -13.35 -17.77
N LYS C 340 -2.49 -12.04 -17.87
CA LYS C 340 -3.11 -11.20 -18.86
C LYS C 340 -2.17 -10.04 -19.14
N ARG C 341 -2.11 -9.62 -20.39
CA ARG C 341 -1.34 -8.42 -20.75
C ARG C 341 -1.94 -7.22 -20.09
N ILE C 342 -1.06 -6.49 -19.40
CA ILE C 342 -1.28 -5.08 -19.01
C ILE C 342 -0.25 -4.12 -19.65
N PRO C 343 -0.55 -2.82 -19.69
CA PRO C 343 0.41 -1.96 -20.40
C PRO C 343 1.82 -1.96 -19.76
N ASN C 344 2.83 -1.99 -20.62
CA ASN C 344 4.21 -1.95 -20.17
C ASN C 344 4.57 -0.83 -19.22
N GLU C 345 4.06 0.35 -19.50
CA GLU C 345 4.31 1.51 -18.63
C GLU C 345 3.81 1.19 -17.26
N GLU C 346 2.71 0.43 -17.12
CA GLU C 346 2.22 0.11 -15.76
C GLU C 346 3.13 -0.85 -14.99
N ARG C 347 3.81 -1.72 -15.73
CA ARG C 347 4.75 -2.71 -15.14
C ARG C 347 5.97 -1.94 -14.67
N ILE C 348 6.50 -1.15 -15.59
CA ILE C 348 7.70 -0.31 -15.27
C ILE C 348 7.45 0.59 -14.05
N LYS C 349 6.35 1.31 -14.06
CA LYS C 349 6.03 2.25 -12.98
C LYS C 349 5.89 1.58 -11.60
N ALA C 350 5.07 0.53 -11.53
CA ALA C 350 4.88 -0.18 -10.28
C ALA C 350 6.19 -0.73 -9.73
N ALA C 351 7.03 -1.26 -10.61
CA ALA C 351 8.34 -1.77 -10.18
C ALA C 351 9.24 -0.57 -9.77
N TYR C 352 9.22 0.46 -10.59
CA TYR C 352 10.03 1.65 -10.30
C TYR C 352 9.64 2.13 -8.88
N VAL C 353 8.35 2.30 -8.58
CA VAL C 353 7.93 2.80 -7.29
C VAL C 353 8.37 1.87 -6.20
N VAL C 354 8.06 0.59 -6.30
CA VAL C 354 8.52 -0.38 -5.29
C VAL C 354 10.05 -0.39 -5.00
N LEU C 355 10.85 -0.42 -6.05
CA LEU C 355 12.33 -0.55 -5.89
C LEU C 355 12.91 0.75 -5.34
N ASN C 356 12.32 1.90 -5.67
N ASN C 356 12.32 1.90 -5.68
CA ASN C 356 12.71 3.18 -5.08
CA ASN C 356 12.70 3.21 -5.12
C ASN C 356 11.93 3.54 -3.84
C ASN C 356 12.14 3.49 -3.72
N ALA C 357 11.44 2.53 -3.12
CA ALA C 357 10.80 2.71 -1.80
C ALA C 357 11.27 1.73 -0.75
N ILE C 358 11.81 0.57 -1.14
CA ILE C 358 12.31 -0.42 -0.19
C ILE C 358 13.57 0.13 0.51
N LYS C 359 13.71 -0.17 1.80
CA LYS C 359 14.92 0.15 2.61
C LYS C 359 16.12 -0.63 2.11
N PRO D 4 16.34 42.55 22.96
CA PRO D 4 15.93 41.27 22.38
C PRO D 4 16.35 40.07 23.25
N LYS D 5 16.05 38.86 22.76
CA LYS D 5 16.54 37.61 23.38
C LYS D 5 18.09 37.63 23.40
N ASP D 6 18.68 38.22 22.35
CA ASP D 6 20.13 38.41 22.24
C ASP D 6 20.73 38.78 23.59
N GLN D 7 20.19 39.84 24.19
CA GLN D 7 20.71 40.33 25.45
C GLN D 7 20.34 39.43 26.64
N GLU D 8 19.20 38.74 26.56
CA GLU D 8 18.71 37.87 27.64
C GLU D 8 19.61 36.63 27.84
N ILE D 9 19.71 35.86 26.76
CA ILE D 9 20.56 34.67 26.69
C ILE D 9 21.99 35.00 27.15
N LYS D 10 22.61 36.02 26.52
CA LYS D 10 23.98 36.49 26.86
C LYS D 10 24.09 36.72 28.35
N LYS D 11 23.03 37.24 28.96
CA LYS D 11 22.96 37.45 30.41
C LYS D 11 23.00 36.14 31.19
N LEU D 12 22.24 35.17 30.69
CA LEU D 12 22.14 33.85 31.33
C LEU D 12 23.46 33.03 31.22
N VAL D 13 24.13 33.15 30.08
CA VAL D 13 25.37 32.41 29.82
C VAL D 13 26.46 33.05 30.63
N ASP D 14 26.47 34.38 30.68
CA ASP D 14 27.43 35.08 31.52
C ASP D 14 27.29 34.58 32.93
N GLN D 15 26.05 34.41 33.38
CA GLN D 15 25.80 34.02 34.76
C GLN D 15 26.22 32.60 35.08
N ASN D 16 25.80 31.66 34.23
CA ASN D 16 26.00 30.24 34.51
C ASN D 16 27.30 29.63 33.94
N PHE D 17 27.85 30.17 32.85
CA PHE D 17 29.08 29.59 32.26
C PHE D 17 30.34 30.37 32.53
N LYS D 18 30.26 31.71 32.48
CA LYS D 18 31.44 32.56 32.64
C LYS D 18 32.21 32.36 33.92
N PRO D 19 31.53 32.10 35.03
CA PRO D 19 32.38 31.96 36.19
C PRO D 19 33.17 30.65 36.18
N LEU D 20 32.88 29.77 35.22
CA LEU D 20 33.60 28.48 35.16
C LEU D 20 35.06 28.70 34.72
N LEU D 21 35.27 29.78 33.98
CA LEU D 21 36.58 30.10 33.47
C LEU D 21 37.51 30.50 34.57
N GLU D 22 37.07 31.44 35.41
CA GLU D 22 37.89 31.87 36.53
C GLU D 22 38.03 30.76 37.53
N LYS D 23 37.03 29.87 37.65
CA LYS D 23 37.01 28.83 38.70
C LYS D 23 37.96 27.71 38.41
N TYR D 24 38.08 27.35 37.13
CA TYR D 24 38.89 26.19 36.71
C TYR D 24 40.14 26.60 35.94
N ASP D 25 40.37 27.91 35.83
CA ASP D 25 41.56 28.43 35.20
C ASP D 25 41.56 28.11 33.69
N VAL D 26 40.38 28.22 33.09
CA VAL D 26 40.20 27.89 31.70
C VAL D 26 40.53 29.08 30.84
N PRO D 27 41.46 28.93 29.90
CA PRO D 27 41.77 30.12 29.13
C PRO D 27 40.69 30.66 28.19
N GLY D 28 40.00 29.79 27.51
CA GLY D 28 39.03 30.23 26.53
C GLY D 28 37.82 29.32 26.47
N MET D 29 36.68 29.87 26.01
CA MET D 29 35.39 29.16 26.03
CA MET D 29 35.42 29.12 25.93
C MET D 29 34.49 29.77 24.96
N ALA D 30 33.68 28.93 24.32
CA ALA D 30 32.64 29.37 23.37
C ALA D 30 31.33 28.65 23.73
N VAL D 31 30.26 29.41 23.89
CA VAL D 31 28.94 28.88 24.28
C VAL D 31 27.91 29.35 23.27
N GLY D 32 27.15 28.40 22.73
CA GLY D 32 26.19 28.70 21.69
C GLY D 32 24.85 28.13 22.08
N VAL D 33 23.79 28.85 21.67
CA VAL D 33 22.37 28.44 21.85
C VAL D 33 21.62 28.58 20.56
N ILE D 34 20.81 27.58 20.25
CA ILE D 34 19.89 27.67 19.13
C ILE D 34 18.48 27.47 19.69
N GLN D 35 17.56 28.29 19.16
CA GLN D 35 16.14 28.19 19.49
C GLN D 35 15.30 28.70 18.36
N ASN D 36 14.35 27.88 17.92
CA ASN D 36 13.40 28.24 16.85
C ASN D 36 14.13 28.83 15.66
N ASN D 37 15.30 28.25 15.34
CA ASN D 37 16.19 28.73 14.25
C ASN D 37 17.00 30.04 14.53
N LYS D 38 16.97 30.55 15.76
CA LYS D 38 17.74 31.74 16.10
C LYS D 38 19.05 31.35 16.81
N LYS D 39 20.21 31.62 16.19
CA LYS D 39 21.55 31.24 16.75
C LYS D 39 22.16 32.37 17.59
N TYR D 40 22.51 32.09 18.86
CA TYR D 40 23.20 33.02 19.77
C TYR D 40 24.59 32.51 20.22
N GLU D 41 25.65 33.16 19.72
CA GLU D 41 27.03 32.72 19.93
C GLU D 41 27.70 33.64 20.97
N MET D 42 28.25 33.08 22.05
CA MET D 42 29.06 33.84 23.01
C MET D 42 30.51 33.31 23.28
N TYR D 43 31.49 34.22 23.23
CA TYR D 43 32.96 33.93 23.19
C TYR D 43 33.66 34.55 24.39
N TYR D 44 34.49 33.78 25.08
CA TYR D 44 35.30 34.33 26.18
C TYR D 44 36.75 33.89 26.10
N GLY D 45 37.61 34.71 26.71
CA GLY D 45 39.03 34.40 26.91
C GLY D 45 39.81 34.17 25.63
N LEU D 46 40.83 33.32 25.77
CA LEU D 46 41.86 33.11 24.76
C LEU D 46 41.88 31.67 24.20
N GLN D 47 41.86 31.64 22.88
CA GLN D 47 42.13 30.48 21.99
C GLN D 47 43.57 30.01 22.13
N SER D 48 44.49 30.96 22.19
CA SER D 48 45.94 30.69 22.41
C SER D 48 46.53 31.74 23.29
N VAL D 49 47.03 31.32 24.41
CA VAL D 49 47.63 32.26 25.34
C VAL D 49 48.85 32.83 24.68
N GLN D 50 49.74 31.96 24.19
CA GLN D 50 50.99 32.43 23.60
C GLN D 50 50.79 33.41 22.48
N ASP D 51 49.87 33.11 21.59
CA ASP D 51 49.71 33.98 20.44
C ASP D 51 48.73 35.18 20.70
N LYS D 52 48.26 35.36 21.92
CA LYS D 52 47.31 36.45 22.26
C LYS D 52 46.13 36.49 21.30
N LYS D 53 45.52 35.33 21.07
CA LYS D 53 44.32 35.29 20.26
C LYS D 53 43.14 34.99 21.13
N ALA D 54 42.14 35.87 20.99
CA ALA D 54 40.82 35.71 21.60
C ALA D 54 39.99 34.69 20.85
N VAL D 55 39.19 33.94 21.61
CA VAL D 55 38.22 33.01 21.10
C VAL D 55 37.19 33.75 20.29
N ASN D 56 36.85 33.26 19.13
CA ASN D 56 35.95 33.94 18.23
C ASN D 56 35.22 32.92 17.34
N SER D 57 34.40 33.41 16.42
CA SER D 57 33.60 32.54 15.57
C SER D 57 34.38 31.58 14.72
N ASN D 58 35.67 31.86 14.44
CA ASN D 58 36.50 30.95 13.65
C ASN D 58 37.29 29.96 14.49
N THR D 59 37.23 30.06 15.78
CA THR D 59 38.12 29.25 16.60
C THR D 59 37.72 27.78 16.45
N ILE D 60 38.71 26.93 16.19
CA ILE D 60 38.54 25.47 16.16
C ILE D 60 38.94 24.82 17.48
N PHE D 61 38.01 23.98 18.00
CA PHE D 61 38.16 23.27 19.29
C PHE D 61 38.15 21.75 19.03
N GLU D 62 38.88 20.97 19.81
CA GLU D 62 38.78 19.51 19.79
C GLU D 62 37.50 19.07 20.57
N LEU D 63 36.62 18.32 19.91
CA LEU D 63 35.35 17.82 20.48
C LEU D 63 35.50 16.59 21.32
N GLY D 64 36.65 15.93 21.26
CA GLY D 64 36.80 14.66 21.96
C GLY D 64 35.69 13.68 21.58
N SER D 65 35.07 13.09 22.59
CA SER D 65 34.03 12.05 22.40
C SER D 65 32.77 12.53 21.72
N VAL D 66 32.54 13.85 21.60
CA VAL D 66 31.46 14.31 20.76
C VAL D 66 31.72 13.92 19.30
N SER D 67 32.96 13.51 19.00
CA SER D 67 33.28 13.00 17.65
C SER D 67 32.47 11.76 17.31
N LYS D 68 32.08 11.02 18.33
CA LYS D 68 31.34 9.76 18.16
C LYS D 68 30.02 10.01 17.50
N LEU D 69 29.52 11.26 17.59
CA LEU D 69 28.24 11.56 17.03
C LEU D 69 28.35 11.71 15.51
N PHE D 70 29.51 12.16 15.02
CA PHE D 70 29.69 12.14 13.59
C PHE D 70 29.88 10.72 13.10
N THR D 71 30.56 9.88 13.86
CA THR D 71 30.79 8.51 13.43
C THR D 71 29.41 7.81 13.25
N ALA D 72 28.53 8.01 14.24
CA ALA D 72 27.16 7.50 14.25
C ALA D 72 26.41 7.97 13.03
N THR D 73 26.47 9.26 12.79
CA THR D 73 25.80 9.85 11.68
C THR D 73 26.37 9.26 10.41
N ALA D 74 27.67 9.01 10.34
CA ALA D 74 28.20 8.34 9.16
C ALA D 74 27.63 6.92 8.97
N GLY D 75 27.43 6.19 10.08
CA GLY D 75 26.80 4.86 10.04
C GLY D 75 25.36 4.95 9.55
N GLY D 76 24.60 5.89 10.10
CA GLY D 76 23.22 6.10 9.70
C GLY D 76 23.14 6.32 8.20
N TYR D 77 24.04 7.14 7.68
CA TYR D 77 24.09 7.43 6.27
C TYR D 77 24.43 6.16 5.46
N ALA D 78 25.49 5.45 5.79
CA ALA D 78 25.84 4.23 5.04
C ALA D 78 24.70 3.14 5.05
N LYS D 79 24.07 2.97 6.22
CA LYS D 79 22.97 2.03 6.39
C LYS D 79 21.81 2.40 5.47
N ASN D 80 21.39 3.66 5.51
CA ASN D 80 20.26 4.09 4.70
C ASN D 80 20.55 4.16 3.21
N LYS D 81 21.83 4.23 2.83
CA LYS D 81 22.23 4.15 1.43
C LYS D 81 22.42 2.69 1.06
N GLY D 82 22.27 1.77 2.02
CA GLY D 82 22.41 0.34 1.75
C GLY D 82 23.84 -0.19 1.72
N LYS D 83 24.79 0.62 2.17
CA LYS D 83 26.21 0.25 2.05
C LYS D 83 26.52 -0.81 3.09
N ILE D 84 25.83 -0.71 4.23
CA ILE D 84 25.93 -1.67 5.33
C ILE D 84 24.54 -1.99 5.81
N SER D 85 24.39 -3.15 6.45
CA SER D 85 23.30 -3.38 7.41
C SER D 85 23.92 -3.52 8.81
N PHE D 86 23.15 -3.13 9.82
CA PHE D 86 23.56 -3.18 11.21
C PHE D 86 23.67 -4.60 11.71
N ASP D 87 23.15 -5.52 10.91
CA ASP D 87 23.19 -6.91 11.26
C ASP D 87 24.42 -7.57 10.70
N ASP D 88 25.18 -6.86 9.87
CA ASP D 88 26.47 -7.39 9.33
C ASP D 88 27.47 -7.52 10.46
N THR D 89 28.47 -8.38 10.27
CA THR D 89 29.65 -8.42 11.16
C THR D 89 30.84 -7.73 10.43
N PRO D 90 31.91 -7.37 11.17
CA PRO D 90 32.99 -6.55 10.58
C PRO D 90 33.82 -7.25 9.52
N GLY D 91 34.01 -8.56 9.72
CA GLY D 91 34.61 -9.45 8.70
C GLY D 91 34.00 -9.35 7.32
N LYS D 92 32.76 -8.87 7.21
CA LYS D 92 32.12 -8.66 5.90
C LYS D 92 32.84 -7.57 5.07
N TYR D 93 33.50 -6.64 5.75
CA TYR D 93 34.07 -5.46 5.09
C TYR D 93 35.58 -5.38 5.23
N TRP D 94 36.10 -5.73 6.39
CA TRP D 94 37.51 -5.87 6.62
C TRP D 94 37.75 -7.37 6.51
N LYS D 95 38.13 -7.82 5.31
CA LYS D 95 38.25 -9.25 4.96
C LYS D 95 39.20 -10.00 5.91
N GLU D 96 40.22 -9.30 6.39
CA GLU D 96 41.31 -9.89 7.20
C GLU D 96 40.76 -10.36 8.53
N LEU D 97 39.54 -9.93 8.84
CA LEU D 97 38.82 -10.36 10.03
C LEU D 97 37.72 -11.40 9.71
N LYS D 98 37.53 -11.80 8.46
CA LYS D 98 36.43 -12.74 8.16
C LYS D 98 36.61 -13.99 9.01
N ASN D 99 35.51 -14.40 9.64
CA ASN D 99 35.46 -15.58 10.49
C ASN D 99 36.47 -15.63 11.61
N THR D 100 36.74 -14.47 12.18
CA THR D 100 37.50 -14.39 13.41
C THR D 100 36.48 -14.34 14.53
N PRO D 101 36.93 -14.51 15.76
CA PRO D 101 35.95 -14.40 16.84
C PRO D 101 35.18 -13.06 16.78
N ILE D 102 35.89 -11.96 16.53
CA ILE D 102 35.29 -10.64 16.56
C ILE D 102 34.25 -10.56 15.40
N ASP D 103 34.40 -11.40 14.38
CA ASP D 103 33.46 -11.44 13.26
C ASP D 103 32.11 -11.99 13.64
N GLN D 104 31.97 -12.45 14.88
CA GLN D 104 30.67 -12.86 15.43
C GLN D 104 29.91 -11.71 16.14
N VAL D 105 30.51 -10.52 16.23
CA VAL D 105 29.81 -9.34 16.79
C VAL D 105 29.19 -8.47 15.66
N ASN D 106 27.97 -7.95 15.82
CA ASN D 106 27.36 -7.14 14.71
C ASN D 106 27.73 -5.63 14.80
N LEU D 107 27.55 -4.90 13.71
CA LEU D 107 27.98 -3.48 13.67
C LEU D 107 27.25 -2.63 14.72
N LEU D 108 25.95 -2.86 14.92
CA LEU D 108 25.19 -2.13 15.95
C LEU D 108 25.81 -2.31 17.32
N GLN D 109 26.18 -3.54 17.61
CA GLN D 109 26.76 -3.88 18.89
C GLN D 109 28.12 -3.18 19.12
N LEU D 110 28.88 -3.01 18.04
CA LEU D 110 30.14 -2.26 18.13
C LEU D 110 29.82 -0.79 18.32
N ALA D 111 28.90 -0.28 17.51
CA ALA D 111 28.46 1.12 17.62
C ALA D 111 27.96 1.48 19.01
N THR D 112 27.34 0.51 19.69
CA THR D 112 26.68 0.81 20.98
C THR D 112 27.34 0.14 22.20
N TYR D 113 28.58 -0.29 22.04
CA TYR D 113 29.45 -0.71 23.14
C TYR D 113 29.10 -2.11 23.82
N THR D 114 28.44 -3.01 23.09
CA THR D 114 28.02 -4.33 23.66
C THR D 114 28.82 -5.60 23.28
N SER D 115 30.01 -5.44 22.72
CA SER D 115 30.81 -6.59 22.28
C SER D 115 31.05 -7.64 23.40
N GLY D 116 31.23 -7.14 24.63
CA GLY D 116 31.40 -7.92 25.84
C GLY D 116 32.82 -8.01 26.33
N ASN D 117 33.77 -7.47 25.55
CA ASN D 117 35.19 -7.45 25.90
C ASN D 117 35.97 -6.39 25.07
N LEU D 118 35.62 -5.12 25.26
CA LEU D 118 36.39 -4.00 24.69
C LEU D 118 36.32 -2.88 25.68
N ALA D 119 37.50 -2.52 26.17
CA ALA D 119 37.69 -1.51 27.17
C ALA D 119 37.53 -0.09 26.58
N LEU D 120 37.70 0.88 27.46
CA LEU D 120 37.59 2.27 27.03
C LEU D 120 38.70 2.68 26.06
N GLN D 121 39.97 2.37 26.35
CA GLN D 121 41.09 2.64 25.43
C GLN D 121 41.68 1.31 24.94
N PHE D 122 42.44 1.40 23.85
CA PHE D 122 43.28 0.32 23.36
C PHE D 122 44.41 0.09 24.36
N PRO D 123 44.94 -1.13 24.41
CA PRO D 123 46.19 -1.24 25.17
C PRO D 123 47.30 -0.28 24.66
N ASP D 124 48.18 0.13 25.56
CA ASP D 124 49.27 1.04 25.23
C ASP D 124 50.24 0.52 24.16
N GLU D 125 50.32 -0.81 24.03
CA GLU D 125 51.16 -1.47 23.02
C GLU D 125 50.64 -1.23 21.60
N VAL D 126 49.33 -1.03 21.47
CA VAL D 126 48.67 -0.86 20.17
C VAL D 126 48.73 0.58 19.61
N GLN D 127 49.49 0.79 18.52
CA GLN D 127 49.69 2.12 17.93
C GLN D 127 49.47 2.16 16.42
N THR D 128 50.18 1.30 15.69
CA THR D 128 50.14 1.28 14.21
C THR D 128 48.91 0.56 13.74
N ASP D 129 48.60 0.65 12.45
CA ASP D 129 47.41 0.02 11.86
C ASP D 129 47.48 -1.50 11.82
N GLN D 130 48.70 -2.01 11.73
CA GLN D 130 48.99 -3.46 11.86
C GLN D 130 48.74 -3.93 13.31
N GLN D 131 49.15 -3.14 14.28
CA GLN D 131 48.93 -3.50 15.66
C GLN D 131 47.43 -3.54 15.99
N VAL D 132 46.64 -2.72 15.28
CA VAL D 132 45.20 -2.64 15.47
C VAL D 132 44.53 -3.88 14.86
N LEU D 133 44.93 -4.23 13.64
CA LEU D 133 44.47 -5.48 13.05
C LEU D 133 44.90 -6.70 13.90
N THR D 134 46.12 -6.73 14.40
CA THR D 134 46.58 -7.84 15.24
C THR D 134 45.77 -7.91 16.50
N PHE D 135 45.51 -6.76 17.10
CA PHE D 135 44.65 -6.73 18.29
C PHE D 135 43.27 -7.32 18.05
N PHE D 136 42.59 -6.94 16.97
CA PHE D 136 41.28 -7.51 16.66
C PHE D 136 41.32 -8.98 16.17
N LYS D 137 42.44 -9.38 15.55
CA LYS D 137 42.61 -10.77 15.15
C LYS D 137 42.75 -11.71 16.36
N ASP D 138 43.50 -11.26 17.37
CA ASP D 138 43.70 -11.99 18.61
C ASP D 138 42.57 -11.74 19.63
N TRP D 139 41.42 -11.20 19.20
CA TRP D 139 40.34 -10.89 20.16
C TRP D 139 39.45 -12.12 20.36
N LYS D 140 39.15 -12.41 21.62
CA LYS D 140 38.25 -13.51 21.98
C LYS D 140 37.16 -12.96 22.93
N PRO D 141 35.92 -13.47 22.80
CA PRO D 141 34.82 -12.92 23.63
C PRO D 141 34.99 -13.15 25.11
N LYS D 142 34.19 -12.44 25.90
N LYS D 142 34.23 -12.41 25.92
CA LYS D 142 34.22 -12.56 27.35
CA LYS D 142 34.17 -12.67 27.36
C LYS D 142 32.77 -12.57 27.85
C LYS D 142 32.72 -12.60 27.82
N ASN D 143 32.12 -11.41 27.85
CA ASN D 143 30.71 -11.31 28.22
C ASN D 143 29.79 -11.58 27.07
N PRO D 144 28.64 -12.19 27.38
CA PRO D 144 27.67 -12.58 26.39
C PRO D 144 27.45 -11.46 25.43
N ILE D 145 27.68 -11.74 24.16
CA ILE D 145 27.65 -10.68 23.16
C ILE D 145 26.28 -10.04 23.06
N GLY D 146 26.24 -8.73 23.28
CA GLY D 146 25.03 -7.95 23.14
C GLY D 146 24.43 -7.54 24.47
N GLU D 147 24.92 -8.13 25.58
CA GLU D 147 24.21 -8.04 26.86
C GLU D 147 24.75 -6.96 27.77
N TYR D 148 26.05 -6.70 27.68
CA TYR D 148 26.70 -5.72 28.54
C TYR D 148 27.24 -4.51 27.75
N ARG D 149 26.93 -3.31 28.25
CA ARG D 149 27.47 -2.05 27.69
C ARG D 149 28.75 -1.66 28.43
N GLN D 150 29.88 -1.61 27.72
CA GLN D 150 31.04 -0.94 28.27
C GLN D 150 31.53 0.18 27.33
N TYR D 151 31.40 1.44 27.74
CA TYR D 151 31.78 2.58 26.89
C TYR D 151 33.18 2.33 26.34
N SER D 152 33.29 2.32 25.00
CA SER D 152 34.61 1.90 24.40
C SER D 152 35.01 2.60 23.12
N ASN D 153 36.14 3.28 23.14
CA ASN D 153 36.74 3.83 21.90
C ASN D 153 37.06 2.80 20.78
N PRO D 154 37.79 1.71 21.11
CA PRO D 154 38.03 0.69 20.07
C PRO D 154 36.77 0.10 19.52
N SER D 155 35.72 0.02 20.34
CA SER D 155 34.49 -0.57 19.86
C SER D 155 33.94 0.32 18.75
N ILE D 156 33.76 1.60 19.02
CA ILE D 156 33.14 2.46 18.00
C ILE D 156 34.16 2.84 16.91
N GLY D 157 35.44 2.84 17.26
CA GLY D 157 36.56 2.94 16.29
C GLY D 157 36.44 1.91 15.18
N LEU D 158 36.32 0.65 15.59
CA LEU D 158 36.08 -0.46 14.63
C LEU D 158 34.82 -0.25 13.83
N PHE D 159 33.77 0.23 14.47
CA PHE D 159 32.56 0.50 13.73
C PHE D 159 32.87 1.55 12.68
N GLY D 160 33.61 2.58 13.10
CA GLY D 160 33.96 3.65 12.17
C GLY D 160 34.70 3.20 10.93
N LYS D 161 35.78 2.47 11.14
CA LYS D 161 36.57 1.88 10.05
C LYS D 161 35.74 1.06 9.04
N VAL D 162 34.75 0.31 9.55
CA VAL D 162 33.87 -0.51 8.66
C VAL D 162 33.01 0.36 7.76
N VAL D 163 32.44 1.39 8.36
CA VAL D 163 31.61 2.33 7.63
C VAL D 163 32.42 2.92 6.47
N ALA D 164 33.66 3.30 6.78
CA ALA D 164 34.62 3.75 5.77
C ALA D 164 34.73 2.76 4.63
N LEU D 165 35.10 1.54 5.01
CA LEU D 165 35.30 0.45 4.08
C LEU D 165 34.12 0.27 3.19
N SER D 166 32.94 0.37 3.76
CA SER D 166 31.70 0.12 3.06
C SER D 166 31.46 1.23 2.05
N MET D 167 31.87 2.44 2.40
CA MET D 167 31.75 3.54 1.47
C MET D 167 33.02 3.66 0.62
N ASN D 168 33.98 2.77 0.87
CA ASN D 168 35.18 2.65 0.08
C ASN D 168 35.99 3.97 -0.01
N LYS D 169 36.16 4.64 1.14
CA LYS D 169 37.10 5.77 1.23
C LYS D 169 37.60 5.81 2.67
N PRO D 170 38.78 6.43 2.89
CA PRO D 170 39.17 6.49 4.28
C PRO D 170 38.18 7.25 5.14
N PHE D 171 38.22 6.92 6.41
CA PHE D 171 37.31 7.54 7.37
C PHE D 171 37.33 9.07 7.36
N ASP D 172 38.53 9.63 7.28
CA ASP D 172 38.68 11.09 7.26
C ASP D 172 37.97 11.68 6.05
N GLN D 173 38.05 10.97 4.91
CA GLN D 173 37.40 11.39 3.68
C GLN D 173 35.88 11.24 3.78
N VAL D 174 35.41 10.15 4.39
CA VAL D 174 33.95 10.01 4.66
C VAL D 174 33.33 11.26 5.33
N LEU D 175 33.97 11.75 6.39
CA LEU D 175 33.49 12.90 7.13
C LEU D 175 33.80 14.18 6.38
N GLU D 176 35.05 14.34 5.95
CA GLU D 176 35.47 15.58 5.27
C GLU D 176 34.90 15.76 3.84
N LYS D 177 34.66 14.66 3.12
CA LYS D 177 34.16 14.76 1.74
C LYS D 177 32.68 14.50 1.63
N THR D 178 32.13 13.68 2.53
CA THR D 178 30.70 13.31 2.47
C THR D 178 29.89 13.88 3.62
N ILE D 179 30.26 13.59 4.86
CA ILE D 179 29.32 13.89 5.96
C ILE D 179 29.27 15.35 6.36
N PHE D 180 30.43 16.00 6.50
CA PHE D 180 30.38 17.44 6.83
C PHE D 180 29.70 18.27 5.75
N PRO D 181 30.11 18.08 4.47
CA PRO D 181 29.46 18.91 3.44
C PRO D 181 27.95 18.66 3.37
N ALA D 182 27.52 17.40 3.51
CA ALA D 182 26.08 17.09 3.55
C ALA D 182 25.38 17.85 4.69
N LEU D 183 26.01 17.92 5.85
CA LEU D 183 25.44 18.67 6.99
C LEU D 183 25.62 20.17 6.87
N GLY D 184 26.22 20.64 5.77
CA GLY D 184 26.52 22.07 5.56
C GLY D 184 27.68 22.66 6.40
N LEU D 185 28.59 21.80 6.87
CA LEU D 185 29.61 22.21 7.86
C LEU D 185 30.89 22.53 7.13
N LYS D 186 31.31 23.80 7.24
CA LYS D 186 32.39 24.39 6.44
C LYS D 186 33.77 24.45 7.17
N HIS D 187 33.71 24.35 8.50
CA HIS D 187 34.88 24.50 9.33
C HIS D 187 35.03 23.37 10.34
N SER D 188 34.79 22.14 9.86
CA SER D 188 34.88 20.92 10.65
C SER D 188 35.87 19.98 10.02
N TYR D 189 36.70 19.36 10.85
CA TYR D 189 37.80 18.58 10.33
C TYR D 189 38.15 17.36 11.14
N VAL D 190 38.57 16.35 10.43
CA VAL D 190 39.40 15.32 11.07
C VAL D 190 40.83 15.74 11.13
N ASN D 191 41.33 16.29 10.04
CA ASN D 191 42.69 16.81 10.01
C ASN D 191 42.62 18.29 9.64
N VAL D 192 43.09 19.15 10.55
CA VAL D 192 42.98 20.60 10.35
C VAL D 192 43.99 21.02 9.27
N PRO D 193 43.54 21.75 8.26
CA PRO D 193 44.49 22.04 7.16
C PRO D 193 45.38 23.25 7.45
N LYS D 194 46.53 23.37 6.77
CA LYS D 194 47.55 24.42 7.06
C LYS D 194 46.90 25.80 7.09
N THR D 195 45.96 26.04 6.18
CA THR D 195 45.28 27.31 6.09
C THR D 195 44.36 27.61 7.25
N GLN D 196 44.18 26.64 8.14
CA GLN D 196 43.32 26.84 9.30
C GLN D 196 44.04 26.65 10.62
N MET D 197 45.32 26.34 10.57
CA MET D 197 46.09 26.19 11.79
C MET D 197 46.03 27.44 12.65
N GLN D 198 45.89 28.58 12.02
CA GLN D 198 45.86 29.86 12.76
C GLN D 198 44.60 30.02 13.59
N ASN D 199 43.57 29.29 13.23
CA ASN D 199 42.29 29.27 13.99
C ASN D 199 42.19 28.11 14.99
N TYR D 200 43.20 27.29 15.01
CA TYR D 200 43.14 26.05 15.81
C TYR D 200 43.65 26.32 17.23
N ALA D 201 42.72 26.23 18.18
CA ALA D 201 43.01 26.58 19.54
C ALA D 201 44.03 25.65 20.11
N PHE D 202 44.79 26.08 21.13
CA PHE D 202 45.52 25.13 21.99
C PHE D 202 44.67 24.68 23.11
N GLY D 203 44.79 23.42 23.48
CA GLY D 203 44.31 22.94 24.79
C GLY D 203 45.33 23.29 25.88
N TYR D 204 44.91 23.22 27.14
CA TYR D 204 45.77 23.55 28.29
C TYR D 204 45.61 22.45 29.30
N ASN D 205 46.72 21.85 29.78
CA ASN D 205 46.64 20.86 30.83
C ASN D 205 46.42 21.49 32.22
N GLN D 206 46.34 20.63 33.21
CA GLN D 206 46.20 21.04 34.60
C GLN D 206 47.25 22.08 35.07
N GLU D 207 48.44 22.16 34.44
CA GLU D 207 49.50 23.15 34.80
C GLU D 207 49.60 24.31 33.85
N ASN D 208 48.55 24.44 33.09
CA ASN D 208 48.36 25.44 32.06
C ASN D 208 49.48 25.48 31.00
N GLN D 209 49.94 24.30 30.62
CA GLN D 209 50.88 24.14 29.50
C GLN D 209 50.07 23.78 28.30
N PRO D 210 50.46 24.28 27.14
CA PRO D 210 49.67 23.93 25.95
C PRO D 210 49.79 22.50 25.51
N ILE D 211 48.70 21.96 24.98
CA ILE D 211 48.69 20.61 24.48
C ILE D 211 47.63 20.46 23.33
N ARG D 212 47.89 19.57 22.39
CA ARG D 212 46.94 19.19 21.35
C ARG D 212 46.82 17.65 21.33
N VAL D 213 45.73 17.17 20.77
CA VAL D 213 45.49 15.75 20.80
C VAL D 213 46.58 15.02 20.03
N ASN D 214 47.06 13.89 20.55
CA ASN D 214 48.03 13.06 19.82
C ASN D 214 47.34 12.05 18.91
N PRO D 215 48.02 11.63 17.80
CA PRO D 215 47.48 10.58 16.95
C PRO D 215 47.34 9.34 17.77
N GLY D 216 46.34 8.51 17.48
CA GLY D 216 46.13 7.31 18.27
C GLY D 216 45.42 6.31 17.42
N PRO D 217 45.35 5.04 17.90
CA PRO D 217 44.82 3.99 17.08
C PRO D 217 43.34 4.21 16.96
N LEU D 218 42.84 4.20 15.72
CA LEU D 218 41.46 4.56 15.37
C LEU D 218 40.96 5.77 16.16
N ASP D 219 41.76 6.86 16.18
CA ASP D 219 41.43 8.09 16.88
C ASP D 219 40.24 8.84 16.31
N ALA D 220 40.22 9.02 15.00
CA ALA D 220 39.24 9.88 14.35
C ALA D 220 37.80 9.52 14.69
N PRO D 221 37.44 8.24 14.54
CA PRO D 221 36.01 7.91 14.76
C PRO D 221 35.65 7.92 16.23
N ALA D 222 36.66 7.88 17.11
CA ALA D 222 36.41 7.89 18.56
C ALA D 222 36.50 9.25 19.22
N TYR D 223 37.44 10.09 18.84
CA TYR D 223 37.56 11.37 19.54
C TYR D 223 38.36 12.40 18.75
N GLY D 224 38.41 12.24 17.45
CA GLY D 224 39.36 12.95 16.61
C GLY D 224 38.85 14.13 15.80
N VAL D 225 37.57 14.49 15.91
CA VAL D 225 37.09 15.62 15.14
C VAL D 225 37.29 16.98 15.83
N LYS D 226 37.58 18.01 15.03
CA LYS D 226 37.67 19.40 15.52
C LYS D 226 36.63 20.29 14.78
N SER D 227 36.05 21.30 15.47
CA SER D 227 34.97 22.15 14.90
C SER D 227 34.87 23.54 15.55
N THR D 228 34.10 24.42 14.91
CA THR D 228 33.84 25.75 15.45
C THR D 228 32.50 25.77 16.13
N LEU D 229 32.27 26.78 16.95
CA LEU D 229 30.95 26.99 17.51
C LEU D 229 29.86 27.16 16.44
N PRO D 230 30.07 28.02 15.42
CA PRO D 230 28.97 28.01 14.44
C PRO D 230 28.71 26.66 13.76
N ASP D 231 29.73 25.90 13.37
CA ASP D 231 29.49 24.60 12.75
C ASP D 231 28.77 23.69 13.71
N MET D 232 29.01 23.82 15.02
CA MET D 232 28.39 22.92 15.99
C MET D 232 26.91 23.25 16.16
N LEU D 233 26.60 24.53 16.02
CA LEU D 233 25.19 24.96 16.04
C LEU D 233 24.46 24.52 14.80
N SER D 234 25.12 24.55 13.65
CA SER D 234 24.53 24.04 12.45
C SER D 234 24.23 22.53 12.69
N PHE D 235 25.07 21.85 13.47
CA PHE D 235 24.88 20.43 13.74
C PHE D 235 23.70 20.22 14.60
N ILE D 236 23.57 20.99 15.66
CA ILE D 236 22.42 20.85 16.50
C ILE D 236 21.15 21.15 15.65
N HIS D 237 21.14 22.28 14.92
CA HIS D 237 20.00 22.61 14.02
C HIS D 237 19.63 21.42 13.12
N ALA D 238 20.62 20.80 12.48
CA ALA D 238 20.35 19.61 11.70
C ALA D 238 19.59 18.56 12.48
N ASN D 239 20.02 18.30 13.71
CA ASN D 239 19.38 17.28 14.58
C ASN D 239 17.99 17.67 15.00
N LEU D 240 17.79 18.96 15.20
CA LEU D 240 16.51 19.50 15.58
C LEU D 240 15.46 19.52 14.45
N ASN D 241 15.91 19.75 13.21
CA ASN D 241 15.07 19.89 12.02
C ASN D 241 15.61 19.03 10.87
N PRO D 242 15.60 17.69 11.04
CA PRO D 242 16.12 16.78 10.02
C PRO D 242 15.37 16.82 8.69
N GLN D 243 14.07 17.08 8.75
CA GLN D 243 13.25 17.17 7.55
C GLN D 243 13.74 18.29 6.65
N LYS D 244 14.48 19.24 7.20
CA LYS D 244 14.92 20.36 6.40
C LYS D 244 16.11 20.03 5.51
N TYR D 245 16.63 18.81 5.58
CA TYR D 245 17.87 18.48 4.86
C TYR D 245 17.54 17.51 3.76
N PRO D 246 18.48 17.33 2.82
CA PRO D 246 18.32 16.31 1.78
C PRO D 246 18.15 14.91 2.37
N THR D 247 17.73 13.96 1.55
CA THR D 247 17.28 12.64 2.02
C THR D 247 18.36 11.76 2.73
N ASP D 248 19.50 11.51 2.08
CA ASP D 248 20.51 10.61 2.68
C ASP D 248 21.01 11.09 4.06
N ILE D 249 21.26 12.41 4.22
CA ILE D 249 21.60 13.00 5.54
C ILE D 249 20.37 13.12 6.49
N GLN D 250 19.16 13.41 5.97
CA GLN D 250 17.91 13.39 6.82
C GLN D 250 17.71 12.02 7.49
N ARG D 251 17.78 10.97 6.69
CA ARG D 251 17.69 9.60 7.21
C ARG D 251 18.75 9.33 8.26
N ALA D 252 20.00 9.50 7.84
CA ALA D 252 21.17 9.26 8.73
C ALA D 252 20.99 9.91 10.08
N ILE D 253 20.59 11.17 10.08
CA ILE D 253 20.40 11.90 11.32
C ILE D 253 19.33 11.23 12.16
N ASN D 254 18.18 10.92 11.55
CA ASN D 254 17.13 10.24 12.32
C ASN D 254 17.57 8.86 12.82
N GLU D 255 18.32 8.13 12.00
CA GLU D 255 18.90 6.88 12.47
C GLU D 255 19.69 7.02 13.78
N THR D 256 20.35 8.16 14.01
CA THR D 256 21.09 8.41 15.28
C THR D 256 20.14 8.70 16.48
N HIS D 257 18.88 8.98 16.19
CA HIS D 257 17.87 9.36 17.22
C HIS D 257 17.09 8.20 17.90
N GLN D 258 17.12 7.02 17.27
CA GLN D 258 16.38 5.85 17.75
C GLN D 258 17.12 5.24 18.92
N GLY D 259 16.46 5.14 20.08
CA GLY D 259 16.95 4.29 21.18
C GLY D 259 17.16 2.85 20.72
N ARG D 260 18.24 2.23 21.19
CA ARG D 260 18.61 0.87 20.83
C ARG D 260 18.47 -0.09 22.01
N TYR D 261 18.60 0.45 23.22
CA TYR D 261 18.47 -0.34 24.44
C TYR D 261 18.49 0.63 25.60
N GLN D 262 18.34 0.14 26.82
CA GLN D 262 18.23 0.98 27.98
C GLN D 262 19.12 0.52 29.09
N VAL D 263 19.66 1.48 29.84
CA VAL D 263 20.44 1.18 31.03
C VAL D 263 19.89 2.16 32.06
N ASN D 264 18.85 1.71 32.76
CA ASN D 264 18.25 2.49 33.83
C ASN D 264 17.51 3.72 33.24
N THR D 265 17.95 4.94 33.58
CA THR D 265 17.30 6.15 33.07
C THR D 265 17.85 6.59 31.69
N MET D 266 18.73 5.78 31.11
CA MET D 266 19.47 6.16 29.93
C MET D 266 19.16 5.30 28.72
N TYR D 267 18.77 5.93 27.62
CA TYR D 267 18.57 5.18 26.38
C TYR D 267 19.79 5.37 25.46
N GLN D 268 20.48 4.29 25.14
CA GLN D 268 21.61 4.37 24.25
C GLN D 268 21.15 4.42 22.83
N ALA D 269 21.22 5.61 22.21
CA ALA D 269 21.05 5.71 20.77
C ALA D 269 22.40 5.56 20.11
N LEU D 270 22.41 5.64 18.79
CA LEU D 270 23.62 5.55 17.99
C LEU D 270 24.42 6.86 18.23
N GLY D 271 25.43 6.79 19.10
CA GLY D 271 26.19 7.97 19.51
C GLY D 271 25.56 8.80 20.60
N TRP D 272 24.42 9.42 20.32
CA TRP D 272 23.71 10.24 21.31
C TRP D 272 23.25 9.36 22.50
N GLU D 273 23.29 9.89 23.71
CA GLU D 273 22.53 9.31 24.84
C GLU D 273 21.16 9.98 24.81
N GLU D 274 20.13 9.22 25.14
CA GLU D 274 18.72 9.64 25.00
C GLU D 274 18.04 9.48 26.33
N PHE D 275 17.23 10.46 26.68
CA PHE D 275 16.47 10.47 27.93
C PHE D 275 15.02 10.90 27.65
N SER D 276 14.15 10.60 28.61
CA SER D 276 12.74 11.02 28.57
C SER D 276 12.64 12.51 28.95
N TYR D 277 12.01 13.31 28.10
CA TYR D 277 11.84 14.73 28.39
C TYR D 277 10.42 14.93 28.95
N PRO D 278 10.27 15.65 30.09
CA PRO D 278 11.33 16.40 30.76
C PRO D 278 12.23 15.49 31.59
N ALA D 279 13.53 15.78 31.55
CA ALA D 279 14.53 15.03 32.32
C ALA D 279 14.96 15.89 33.47
N THR D 280 15.14 15.30 34.63
CA THR D 280 15.66 16.04 35.75
C THR D 280 17.16 16.24 35.57
N LEU D 281 17.72 17.19 36.31
CA LEU D 281 19.17 17.37 36.37
C LEU D 281 19.82 16.09 36.82
N GLN D 282 19.33 15.52 37.91
CA GLN D 282 19.93 14.31 38.44
C GLN D 282 20.02 13.18 37.42
N THR D 283 18.97 12.98 36.63
CA THR D 283 19.00 11.93 35.59
C THR D 283 20.13 12.20 34.54
N LEU D 284 20.36 13.47 34.24
CA LEU D 284 21.38 13.85 33.28
C LEU D 284 22.78 13.65 33.87
N LEU D 285 22.96 14.05 35.14
CA LEU D 285 24.21 13.79 35.83
C LEU D 285 24.61 12.31 35.91
N ASP D 286 23.66 11.39 36.19
CA ASP D 286 24.03 9.96 36.34
C ASP D 286 24.47 9.23 35.06
N SER D 287 24.10 9.75 33.89
CA SER D 287 24.61 9.22 32.62
C SER D 287 26.12 9.32 32.60
N ASN D 288 26.66 10.25 33.36
CA ASN D 288 28.09 10.48 33.35
C ASN D 288 28.78 10.02 34.66
N SER D 289 28.12 9.09 35.37
CA SER D 289 28.72 8.53 36.57
C SER D 289 29.80 7.50 36.19
N GLU D 290 30.75 7.28 37.10
N GLU D 290 30.76 7.28 37.10
CA GLU D 290 31.82 6.28 36.96
CA GLU D 290 31.81 6.28 36.96
C GLU D 290 31.26 4.90 36.62
C GLU D 290 31.25 4.90 36.62
N GLN D 291 30.21 4.50 37.32
CA GLN D 291 29.55 3.21 37.04
C GLN D 291 29.16 3.05 35.58
N ILE D 292 28.58 4.10 35.00
CA ILE D 292 28.06 4.03 33.63
C ILE D 292 29.18 4.21 32.58
N VAL D 293 30.12 5.09 32.90
CA VAL D 293 31.21 5.45 31.99
C VAL D 293 32.34 4.42 31.95
N MET D 294 32.71 3.90 33.10
CA MET D 294 33.91 3.08 33.26
C MET D 294 33.62 1.60 33.42
N LYS D 295 32.49 1.24 34.03
CA LYS D 295 32.26 -0.17 34.34
C LYS D 295 31.26 -0.79 33.36
N PRO D 296 31.18 -2.13 33.31
CA PRO D 296 30.23 -2.77 32.42
C PRO D 296 28.83 -2.72 33.08
N ASN D 297 27.75 -2.79 32.30
CA ASN D 297 26.37 -2.68 32.79
C ASN D 297 25.47 -3.51 31.87
N LYS D 298 24.66 -4.43 32.45
CA LYS D 298 23.77 -5.30 31.64
C LYS D 298 22.73 -4.44 30.95
N VAL D 299 22.27 -4.88 29.81
CA VAL D 299 21.37 -4.08 28.99
C VAL D 299 19.91 -4.56 29.10
N THR D 300 18.95 -3.63 29.01
CA THR D 300 17.53 -3.93 28.93
C THR D 300 17.01 -3.49 27.56
N ALA D 301 16.36 -4.37 26.81
CA ALA D 301 15.62 -3.90 25.63
C ALA D 301 14.44 -3.05 26.12
N ILE D 302 13.76 -2.37 25.20
CA ILE D 302 12.98 -1.17 25.59
C ILE D 302 11.49 -1.40 25.94
N GLU D 305 9.69 2.91 25.00
CA GLU D 305 10.41 4.07 24.47
C GLU D 305 9.63 5.37 24.74
N PRO D 306 10.30 6.41 25.29
CA PRO D 306 9.52 7.58 25.66
C PRO D 306 8.89 8.32 24.47
N SER D 307 7.73 8.93 24.74
CA SER D 307 6.98 9.69 23.74
C SER D 307 7.74 10.96 23.35
N VAL D 308 8.19 11.71 24.36
CA VAL D 308 8.94 12.93 24.19
C VAL D 308 10.39 12.60 24.64
N LYS D 309 11.35 12.93 23.78
CA LYS D 309 12.77 12.63 24.01
C LYS D 309 13.65 13.92 24.02
N MET D 310 14.79 13.87 24.74
CA MET D 310 15.88 14.85 24.58
C MET D 310 17.17 14.06 24.56
N TYR D 311 18.24 14.67 24.05
CA TYR D 311 19.49 13.95 23.86
C TYR D 311 20.74 14.78 24.28
N HIS D 312 21.83 14.12 24.72
CA HIS D 312 23.12 14.84 24.89
C HIS D 312 24.39 13.98 24.65
N LYS D 313 25.54 14.66 24.81
CA LYS D 313 26.86 14.01 24.78
C LYS D 313 27.95 14.93 25.39
N THR D 314 28.74 14.34 26.29
CA THR D 314 29.99 14.98 26.79
C THR D 314 31.18 14.44 25.97
N GLY D 315 32.21 15.26 25.92
CA GLY D 315 33.39 14.97 25.13
C GLY D 315 34.58 15.63 25.77
N SER D 316 35.71 14.93 25.79
CA SER D 316 36.92 15.48 26.33
C SER D 316 38.11 14.99 25.53
N THR D 317 39.12 15.83 25.45
CA THR D 317 40.48 15.38 25.10
C THR D 317 41.28 15.85 26.30
N SER D 318 42.60 15.67 26.26
N SER D 318 42.60 15.64 26.28
CA SER D 318 43.48 16.05 27.38
CA SER D 318 43.42 16.06 27.41
C SER D 318 43.54 17.56 27.61
C SER D 318 43.30 17.54 27.67
N GLY D 319 43.16 18.33 26.61
CA GLY D 319 43.24 19.77 26.71
C GLY D 319 41.92 20.47 26.52
N PHE D 320 40.83 19.71 26.26
CA PHE D 320 39.55 20.31 25.80
C PHE D 320 38.31 19.65 26.41
N GLY D 321 37.32 20.49 26.69
CA GLY D 321 36.03 19.96 27.15
C GLY D 321 34.94 20.40 26.23
N THR D 322 33.91 19.56 26.07
CA THR D 322 32.82 19.74 25.12
C THR D 322 31.53 19.20 25.78
N TYR D 323 30.41 19.92 25.57
CA TYR D 323 29.07 19.37 25.88
C TYR D 323 28.06 19.82 24.81
N VAL D 324 27.31 18.87 24.24
CA VAL D 324 26.18 19.18 23.30
C VAL D 324 24.85 18.58 23.82
N VAL D 325 23.77 19.33 23.68
CA VAL D 325 22.43 18.92 24.19
C VAL D 325 21.36 19.52 23.28
N PHE D 326 20.28 18.78 23.04
CA PHE D 326 19.06 19.34 22.38
C PHE D 326 17.75 18.69 22.79
N ILE D 327 16.67 19.46 22.60
CA ILE D 327 15.31 19.11 23.05
C ILE D 327 14.36 19.39 21.89
N PRO D 328 14.00 18.35 21.13
CA PRO D 328 13.15 18.57 19.95
C PRO D 328 11.81 19.24 20.29
N LYS D 329 11.21 18.87 21.43
CA LYS D 329 9.92 19.47 21.79
C LYS D 329 10.09 20.99 21.82
N GLU D 330 11.18 21.48 22.42
CA GLU D 330 11.37 22.95 22.63
C GLU D 330 12.03 23.68 21.46
N ASN D 331 12.36 22.93 20.42
CA ASN D 331 13.09 23.46 19.31
C ASN D 331 14.30 24.27 19.82
N ILE D 332 14.97 23.75 20.85
CA ILE D 332 16.13 24.42 21.46
C ILE D 332 17.36 23.48 21.56
N GLY D 333 18.56 24.05 21.59
CA GLY D 333 19.79 23.28 21.81
C GLY D 333 20.97 24.10 22.28
N LEU D 334 22.01 23.41 22.78
CA LEU D 334 23.18 24.15 23.31
C LEU D 334 24.53 23.45 23.12
N VAL D 335 25.55 24.24 22.72
CA VAL D 335 26.94 23.79 22.64
C VAL D 335 27.86 24.54 23.60
N MET D 336 28.69 23.82 24.36
CA MET D 336 29.76 24.42 25.18
C MET D 336 31.15 23.87 24.74
N LEU D 337 32.11 24.77 24.47
CA LEU D 337 33.49 24.38 24.06
C LEU D 337 34.51 25.11 24.93
N THR D 338 35.44 24.37 25.49
CA THR D 338 36.48 24.97 26.33
C THR D 338 37.81 24.37 25.97
N ASN D 339 38.88 25.14 26.14
CA ASN D 339 40.24 24.65 25.83
C ASN D 339 41.03 24.38 27.12
N LYS D 340 40.27 23.89 28.08
CA LYS D 340 40.77 23.21 29.24
C LYS D 340 39.62 22.28 29.69
N ARG D 341 39.93 21.05 30.14
N ARG D 341 39.92 21.06 30.15
CA ARG D 341 38.90 20.14 30.64
CA ARG D 341 38.86 20.16 30.63
C ARG D 341 38.24 20.76 31.89
C ARG D 341 38.23 20.78 31.88
N ILE D 342 36.94 20.55 32.09
CA ILE D 342 36.29 20.84 33.38
C ILE D 342 35.35 19.67 33.71
N PRO D 343 34.95 19.56 34.99
CA PRO D 343 34.13 18.40 35.31
C PRO D 343 32.86 18.36 34.49
N ASN D 344 32.49 17.15 34.09
CA ASN D 344 31.28 16.94 33.33
C ASN D 344 30.01 17.42 34.06
N GLU D 345 30.02 17.32 35.38
CA GLU D 345 28.91 17.77 36.21
C GLU D 345 28.67 19.28 35.99
N GLU D 346 29.76 20.06 35.98
CA GLU D 346 29.69 21.51 35.79
C GLU D 346 29.13 21.89 34.45
N ARG D 347 29.47 21.11 33.41
CA ARG D 347 29.09 21.44 32.05
C ARG D 347 27.57 21.21 31.93
N ILE D 348 27.13 20.03 32.36
CA ILE D 348 25.73 19.60 32.32
C ILE D 348 24.75 20.53 33.13
N LYS D 349 25.14 20.88 34.35
CA LYS D 349 24.38 21.76 35.24
C LYS D 349 24.15 23.12 34.56
N ALA D 350 25.24 23.75 34.15
CA ALA D 350 25.20 25.07 33.56
C ALA D 350 24.25 25.10 32.39
N ALA D 351 24.35 24.07 31.54
CA ALA D 351 23.49 23.99 30.38
C ALA D 351 21.99 23.81 30.78
N TYR D 352 21.78 23.07 31.85
CA TYR D 352 20.47 22.70 32.34
C TYR D 352 19.74 23.94 32.83
N VAL D 353 20.42 24.71 33.65
CA VAL D 353 19.87 25.94 34.15
C VAL D 353 19.51 26.85 32.98
N VAL D 354 20.53 27.20 32.19
CA VAL D 354 20.35 28.09 31.05
C VAL D 354 19.17 27.68 30.16
N LEU D 355 19.10 26.41 29.82
CA LEU D 355 18.07 25.97 28.89
C LEU D 355 16.70 26.08 29.58
N ASN D 356 16.60 25.66 30.85
CA ASN D 356 15.30 25.66 31.55
C ASN D 356 14.76 27.08 31.79
N ALA D 357 15.62 28.06 32.08
CA ALA D 357 15.22 29.49 32.02
C ALA D 357 15.06 29.94 30.57
#